data_6BKL
# 
_entry.id   6BKL 
# 
_audit_conform.dict_name       mmcif_pdbx.dic 
_audit_conform.dict_version    5.397 
_audit_conform.dict_location   http://mmcif.pdb.org/dictionaries/ascii/mmcif_pdbx.dic 
# 
loop_
_database_2.database_id 
_database_2.database_code 
_database_2.pdbx_database_accession 
_database_2.pdbx_DOI 
PDB   6BKL         pdb_00006bkl 10.2210/pdb6bkl/pdb 
WWPDB D_1000231032 ?            ?                   
# 
loop_
_pdbx_audit_revision_history.ordinal 
_pdbx_audit_revision_history.data_content_type 
_pdbx_audit_revision_history.major_revision 
_pdbx_audit_revision_history.minor_revision 
_pdbx_audit_revision_history.revision_date 
1 'Structure model' 1 0 2018-09-19 
2 'Structure model' 1 1 2018-11-28 
3 'Structure model' 1 2 2020-01-01 
4 'Structure model' 1 3 2023-10-04 
5 'Structure model' 1 4 2024-10-23 
# 
_pdbx_audit_revision_details.ordinal             1 
_pdbx_audit_revision_details.revision_ordinal    1 
_pdbx_audit_revision_details.data_content_type   'Structure model' 
_pdbx_audit_revision_details.provider            repository 
_pdbx_audit_revision_details.type                'Initial release' 
_pdbx_audit_revision_details.description         ? 
_pdbx_audit_revision_details.details             ? 
# 
loop_
_pdbx_audit_revision_group.ordinal 
_pdbx_audit_revision_group.revision_ordinal 
_pdbx_audit_revision_group.data_content_type 
_pdbx_audit_revision_group.group 
1 2 'Structure model' 'Data collection'            
2 2 'Structure model' 'Database references'        
3 3 'Structure model' 'Author supporting evidence' 
4 4 'Structure model' 'Data collection'            
5 4 'Structure model' 'Database references'        
6 4 'Structure model' 'Refinement description'     
7 5 'Structure model' 'Structure summary'          
# 
loop_
_pdbx_audit_revision_category.ordinal 
_pdbx_audit_revision_category.revision_ordinal 
_pdbx_audit_revision_category.data_content_type 
_pdbx_audit_revision_category.category 
1 2 'Structure model' citation                      
2 3 'Structure model' pdbx_audit_support            
3 4 'Structure model' chem_comp_atom                
4 4 'Structure model' chem_comp_bond                
5 4 'Structure model' database_2                    
6 4 'Structure model' pdbx_initial_refinement_model 
7 5 'Structure model' pdbx_entry_details            
# 
loop_
_pdbx_audit_revision_item.ordinal 
_pdbx_audit_revision_item.revision_ordinal 
_pdbx_audit_revision_item.data_content_type 
_pdbx_audit_revision_item.item 
1 2 'Structure model' '_citation.journal_volume'                 
2 2 'Structure model' '_citation.page_first'                     
3 2 'Structure model' '_citation.page_last'                      
4 2 'Structure model' '_citation.title'                          
5 3 'Structure model' '_pdbx_audit_support.funding_organization' 
6 4 'Structure model' '_database_2.pdbx_DOI'                     
7 4 'Structure model' '_database_2.pdbx_database_accession'      
# 
_pdbx_database_status.status_code                     REL 
_pdbx_database_status.status_code_sf                  REL 
_pdbx_database_status.status_code_mr                  ? 
_pdbx_database_status.entry_id                        6BKL 
_pdbx_database_status.recvd_initial_deposition_date   2017-11-08 
_pdbx_database_status.SG_entry                        N 
_pdbx_database_status.deposit_site                    RCSB 
_pdbx_database_status.process_site                    RCSB 
_pdbx_database_status.status_code_cs                  ? 
_pdbx_database_status.methods_development_category    ? 
_pdbx_database_status.pdb_format_compatible           Y 
_pdbx_database_status.status_code_nmr_data            ? 
# 
loop_
_audit_author.name 
_audit_author.pdbx_ordinal 
_audit_author.identifier_ORCID 
'Thomaston, J.L.' 1 0000-0003-0427-6277 
'DeGrado, W.F.'   2 ?                   
# 
_citation.abstract                  ? 
_citation.abstract_id_CAS           ? 
_citation.book_id_ISBN              ? 
_citation.book_publisher            ? 
_citation.book_publisher_city       ? 
_citation.book_title                ? 
_citation.coordinate_linkage        ? 
_citation.country                   US 
_citation.database_id_Medline       ? 
_citation.details                   ? 
_citation.id                        primary 
_citation.journal_abbrev            'J. Am. Chem. Soc.' 
_citation.journal_id_ASTM           JACSAT 
_citation.journal_id_CSD            ? 
_citation.journal_id_ISSN           1520-5126 
_citation.journal_full              ? 
_citation.journal_issue             ? 
_citation.journal_volume            140 
_citation.language                  ? 
_citation.page_first                15219 
_citation.page_last                 15226 
_citation.title                     
'Inhibitors of the M2 Proton Channel Engage and Disrupt Transmembrane Networks of Hydrogen-Bonded Waters.' 
_citation.year                      2018 
_citation.database_id_CSD           ? 
_citation.pdbx_database_id_DOI      10.1021/jacs.8b06741 
_citation.pdbx_database_id_PubMed   30165017 
_citation.unpublished_flag          ? 
# 
loop_
_citation_author.citation_id 
_citation_author.name 
_citation_author.ordinal 
_citation_author.identifier_ORCID 
primary 'Thomaston, J.L.'   1 ? 
primary 'Polizzi, N.F.'     2 ? 
primary 'Konstantinidi, A.' 3 ? 
primary 'Wang, J.'          4 ? 
primary 'Kolocouris, A.'    5 ? 
primary 'DeGrado, W.F.'     6 ? 
# 
loop_
_entity.id 
_entity.type 
_entity.src_method 
_entity.pdbx_description 
_entity.formula_weight 
_entity.pdbx_number_of_molecules 
_entity.pdbx_ec 
_entity.pdbx_mutation 
_entity.pdbx_fragment 
_entity.details 
1 polymer     syn 'Matrix protein 2'                                                  2754.340 8  ? ? ? ? 
2 non-polymer syn '(1S)-1-[(3R,5R,7R)-tricyclo[3.3.1.1~3,7~]decan-1-yl]ethan-1-amine' 179.302  2  ? ? ? ? 
3 non-polymer syn RIMANTADINE                                                         179.302  2  ? ? ? ? 
4 water       nat water                                                               18.015   32 ? ? ? ? 
# 
_entity_poly.entity_id                      1 
_entity_poly.type                           'polypeptide(L)' 
_entity_poly.nstd_linkage                   no 
_entity_poly.nstd_monomer                   yes 
_entity_poly.pdbx_seq_one_letter_code       '(ACE)SSDPLVVAASIIGILHLILWILDRL(NH2)' 
_entity_poly.pdbx_seq_one_letter_code_can   XSSDPLVVAASIIGILHLILWILDRLX 
_entity_poly.pdbx_strand_id                 A,B,C,D,E,F,G,H 
_entity_poly.pdbx_target_identifier         ? 
# 
loop_
_pdbx_entity_nonpoly.entity_id 
_pdbx_entity_nonpoly.name 
_pdbx_entity_nonpoly.comp_id 
2 '(1S)-1-[(3R,5R,7R)-tricyclo[3.3.1.1~3,7~]decan-1-yl]ethan-1-amine' EU7 
3 RIMANTADINE                                                         RIM 
4 water                                                               HOH 
# 
loop_
_entity_poly_seq.entity_id 
_entity_poly_seq.num 
_entity_poly_seq.mon_id 
_entity_poly_seq.hetero 
1 1  ACE n 
1 2  SER n 
1 3  SER n 
1 4  ASP n 
1 5  PRO n 
1 6  LEU n 
1 7  VAL n 
1 8  VAL n 
1 9  ALA n 
1 10 ALA n 
1 11 SER n 
1 12 ILE n 
1 13 ILE n 
1 14 GLY n 
1 15 ILE n 
1 16 LEU n 
1 17 HIS n 
1 18 LEU n 
1 19 ILE n 
1 20 LEU n 
1 21 TRP n 
1 22 ILE n 
1 23 LEU n 
1 24 ASP n 
1 25 ARG n 
1 26 LEU n 
1 27 NH2 n 
# 
_pdbx_entity_src_syn.entity_id              1 
_pdbx_entity_src_syn.pdbx_src_id            1 
_pdbx_entity_src_syn.pdbx_alt_source_flag   sample 
_pdbx_entity_src_syn.pdbx_beg_seq_num       1 
_pdbx_entity_src_syn.pdbx_end_seq_num       27 
_pdbx_entity_src_syn.organism_scientific    'Influenza A virus' 
_pdbx_entity_src_syn.organism_common_name   ? 
_pdbx_entity_src_syn.ncbi_taxonomy_id       11320 
_pdbx_entity_src_syn.details                ? 
# 
loop_
_chem_comp.id 
_chem_comp.type 
_chem_comp.mon_nstd_flag 
_chem_comp.name 
_chem_comp.pdbx_synonyms 
_chem_comp.formula 
_chem_comp.formula_weight 
ACE non-polymer         . 'ACETYL GROUP'                                                      ?                           
'C2 H4 O'        44.053  
ALA 'L-peptide linking' y ALANINE                                                             ?                           
'C3 H7 N O2'     89.093  
ARG 'L-peptide linking' y ARGININE                                                            ?                           
'C6 H15 N4 O2 1' 175.209 
ASP 'L-peptide linking' y 'ASPARTIC ACID'                                                     ?                           
'C4 H7 N O4'     133.103 
EU7 non-polymer         . '(1S)-1-[(3R,5R,7R)-tricyclo[3.3.1.1~3,7~]decan-1-yl]ethan-1-amine' S-RIMANTADINE               
'C12 H21 N'      179.302 
GLY 'peptide linking'   y GLYCINE                                                             ?                           
'C2 H5 N O2'     75.067  
HIS 'L-peptide linking' y HISTIDINE                                                           ?                           
'C6 H10 N3 O2 1' 156.162 
HOH non-polymer         . WATER                                                               ?                           'H2 O' 
18.015  
ILE 'L-peptide linking' y ISOLEUCINE                                                          ?                           
'C6 H13 N O2'    131.173 
LEU 'L-peptide linking' y LEUCINE                                                             ?                           
'C6 H13 N O2'    131.173 
NH2 non-polymer         . 'AMINO GROUP'                                                       ?                           'H2 N' 
16.023  
PRO 'L-peptide linking' y PROLINE                                                             ?                           
'C5 H9 N O2'     115.130 
RIM non-polymer         . RIMANTADINE                                                         '1-(1-ADAMANTYL)ETHANAMINE' 
'C12 H21 N'      179.302 
SER 'L-peptide linking' y SERINE                                                              ?                           
'C3 H7 N O3'     105.093 
TRP 'L-peptide linking' y TRYPTOPHAN                                                          ?                           
'C11 H12 N2 O2'  204.225 
VAL 'L-peptide linking' y VALINE                                                              ?                           
'C5 H11 N O2'    117.146 
# 
loop_
_pdbx_poly_seq_scheme.asym_id 
_pdbx_poly_seq_scheme.entity_id 
_pdbx_poly_seq_scheme.seq_id 
_pdbx_poly_seq_scheme.mon_id 
_pdbx_poly_seq_scheme.ndb_seq_num 
_pdbx_poly_seq_scheme.pdb_seq_num 
_pdbx_poly_seq_scheme.auth_seq_num 
_pdbx_poly_seq_scheme.pdb_mon_id 
_pdbx_poly_seq_scheme.auth_mon_id 
_pdbx_poly_seq_scheme.pdb_strand_id 
_pdbx_poly_seq_scheme.pdb_ins_code 
_pdbx_poly_seq_scheme.hetero 
A 1 1  ACE 1  21 ?  ?   ?   A . n 
A 1 2  SER 2  22 ?  ?   ?   A . n 
A 1 3  SER 3  23 23 SER SER A . n 
A 1 4  ASP 4  24 24 ASP ASP A . n 
A 1 5  PRO 5  25 25 PRO PRO A . n 
A 1 6  LEU 6  26 26 LEU LEU A . n 
A 1 7  VAL 7  27 27 VAL VAL A . n 
A 1 8  VAL 8  28 28 VAL VAL A . n 
A 1 9  ALA 9  29 29 ALA ALA A . n 
A 1 10 ALA 10 30 30 ALA ALA A . n 
A 1 11 SER 11 31 31 SER SER A . n 
A 1 12 ILE 12 32 32 ILE ILE A . n 
A 1 13 ILE 13 33 33 ILE ILE A . n 
A 1 14 GLY 14 34 34 GLY GLY A . n 
A 1 15 ILE 15 35 35 ILE ILE A . n 
A 1 16 LEU 16 36 36 LEU LEU A . n 
A 1 17 HIS 17 37 37 HIS HIS A . n 
A 1 18 LEU 18 38 38 LEU LEU A . n 
A 1 19 ILE 19 39 39 ILE ILE A . n 
A 1 20 LEU 20 40 40 LEU LEU A . n 
A 1 21 TRP 21 41 41 TRP TRP A . n 
A 1 22 ILE 22 42 42 ILE ILE A . n 
A 1 23 LEU 23 43 43 LEU LEU A . n 
A 1 24 ASP 24 44 44 ASP ASP A . n 
A 1 25 ARG 25 45 45 ARG ARG A . n 
A 1 26 LEU 26 46 46 LEU LEU A . n 
A 1 27 NH2 27 47 ?  ?   ?   A . n 
B 1 1  ACE 1  21 ?  ?   ?   B . n 
B 1 2  SER 2  22 ?  ?   ?   B . n 
B 1 3  SER 3  23 ?  ?   ?   B . n 
B 1 4  ASP 4  24 24 ASP ASP B . n 
B 1 5  PRO 5  25 25 PRO PRO B . n 
B 1 6  LEU 6  26 26 LEU LEU B . n 
B 1 7  VAL 7  27 27 VAL VAL B . n 
B 1 8  VAL 8  28 28 VAL VAL B . n 
B 1 9  ALA 9  29 29 ALA ALA B . n 
B 1 10 ALA 10 30 30 ALA ALA B . n 
B 1 11 SER 11 31 31 SER SER B . n 
B 1 12 ILE 12 32 32 ILE ILE B . n 
B 1 13 ILE 13 33 33 ILE ILE B . n 
B 1 14 GLY 14 34 34 GLY GLY B . n 
B 1 15 ILE 15 35 35 ILE ILE B . n 
B 1 16 LEU 16 36 36 LEU LEU B . n 
B 1 17 HIS 17 37 37 HIS HIS B . n 
B 1 18 LEU 18 38 38 LEU LEU B . n 
B 1 19 ILE 19 39 39 ILE ILE B . n 
B 1 20 LEU 20 40 40 LEU LEU B . n 
B 1 21 TRP 21 41 41 TRP TRP B . n 
B 1 22 ILE 22 42 42 ILE ILE B . n 
B 1 23 LEU 23 43 43 LEU LEU B . n 
B 1 24 ASP 24 44 44 ASP ASP B . n 
B 1 25 ARG 25 45 45 ARG ARG B . n 
B 1 26 LEU 26 46 46 LEU LEU B . n 
B 1 27 NH2 27 47 ?  ?   ?   B . n 
C 1 1  ACE 1  21 ?  ?   ?   C . n 
C 1 2  SER 2  22 ?  ?   ?   C . n 
C 1 3  SER 3  23 ?  ?   ?   C . n 
C 1 4  ASP 4  24 24 ASP ASP C . n 
C 1 5  PRO 5  25 25 PRO PRO C . n 
C 1 6  LEU 6  26 26 LEU LEU C . n 
C 1 7  VAL 7  27 27 VAL VAL C . n 
C 1 8  VAL 8  28 28 VAL VAL C . n 
C 1 9  ALA 9  29 29 ALA ALA C . n 
C 1 10 ALA 10 30 30 ALA ALA C . n 
C 1 11 SER 11 31 31 SER SER C . n 
C 1 12 ILE 12 32 32 ILE ILE C . n 
C 1 13 ILE 13 33 33 ILE ILE C . n 
C 1 14 GLY 14 34 34 GLY GLY C . n 
C 1 15 ILE 15 35 35 ILE ILE C . n 
C 1 16 LEU 16 36 36 LEU LEU C . n 
C 1 17 HIS 17 37 37 HIS HIS C . n 
C 1 18 LEU 18 38 38 LEU LEU C . n 
C 1 19 ILE 19 39 39 ILE ILE C . n 
C 1 20 LEU 20 40 40 LEU LEU C . n 
C 1 21 TRP 21 41 41 TRP TRP C . n 
C 1 22 ILE 22 42 42 ILE ILE C . n 
C 1 23 LEU 23 43 43 LEU LEU C . n 
C 1 24 ASP 24 44 44 ASP ASP C . n 
C 1 25 ARG 25 45 45 ARG ARG C . n 
C 1 26 LEU 26 46 46 LEU LEU C . n 
C 1 27 NH2 27 47 ?  ?   ?   C . n 
D 1 1  ACE 1  21 ?  ?   ?   D . n 
D 1 2  SER 2  22 ?  ?   ?   D . n 
D 1 3  SER 3  23 ?  ?   ?   D . n 
D 1 4  ASP 4  24 24 ASP ASP D . n 
D 1 5  PRO 5  25 25 PRO PRO D . n 
D 1 6  LEU 6  26 26 LEU LEU D . n 
D 1 7  VAL 7  27 27 VAL VAL D . n 
D 1 8  VAL 8  28 28 VAL VAL D . n 
D 1 9  ALA 9  29 29 ALA ALA D . n 
D 1 10 ALA 10 30 30 ALA ALA D . n 
D 1 11 SER 11 31 31 SER SER D . n 
D 1 12 ILE 12 32 32 ILE ILE D . n 
D 1 13 ILE 13 33 33 ILE ILE D . n 
D 1 14 GLY 14 34 34 GLY GLY D . n 
D 1 15 ILE 15 35 35 ILE ILE D . n 
D 1 16 LEU 16 36 36 LEU LEU D . n 
D 1 17 HIS 17 37 37 HIS HIS D . n 
D 1 18 LEU 18 38 38 LEU LEU D . n 
D 1 19 ILE 19 39 39 ILE ILE D . n 
D 1 20 LEU 20 40 40 LEU LEU D . n 
D 1 21 TRP 21 41 41 TRP TRP D . n 
D 1 22 ILE 22 42 42 ILE ILE D . n 
D 1 23 LEU 23 43 43 LEU LEU D . n 
D 1 24 ASP 24 44 44 ASP ASP D . n 
D 1 25 ARG 25 45 45 ARG ARG D . n 
D 1 26 LEU 26 46 46 LEU LEU D . n 
D 1 27 NH2 27 47 ?  ?   ?   D . n 
E 1 1  ACE 1  21 ?  ?   ?   E . n 
E 1 2  SER 2  22 ?  ?   ?   E . n 
E 1 3  SER 3  23 23 SER SER E . n 
E 1 4  ASP 4  24 24 ASP ASP E . n 
E 1 5  PRO 5  25 25 PRO PRO E . n 
E 1 6  LEU 6  26 26 LEU LEU E . n 
E 1 7  VAL 7  27 27 VAL VAL E . n 
E 1 8  VAL 8  28 28 VAL VAL E . n 
E 1 9  ALA 9  29 29 ALA ALA E . n 
E 1 10 ALA 10 30 30 ALA ALA E . n 
E 1 11 SER 11 31 31 SER SER E . n 
E 1 12 ILE 12 32 32 ILE ILE E . n 
E 1 13 ILE 13 33 33 ILE ILE E . n 
E 1 14 GLY 14 34 34 GLY GLY E . n 
E 1 15 ILE 15 35 35 ILE ILE E . n 
E 1 16 LEU 16 36 36 LEU LEU E . n 
E 1 17 HIS 17 37 37 HIS HIS E . n 
E 1 18 LEU 18 38 38 LEU LEU E . n 
E 1 19 ILE 19 39 39 ILE ILE E . n 
E 1 20 LEU 20 40 40 LEU LEU E . n 
E 1 21 TRP 21 41 41 TRP TRP E . n 
E 1 22 ILE 22 42 42 ILE ILE E . n 
E 1 23 LEU 23 43 43 LEU LEU E . n 
E 1 24 ASP 24 44 44 ASP ASP E . n 
E 1 25 ARG 25 45 45 ARG ARG E . n 
E 1 26 LEU 26 46 46 LEU LEU E . n 
E 1 27 NH2 27 47 ?  ?   ?   E . n 
F 1 1  ACE 1  21 ?  ?   ?   F . n 
F 1 2  SER 2  22 ?  ?   ?   F . n 
F 1 3  SER 3  23 ?  ?   ?   F . n 
F 1 4  ASP 4  24 24 ASP ASP F . n 
F 1 5  PRO 5  25 25 PRO PRO F . n 
F 1 6  LEU 6  26 26 LEU LEU F . n 
F 1 7  VAL 7  27 27 VAL VAL F . n 
F 1 8  VAL 8  28 28 VAL VAL F . n 
F 1 9  ALA 9  29 29 ALA ALA F . n 
F 1 10 ALA 10 30 30 ALA ALA F . n 
F 1 11 SER 11 31 31 SER SER F . n 
F 1 12 ILE 12 32 32 ILE ILE F . n 
F 1 13 ILE 13 33 33 ILE ILE F . n 
F 1 14 GLY 14 34 34 GLY GLY F . n 
F 1 15 ILE 15 35 35 ILE ILE F . n 
F 1 16 LEU 16 36 36 LEU LEU F . n 
F 1 17 HIS 17 37 37 HIS HIS F . n 
F 1 18 LEU 18 38 38 LEU LEU F . n 
F 1 19 ILE 19 39 39 ILE ILE F . n 
F 1 20 LEU 20 40 40 LEU LEU F . n 
F 1 21 TRP 21 41 41 TRP TRP F . n 
F 1 22 ILE 22 42 42 ILE ILE F . n 
F 1 23 LEU 23 43 43 LEU LEU F . n 
F 1 24 ASP 24 44 44 ASP ASP F . n 
F 1 25 ARG 25 45 45 ARG ARG F . n 
F 1 26 LEU 26 46 46 LEU LEU F . n 
F 1 27 NH2 27 47 ?  ?   ?   F . n 
G 1 1  ACE 1  21 ?  ?   ?   G . n 
G 1 2  SER 2  22 ?  ?   ?   G . n 
G 1 3  SER 3  23 ?  ?   ?   G . n 
G 1 4  ASP 4  24 24 ASP ASP G . n 
G 1 5  PRO 5  25 25 PRO PRO G . n 
G 1 6  LEU 6  26 26 LEU LEU G . n 
G 1 7  VAL 7  27 27 VAL VAL G . n 
G 1 8  VAL 8  28 28 VAL VAL G . n 
G 1 9  ALA 9  29 29 ALA ALA G . n 
G 1 10 ALA 10 30 30 ALA ALA G . n 
G 1 11 SER 11 31 31 SER SER G . n 
G 1 12 ILE 12 32 32 ILE ILE G . n 
G 1 13 ILE 13 33 33 ILE ILE G . n 
G 1 14 GLY 14 34 34 GLY GLY G . n 
G 1 15 ILE 15 35 35 ILE ILE G . n 
G 1 16 LEU 16 36 36 LEU LEU G . n 
G 1 17 HIS 17 37 37 HIS HIS G . n 
G 1 18 LEU 18 38 38 LEU LEU G . n 
G 1 19 ILE 19 39 39 ILE ILE G . n 
G 1 20 LEU 20 40 40 LEU LEU G . n 
G 1 21 TRP 21 41 41 TRP TRP G . n 
G 1 22 ILE 22 42 42 ILE ILE G . n 
G 1 23 LEU 23 43 43 LEU LEU G . n 
G 1 24 ASP 24 44 44 ASP ASP G . n 
G 1 25 ARG 25 45 45 ARG ARG G . n 
G 1 26 LEU 26 46 46 LEU LEU G . n 
G 1 27 NH2 27 47 ?  ?   ?   G . n 
H 1 1  ACE 1  21 ?  ?   ?   H . n 
H 1 2  SER 2  22 ?  ?   ?   H . n 
H 1 3  SER 3  23 ?  ?   ?   H . n 
H 1 4  ASP 4  24 24 ASP ASP H . n 
H 1 5  PRO 5  25 25 PRO PRO H . n 
H 1 6  LEU 6  26 26 LEU LEU H . n 
H 1 7  VAL 7  27 27 VAL VAL H . n 
H 1 8  VAL 8  28 28 VAL VAL H . n 
H 1 9  ALA 9  29 29 ALA ALA H . n 
H 1 10 ALA 10 30 30 ALA ALA H . n 
H 1 11 SER 11 31 31 SER SER H . n 
H 1 12 ILE 12 32 32 ILE ILE H . n 
H 1 13 ILE 13 33 33 ILE ILE H . n 
H 1 14 GLY 14 34 34 GLY GLY H . n 
H 1 15 ILE 15 35 35 ILE ILE H . n 
H 1 16 LEU 16 36 36 LEU LEU H . n 
H 1 17 HIS 17 37 37 HIS HIS H . n 
H 1 18 LEU 18 38 38 LEU LEU H . n 
H 1 19 ILE 19 39 39 ILE ILE H . n 
H 1 20 LEU 20 40 40 LEU LEU H . n 
H 1 21 TRP 21 41 41 TRP TRP H . n 
H 1 22 ILE 22 42 42 ILE ILE H . n 
H 1 23 LEU 23 43 43 LEU LEU H . n 
H 1 24 ASP 24 44 44 ASP ASP H . n 
H 1 25 ARG 25 45 45 ARG ARG H . n 
H 1 26 LEU 26 46 46 LEU LEU H . n 
H 1 27 NH2 27 47 ?  ?   ?   H . n 
# 
loop_
_pdbx_nonpoly_scheme.asym_id 
_pdbx_nonpoly_scheme.entity_id 
_pdbx_nonpoly_scheme.mon_id 
_pdbx_nonpoly_scheme.ndb_seq_num 
_pdbx_nonpoly_scheme.pdb_seq_num 
_pdbx_nonpoly_scheme.auth_seq_num 
_pdbx_nonpoly_scheme.pdb_mon_id 
_pdbx_nonpoly_scheme.auth_mon_id 
_pdbx_nonpoly_scheme.pdb_strand_id 
_pdbx_nonpoly_scheme.pdb_ins_code 
I 2 EU7 1 101 1  EU7 EU7 C . 
J 3 RIM 1 101 1  RIM RIM D . 
K 3 RIM 1 101 1  RIM RIM F . 
L 2 EU7 1 101 1  EU7 EU7 G . 
M 4 HOH 1 101 5  HOH HOH A . 
M 4 HOH 2 102 32 HOH HOH A . 
M 4 HOH 3 103 9  HOH HOH A . 
N 4 HOH 1 101 4  HOH HOH B . 
N 4 HOH 2 102 23 HOH HOH B . 
N 4 HOH 3 103 24 HOH HOH B . 
O 4 HOH 1 201 19 HOH HOH C . 
O 4 HOH 2 202 3  HOH HOH C . 
O 4 HOH 3 203 25 HOH HOH C . 
O 4 HOH 4 204 2  HOH HOH C . 
O 4 HOH 5 205 21 HOH HOH C . 
O 4 HOH 6 206 8  HOH HOH C . 
O 4 HOH 7 207 7  HOH HOH C . 
O 4 HOH 8 208 34 HOH HOH C . 
P 4 HOH 1 201 6  HOH HOH D . 
P 4 HOH 2 202 22 HOH HOH D . 
P 4 HOH 3 203 1  HOH HOH D . 
Q 4 HOH 1 101 14 HOH HOH E . 
Q 4 HOH 2 102 31 HOH HOH E . 
R 4 HOH 1 201 10 HOH HOH F . 
R 4 HOH 2 202 13 HOH HOH F . 
R 4 HOH 3 203 29 HOH HOH F . 
R 4 HOH 4 204 18 HOH HOH F . 
S 4 HOH 1 201 11 HOH HOH G . 
S 4 HOH 2 202 12 HOH HOH G . 
S 4 HOH 3 203 27 HOH HOH G . 
S 4 HOH 4 204 33 HOH HOH G . 
S 4 HOH 5 205 16 HOH HOH G . 
T 4 HOH 1 101 30 HOH HOH H . 
T 4 HOH 2 102 17 HOH HOH H . 
T 4 HOH 3 103 15 HOH HOH H . 
T 4 HOH 4 104 26 HOH HOH H . 
# 
loop_
_software.citation_id 
_software.classification 
_software.compiler_name 
_software.compiler_version 
_software.contact_author 
_software.contact_author_email 
_software.date 
_software.description 
_software.dependencies 
_software.hardware 
_software.language 
_software.location 
_software.mods 
_software.name 
_software.os 
_software.os_version 
_software.type 
_software.version 
_software.pdbx_ordinal 
? refinement       ? ? ? ? ? ? ? ? ? ? ? PHENIX  ? ? ? '(1.11.1_2575: ???)' 1 
? 'data reduction' ? ? ? ? ? ? ? ? ? ? ? MOSFLM  ? ? ? .                    2 
? 'data scaling'   ? ? ? ? ? ? ? ? ? ? ? Aimless ? ? ? .                    3 
? phasing          ? ? ? ? ? ? ? ? ? ? ? PHASER  ? ? ? .                    4 
# 
_cell.angle_alpha                  90.00 
_cell.angle_alpha_esd              ? 
_cell.angle_beta                   96.76 
_cell.angle_beta_esd               ? 
_cell.angle_gamma                  90.00 
_cell.angle_gamma_esd              ? 
_cell.entry_id                     6BKL 
_cell.details                      ? 
_cell.formula_units_Z              ? 
_cell.length_a                     36.460 
_cell.length_a_esd                 ? 
_cell.length_b                     47.840 
_cell.length_b_esd                 ? 
_cell.length_c                     48.530 
_cell.length_c_esd                 ? 
_cell.volume                       ? 
_cell.volume_esd                   ? 
_cell.Z_PDB                        16 
_cell.reciprocal_angle_alpha       ? 
_cell.reciprocal_angle_beta        ? 
_cell.reciprocal_angle_gamma       ? 
_cell.reciprocal_angle_alpha_esd   ? 
_cell.reciprocal_angle_beta_esd    ? 
_cell.reciprocal_angle_gamma_esd   ? 
_cell.reciprocal_length_a          ? 
_cell.reciprocal_length_b          ? 
_cell.reciprocal_length_c          ? 
_cell.reciprocal_length_a_esd      ? 
_cell.reciprocal_length_b_esd      ? 
_cell.reciprocal_length_c_esd      ? 
_cell.pdbx_unique_axis             ? 
# 
_symmetry.entry_id                         6BKL 
_symmetry.cell_setting                     ? 
_symmetry.Int_Tables_number                4 
_symmetry.space_group_name_Hall            ? 
_symmetry.space_group_name_H-M             'P 1 21 1' 
_symmetry.pdbx_full_space_group_name_H-M   ? 
# 
_exptl.absorpt_coefficient_mu     ? 
_exptl.absorpt_correction_T_max   ? 
_exptl.absorpt_correction_T_min   ? 
_exptl.absorpt_correction_type    ? 
_exptl.absorpt_process_details    ? 
_exptl.entry_id                   6BKL 
_exptl.crystals_number            1 
_exptl.details                    ? 
_exptl.method                     'X-RAY DIFFRACTION' 
_exptl.method_details             ? 
# 
_exptl_crystal.colour                      ? 
_exptl_crystal.density_diffrn              ? 
_exptl_crystal.density_Matthews            1.91 
_exptl_crystal.density_method              ? 
_exptl_crystal.density_percent_sol         35.52 
_exptl_crystal.description                 ? 
_exptl_crystal.F_000                       ? 
_exptl_crystal.id                          1 
_exptl_crystal.preparation                 ? 
_exptl_crystal.size_max                    ? 
_exptl_crystal.size_mid                    ? 
_exptl_crystal.size_min                    ? 
_exptl_crystal.size_rad                    ? 
_exptl_crystal.colour_lustre               ? 
_exptl_crystal.colour_modifier             ? 
_exptl_crystal.colour_primary              ? 
_exptl_crystal.density_meas                ? 
_exptl_crystal.density_meas_esd            ? 
_exptl_crystal.density_meas_gt             ? 
_exptl_crystal.density_meas_lt             ? 
_exptl_crystal.density_meas_temp           ? 
_exptl_crystal.density_meas_temp_esd       ? 
_exptl_crystal.density_meas_temp_gt        ? 
_exptl_crystal.density_meas_temp_lt        ? 
_exptl_crystal.pdbx_crystal_image_url      ? 
_exptl_crystal.pdbx_crystal_image_format   ? 
_exptl_crystal.pdbx_mosaicity              ? 
_exptl_crystal.pdbx_mosaicity_esd          ? 
# 
_exptl_crystal_grow.apparatus       ? 
_exptl_crystal_grow.atmosphere      ? 
_exptl_crystal_grow.crystal_id      1 
_exptl_crystal_grow.details         ? 
_exptl_crystal_grow.method          'LIPIDIC CUBIC PHASE' 
_exptl_crystal_grow.method_ref      ? 
_exptl_crystal_grow.pH              ? 
_exptl_crystal_grow.pressure        ? 
_exptl_crystal_grow.pressure_esd    ? 
_exptl_crystal_grow.seeding         ? 
_exptl_crystal_grow.seeding_ref     ? 
_exptl_crystal_grow.temp            293 
_exptl_crystal_grow.temp_details    ? 
_exptl_crystal_grow.temp_esd        ? 
_exptl_crystal_grow.time            ? 
_exptl_crystal_grow.pdbx_details    
'0.2 M MgCl2, 0.1 M sodium acetate / acetic acid pH 4.5, 20% w/v PEG 8000, monoolein, rimantadine' 
_exptl_crystal_grow.pdbx_pH_range   ? 
# 
_diffrn.ambient_environment    ? 
_diffrn.ambient_temp           100 
_diffrn.ambient_temp_details   ? 
_diffrn.ambient_temp_esd       ? 
_diffrn.crystal_id             1 
_diffrn.crystal_support        ? 
_diffrn.crystal_treatment      ? 
_diffrn.details                ? 
_diffrn.id                     1 
_diffrn.ambient_pressure       ? 
_diffrn.ambient_pressure_esd   ? 
_diffrn.ambient_pressure_gt    ? 
_diffrn.ambient_pressure_lt    ? 
_diffrn.ambient_temp_gt        ? 
_diffrn.ambient_temp_lt        ? 
# 
_diffrn_detector.details                      ? 
_diffrn_detector.detector                     CCD 
_diffrn_detector.diffrn_id                    1 
_diffrn_detector.type                         'ADSC QUANTUM 315' 
_diffrn_detector.area_resol_mean              ? 
_diffrn_detector.dtime                        ? 
_diffrn_detector.pdbx_frames_total            ? 
_diffrn_detector.pdbx_collection_time_total   ? 
_diffrn_detector.pdbx_collection_date         2016-04-30 
# 
_diffrn_radiation.collimation                      ? 
_diffrn_radiation.diffrn_id                        1 
_diffrn_radiation.filter_edge                      ? 
_diffrn_radiation.inhomogeneity                    ? 
_diffrn_radiation.monochromator                    ? 
_diffrn_radiation.polarisn_norm                    ? 
_diffrn_radiation.polarisn_ratio                   ? 
_diffrn_radiation.probe                            ? 
_diffrn_radiation.type                             ? 
_diffrn_radiation.xray_symbol                      ? 
_diffrn_radiation.wavelength_id                    1 
_diffrn_radiation.pdbx_monochromatic_or_laue_m_l   M 
_diffrn_radiation.pdbx_wavelength_list             ? 
_diffrn_radiation.pdbx_wavelength                  ? 
_diffrn_radiation.pdbx_diffrn_protocol             'SINGLE WAVELENGTH' 
_diffrn_radiation.pdbx_analyzer                    ? 
_diffrn_radiation.pdbx_scattering_type             x-ray 
# 
_diffrn_radiation_wavelength.id           1 
_diffrn_radiation_wavelength.wavelength   1.1158 
_diffrn_radiation_wavelength.wt           1.0 
# 
_diffrn_source.current                     ? 
_diffrn_source.details                     ? 
_diffrn_source.diffrn_id                   1 
_diffrn_source.power                       ? 
_diffrn_source.size                        ? 
_diffrn_source.source                      SYNCHROTRON 
_diffrn_source.target                      ? 
_diffrn_source.type                        'ALS BEAMLINE 8.3.1' 
_diffrn_source.voltage                     ? 
_diffrn_source.take-off_angle              ? 
_diffrn_source.pdbx_wavelength_list        1.1158 
_diffrn_source.pdbx_wavelength             ? 
_diffrn_source.pdbx_synchrotron_beamline   8.3.1 
_diffrn_source.pdbx_synchrotron_site       ALS 
# 
_reflns.B_iso_Wilson_estimate            ? 
_reflns.entry_id                         6BKL 
_reflns.data_reduction_details           ? 
_reflns.data_reduction_method            ? 
_reflns.d_resolution_high                1.995 
_reflns.d_resolution_low                 48.193 
_reflns.details                          ? 
_reflns.limit_h_max                      ? 
_reflns.limit_h_min                      ? 
_reflns.limit_k_max                      ? 
_reflns.limit_k_min                      ? 
_reflns.limit_l_max                      ? 
_reflns.limit_l_min                      ? 
_reflns.number_all                       ? 
_reflns.number_obs                       10589 
_reflns.observed_criterion               ? 
_reflns.observed_criterion_F_max         ? 
_reflns.observed_criterion_F_min         ? 
_reflns.observed_criterion_I_max         ? 
_reflns.observed_criterion_I_min         ? 
_reflns.observed_criterion_sigma_F       ? 
_reflns.observed_criterion_sigma_I       ? 
_reflns.percent_possible_obs             93.3 
_reflns.R_free_details                   ? 
_reflns.Rmerge_F_all                     ? 
_reflns.Rmerge_F_obs                     ? 
_reflns.Friedel_coverage                 ? 
_reflns.number_gt                        ? 
_reflns.threshold_expression             ? 
_reflns.pdbx_redundancy                  4.8 
_reflns.pdbx_Rmerge_I_obs                0.114 
_reflns.pdbx_Rmerge_I_all                ? 
_reflns.pdbx_Rsym_value                  ? 
_reflns.pdbx_netI_over_av_sigmaI         ? 
_reflns.pdbx_netI_over_sigmaI            7.1 
_reflns.pdbx_res_netI_over_av_sigmaI_2   ? 
_reflns.pdbx_res_netI_over_sigmaI_2      ? 
_reflns.pdbx_chi_squared                 ? 
_reflns.pdbx_scaling_rejects             ? 
_reflns.pdbx_d_res_high_opt              ? 
_reflns.pdbx_d_res_low_opt               ? 
_reflns.pdbx_d_res_opt_method            ? 
_reflns.phase_calculation_details        ? 
_reflns.pdbx_Rrim_I_all                  ? 
_reflns.pdbx_Rpim_I_all                  ? 
_reflns.pdbx_d_opt                       ? 
_reflns.pdbx_number_measured_all         ? 
_reflns.pdbx_diffrn_id                   1 
_reflns.pdbx_ordinal                     1 
_reflns.pdbx_CC_half                     0.994 
_reflns.pdbx_R_split                     ? 
# 
_reflns_shell.d_res_high                  1.995 
_reflns_shell.d_res_low                   2.05 
_reflns_shell.meanI_over_sigI_all         ? 
_reflns_shell.meanI_over_sigI_obs         2.9 
_reflns_shell.number_measured_all         ? 
_reflns_shell.number_measured_obs         ? 
_reflns_shell.number_possible             ? 
_reflns_shell.number_unique_all           ? 
_reflns_shell.number_unique_obs           754 
_reflns_shell.percent_possible_all        90.8 
_reflns_shell.percent_possible_obs        ? 
_reflns_shell.Rmerge_F_all                ? 
_reflns_shell.Rmerge_F_obs                ? 
_reflns_shell.Rmerge_I_all                ? 
_reflns_shell.Rmerge_I_obs                0.348 
_reflns_shell.meanI_over_sigI_gt          ? 
_reflns_shell.meanI_over_uI_all           ? 
_reflns_shell.meanI_over_uI_gt            ? 
_reflns_shell.number_measured_gt          ? 
_reflns_shell.number_unique_gt            ? 
_reflns_shell.percent_possible_gt         ? 
_reflns_shell.Rmerge_F_gt                 ? 
_reflns_shell.Rmerge_I_gt                 ? 
_reflns_shell.pdbx_redundancy             4.5 
_reflns_shell.pdbx_Rsym_value             ? 
_reflns_shell.pdbx_chi_squared            ? 
_reflns_shell.pdbx_netI_over_sigmaI_all   ? 
_reflns_shell.pdbx_netI_over_sigmaI_obs   ? 
_reflns_shell.pdbx_Rrim_I_all             ? 
_reflns_shell.pdbx_Rpim_I_all             ? 
_reflns_shell.pdbx_rejects                ? 
_reflns_shell.pdbx_ordinal                1 
_reflns_shell.pdbx_diffrn_id              1 
_reflns_shell.pdbx_CC_half                0.959 
_reflns_shell.pdbx_R_split                ? 
# 
_refine.aniso_B[1][1]                            ? 
_refine.aniso_B[1][2]                            ? 
_refine.aniso_B[1][3]                            ? 
_refine.aniso_B[2][2]                            ? 
_refine.aniso_B[2][3]                            ? 
_refine.aniso_B[3][3]                            ? 
_refine.B_iso_max                                ? 
_refine.B_iso_mean                               ? 
_refine.B_iso_min                                ? 
_refine.correlation_coeff_Fo_to_Fc               ? 
_refine.correlation_coeff_Fo_to_Fc_free          ? 
_refine.details                                  ? 
_refine.diff_density_max                         ? 
_refine.diff_density_max_esd                     ? 
_refine.diff_density_min                         ? 
_refine.diff_density_min_esd                     ? 
_refine.diff_density_rms                         ? 
_refine.diff_density_rms_esd                     ? 
_refine.entry_id                                 6BKL 
_refine.pdbx_refine_id                           'X-RAY DIFFRACTION' 
_refine.ls_abs_structure_details                 ? 
_refine.ls_abs_structure_Flack                   ? 
_refine.ls_abs_structure_Flack_esd               ? 
_refine.ls_abs_structure_Rogers                  ? 
_refine.ls_abs_structure_Rogers_esd              ? 
_refine.ls_d_res_high                            1.995 
_refine.ls_d_res_low                             48.193 
_refine.ls_extinction_coef                       ? 
_refine.ls_extinction_coef_esd                   ? 
_refine.ls_extinction_expression                 ? 
_refine.ls_extinction_method                     ? 
_refine.ls_goodness_of_fit_all                   ? 
_refine.ls_goodness_of_fit_all_esd               ? 
_refine.ls_goodness_of_fit_obs                   ? 
_refine.ls_goodness_of_fit_obs_esd               ? 
_refine.ls_hydrogen_treatment                    ? 
_refine.ls_matrix_type                           ? 
_refine.ls_number_constraints                    ? 
_refine.ls_number_parameters                     ? 
_refine.ls_number_reflns_all                     ? 
_refine.ls_number_reflns_obs                     10543 
_refine.ls_number_reflns_R_free                  1052 
_refine.ls_number_reflns_R_work                  ? 
_refine.ls_number_restraints                     ? 
_refine.ls_percent_reflns_obs                    92.24 
_refine.ls_percent_reflns_R_free                 9.98 
_refine.ls_R_factor_all                          ? 
_refine.ls_R_factor_obs                          0.1919 
_refine.ls_R_factor_R_free                       0.2439 
_refine.ls_R_factor_R_free_error                 ? 
_refine.ls_R_factor_R_free_error_details         ? 
_refine.ls_R_factor_R_work                       0.1863 
_refine.ls_R_Fsqd_factor_obs                     ? 
_refine.ls_R_I_factor_obs                        ? 
_refine.ls_redundancy_reflns_all                 ? 
_refine.ls_redundancy_reflns_obs                 ? 
_refine.ls_restrained_S_all                      ? 
_refine.ls_restrained_S_obs                      ? 
_refine.ls_shift_over_esd_max                    ? 
_refine.ls_shift_over_esd_mean                   ? 
_refine.ls_structure_factor_coef                 ? 
_refine.ls_weighting_details                     ? 
_refine.ls_weighting_scheme                      ? 
_refine.ls_wR_factor_all                         ? 
_refine.ls_wR_factor_obs                         ? 
_refine.ls_wR_factor_R_free                      ? 
_refine.ls_wR_factor_R_work                      ? 
_refine.occupancy_max                            ? 
_refine.occupancy_min                            ? 
_refine.solvent_model_details                    'FLAT BULK SOLVENT MODEL' 
_refine.solvent_model_param_bsol                 ? 
_refine.solvent_model_param_ksol                 ? 
_refine.ls_R_factor_gt                           ? 
_refine.ls_goodness_of_fit_gt                    ? 
_refine.ls_goodness_of_fit_ref                   ? 
_refine.ls_shift_over_su_max                     ? 
_refine.ls_shift_over_su_max_lt                  ? 
_refine.ls_shift_over_su_mean                    ? 
_refine.ls_shift_over_su_mean_lt                 ? 
_refine.pdbx_ls_sigma_I                          ? 
_refine.pdbx_ls_sigma_F                          1.35 
_refine.pdbx_ls_sigma_Fsqd                       ? 
_refine.pdbx_data_cutoff_high_absF               ? 
_refine.pdbx_data_cutoff_high_rms_absF           ? 
_refine.pdbx_data_cutoff_low_absF                ? 
_refine.pdbx_isotropic_thermal_model             ? 
_refine.pdbx_ls_cross_valid_method               'FREE R-VALUE' 
_refine.pdbx_method_to_determine_struct          'MOLECULAR REPLACEMENT' 
_refine.pdbx_starting_model                      3LBW 
_refine.pdbx_stereochemistry_target_values       ML 
_refine.pdbx_R_Free_selection_details            ? 
_refine.pdbx_stereochem_target_val_spec_case     ? 
_refine.pdbx_overall_ESU_R                       ? 
_refine.pdbx_overall_ESU_R_Free                  ? 
_refine.pdbx_solvent_vdw_probe_radii             1.11 
_refine.pdbx_solvent_ion_probe_radii             ? 
_refine.pdbx_solvent_shrinkage_radii             0.90 
_refine.pdbx_real_space_R                        ? 
_refine.pdbx_density_correlation                 ? 
_refine.pdbx_pd_number_of_powder_patterns        ? 
_refine.pdbx_pd_number_of_points                 ? 
_refine.pdbx_pd_meas_number_of_points            ? 
_refine.pdbx_pd_proc_ls_prof_R_factor            ? 
_refine.pdbx_pd_proc_ls_prof_wR_factor           ? 
_refine.pdbx_pd_Marquardt_correlation_coeff      ? 
_refine.pdbx_pd_Fsqrd_R_factor                   ? 
_refine.pdbx_pd_ls_matrix_band_width             ? 
_refine.pdbx_overall_phase_error                 27.12 
_refine.pdbx_overall_SU_R_free_Cruickshank_DPI   ? 
_refine.pdbx_overall_SU_R_free_Blow_DPI          ? 
_refine.pdbx_overall_SU_R_Blow_DPI               ? 
_refine.pdbx_TLS_residual_ADP_flag               ? 
_refine.pdbx_diffrn_id                           1 
_refine.overall_SU_B                             ? 
_refine.overall_SU_ML                            0.22 
_refine.overall_SU_R_Cruickshank_DPI             ? 
_refine.overall_SU_R_free                        ? 
_refine.overall_FOM_free_R_set                   ? 
_refine.overall_FOM_work_R_set                   ? 
_refine.pdbx_average_fsc_overall                 ? 
_refine.pdbx_average_fsc_work                    ? 
_refine.pdbx_average_fsc_free                    ? 
# 
_refine_hist.pdbx_refine_id                   'X-RAY DIFFRACTION' 
_refine_hist.cycle_id                         LAST 
_refine_hist.pdbx_number_atoms_protein        1452 
_refine_hist.pdbx_number_atoms_nucleic_acid   0 
_refine_hist.pdbx_number_atoms_ligand         52 
_refine_hist.number_atoms_solvent             32 
_refine_hist.number_atoms_total               1536 
_refine_hist.d_res_high                       1.995 
_refine_hist.d_res_low                        48.193 
# 
loop_
_refine_ls_restr.pdbx_refine_id 
_refine_ls_restr.criterion 
_refine_ls_restr.dev_ideal 
_refine_ls_restr.dev_ideal_target 
_refine_ls_restr.number 
_refine_ls_restr.rejects 
_refine_ls_restr.type 
_refine_ls_restr.weight 
_refine_ls_restr.pdbx_restraint_function 
'X-RAY DIFFRACTION' ? 0.007  ? 1536 ? f_bond_d           ? ? 
'X-RAY DIFFRACTION' ? 0.735  ? 2120 ? f_angle_d          ? ? 
'X-RAY DIFFRACTION' ? 10.977 ? 508  ? f_dihedral_angle_d ? ? 
'X-RAY DIFFRACTION' ? 0.431  ? 302  ? f_chiral_restr     ? ? 
'X-RAY DIFFRACTION' ? 0.006  ? 226  ? f_plane_restr      ? ? 
# 
loop_
_refine_ls_shell.pdbx_refine_id 
_refine_ls_shell.d_res_high 
_refine_ls_shell.d_res_low 
_refine_ls_shell.number_reflns_all 
_refine_ls_shell.number_reflns_obs 
_refine_ls_shell.number_reflns_R_free 
_refine_ls_shell.number_reflns_R_work 
_refine_ls_shell.percent_reflns_obs 
_refine_ls_shell.percent_reflns_R_free 
_refine_ls_shell.R_factor_all 
_refine_ls_shell.R_factor_obs 
_refine_ls_shell.R_factor_R_free 
_refine_ls_shell.R_factor_R_free_error 
_refine_ls_shell.R_factor_R_work 
_refine_ls_shell.redundancy_reflns_all 
_refine_ls_shell.redundancy_reflns_obs 
_refine_ls_shell.wR_factor_all 
_refine_ls_shell.wR_factor_obs 
_refine_ls_shell.wR_factor_R_free 
_refine_ls_shell.wR_factor_R_work 
_refine_ls_shell.pdbx_total_number_of_bins_used 
_refine_ls_shell.pdbx_phase_error 
_refine_ls_shell.pdbx_fsc_work 
_refine_ls_shell.pdbx_fsc_free 
'X-RAY DIFFRACTION' 1.9950 2.0858  . . 126 1142 90.00 . . . 0.2724 . 0.1975 . . . . . . . . . . 
'X-RAY DIFFRACTION' 2.0858 2.1958  . . 132 1178 92.00 . . . 0.2834 . 0.1720 . . . . . . . . . . 
'X-RAY DIFFRACTION' 2.1958 2.3334  . . 130 1163 91.00 . . . 0.2385 . 0.1762 . . . . . . . . . . 
'X-RAY DIFFRACTION' 2.3334 2.5135  . . 131 1200 92.00 . . . 0.3098 . 0.1838 . . . . . . . . . . 
'X-RAY DIFFRACTION' 2.5135 2.7664  . . 133 1186 93.00 . . . 0.2270 . 0.1726 . . . . . . . . . . 
'X-RAY DIFFRACTION' 2.7664 3.1667  . . 134 1206 94.00 . . . 0.2311 . 0.1798 . . . . . . . . . . 
'X-RAY DIFFRACTION' 3.1667 3.9894  . . 133 1208 93.00 . . . 0.2529 . 0.1883 . . . . . . . . . . 
'X-RAY DIFFRACTION' 3.9894 48.2067 . . 133 1208 92.00 . . . 0.2185 . 0.1983 . . . . . . . . . . 
# 
_struct.entry_id                     6BKL 
_struct.title                        'Influenza A M2 transmembrane domain bound to rimantadine' 
_struct.pdbx_model_details           ? 
_struct.pdbx_formula_weight          ? 
_struct.pdbx_formula_weight_method   ? 
_struct.pdbx_model_type_details      ? 
_struct.pdbx_CASP_flag               N 
# 
_struct_keywords.entry_id        6BKL 
_struct_keywords.text            'influenza M2, proton channel, membrane protein, rimantadine' 
_struct_keywords.pdbx_keywords   'MEMBRANE PROTEIN' 
# 
loop_
_struct_asym.id 
_struct_asym.pdbx_blank_PDB_chainid_flag 
_struct_asym.pdbx_modified 
_struct_asym.entity_id 
_struct_asym.details 
A N N 1 ? 
B N N 1 ? 
C N N 1 ? 
D N N 1 ? 
E N N 1 ? 
F N N 1 ? 
G N N 1 ? 
H N N 1 ? 
I N N 2 ? 
J N N 3 ? 
K N N 3 ? 
L N N 2 ? 
M N N 4 ? 
N N N 4 ? 
O N N 4 ? 
P N N 4 ? 
Q N N 4 ? 
R N N 4 ? 
S N N 4 ? 
T N N 4 ? 
# 
_struct_ref.id                         1 
_struct_ref.db_name                    UNP 
_struct_ref.db_code                    Q20MD5_I72A8 
_struct_ref.pdbx_db_accession          Q20MD5 
_struct_ref.pdbx_db_isoform            ? 
_struct_ref.entity_id                  1 
_struct_ref.pdbx_seq_one_letter_code   SSDPLVVAASIIGILHLILWILDRL 
_struct_ref.pdbx_align_begin           22 
# 
loop_
_struct_ref_seq.align_id 
_struct_ref_seq.ref_id 
_struct_ref_seq.pdbx_PDB_id_code 
_struct_ref_seq.pdbx_strand_id 
_struct_ref_seq.seq_align_beg 
_struct_ref_seq.pdbx_seq_align_beg_ins_code 
_struct_ref_seq.seq_align_end 
_struct_ref_seq.pdbx_seq_align_end_ins_code 
_struct_ref_seq.pdbx_db_accession 
_struct_ref_seq.db_align_beg 
_struct_ref_seq.pdbx_db_align_beg_ins_code 
_struct_ref_seq.db_align_end 
_struct_ref_seq.pdbx_db_align_end_ins_code 
_struct_ref_seq.pdbx_auth_seq_align_beg 
_struct_ref_seq.pdbx_auth_seq_align_end 
1 1 6BKL A 2 ? 26 ? Q20MD5 22 ? 46 ? 22 46 
2 1 6BKL B 2 ? 26 ? Q20MD5 22 ? 46 ? 22 46 
3 1 6BKL C 2 ? 26 ? Q20MD5 22 ? 46 ? 22 46 
4 1 6BKL D 2 ? 26 ? Q20MD5 22 ? 46 ? 22 46 
5 1 6BKL E 2 ? 26 ? Q20MD5 22 ? 46 ? 22 46 
6 1 6BKL F 2 ? 26 ? Q20MD5 22 ? 46 ? 22 46 
7 1 6BKL G 2 ? 26 ? Q20MD5 22 ? 46 ? 22 46 
8 1 6BKL H 2 ? 26 ? Q20MD5 22 ? 46 ? 22 46 
# 
loop_
_struct_ref_seq_dif.align_id 
_struct_ref_seq_dif.pdbx_pdb_id_code 
_struct_ref_seq_dif.mon_id 
_struct_ref_seq_dif.pdbx_pdb_strand_id 
_struct_ref_seq_dif.seq_num 
_struct_ref_seq_dif.pdbx_pdb_ins_code 
_struct_ref_seq_dif.pdbx_seq_db_name 
_struct_ref_seq_dif.pdbx_seq_db_accession_code 
_struct_ref_seq_dif.db_mon_id 
_struct_ref_seq_dif.pdbx_seq_db_seq_num 
_struct_ref_seq_dif.details 
_struct_ref_seq_dif.pdbx_auth_seq_num 
_struct_ref_seq_dif.pdbx_ordinal 
1 6BKL ACE A 1  ? UNP Q20MD5 ? ? acetylation 21 1  
1 6BKL NH2 A 27 ? UNP Q20MD5 ? ? amidation   47 2  
2 6BKL ACE B 1  ? UNP Q20MD5 ? ? acetylation 21 3  
2 6BKL NH2 B 27 ? UNP Q20MD5 ? ? amidation   47 4  
3 6BKL ACE C 1  ? UNP Q20MD5 ? ? acetylation 21 5  
3 6BKL NH2 C 27 ? UNP Q20MD5 ? ? amidation   47 6  
4 6BKL ACE D 1  ? UNP Q20MD5 ? ? acetylation 21 7  
4 6BKL NH2 D 27 ? UNP Q20MD5 ? ? amidation   47 8  
5 6BKL ACE E 1  ? UNP Q20MD5 ? ? acetylation 21 9  
5 6BKL NH2 E 27 ? UNP Q20MD5 ? ? amidation   47 10 
6 6BKL ACE F 1  ? UNP Q20MD5 ? ? acetylation 21 11 
6 6BKL NH2 F 27 ? UNP Q20MD5 ? ? amidation   47 12 
7 6BKL ACE G 1  ? UNP Q20MD5 ? ? acetylation 21 13 
7 6BKL NH2 G 27 ? UNP Q20MD5 ? ? amidation   47 14 
8 6BKL ACE H 1  ? UNP Q20MD5 ? ? acetylation 21 15 
8 6BKL NH2 H 27 ? UNP Q20MD5 ? ? amidation   47 16 
# 
loop_
_pdbx_struct_assembly.id 
_pdbx_struct_assembly.details 
_pdbx_struct_assembly.method_details 
_pdbx_struct_assembly.oligomeric_details 
_pdbx_struct_assembly.oligomeric_count 
1 author_and_software_defined_assembly PISA tetrameric 4 
2 author_and_software_defined_assembly PISA tetrameric 4 
# 
loop_
_pdbx_struct_assembly_prop.biol_id 
_pdbx_struct_assembly_prop.type 
_pdbx_struct_assembly_prop.value 
_pdbx_struct_assembly_prop.details 
1 'ABSA (A^2)' 4440 ? 
1 MORE         -46  ? 
1 'SSA (A^2)'  5490 ? 
2 'ABSA (A^2)' 4420 ? 
2 MORE         -44  ? 
2 'SSA (A^2)'  5520 ? 
# 
loop_
_pdbx_struct_assembly_gen.assembly_id 
_pdbx_struct_assembly_gen.oper_expression 
_pdbx_struct_assembly_gen.asym_id_list 
1 1 A,B,C,D,I,J,M,N,O,P 
2 1 E,F,G,H,K,L,Q,R,S,T 
# 
_pdbx_struct_assembly_auth_evidence.id                     1 
_pdbx_struct_assembly_auth_evidence.assembly_id            1 
_pdbx_struct_assembly_auth_evidence.experimental_support   none 
_pdbx_struct_assembly_auth_evidence.details                ? 
# 
_pdbx_struct_oper_list.id                   1 
_pdbx_struct_oper_list.type                 'identity operation' 
_pdbx_struct_oper_list.name                 1_555 
_pdbx_struct_oper_list.symmetry_operation   x,y,z 
_pdbx_struct_oper_list.matrix[1][1]         1.0000000000 
_pdbx_struct_oper_list.matrix[1][2]         0.0000000000 
_pdbx_struct_oper_list.matrix[1][3]         0.0000000000 
_pdbx_struct_oper_list.vector[1]            0.0000000000 
_pdbx_struct_oper_list.matrix[2][1]         0.0000000000 
_pdbx_struct_oper_list.matrix[2][2]         1.0000000000 
_pdbx_struct_oper_list.matrix[2][3]         0.0000000000 
_pdbx_struct_oper_list.vector[2]            0.0000000000 
_pdbx_struct_oper_list.matrix[3][1]         0.0000000000 
_pdbx_struct_oper_list.matrix[3][2]         0.0000000000 
_pdbx_struct_oper_list.matrix[3][3]         1.0000000000 
_pdbx_struct_oper_list.vector[3]            0.0000000000 
# 
loop_
_struct_conf.conf_type_id 
_struct_conf.id 
_struct_conf.pdbx_PDB_helix_id 
_struct_conf.beg_label_comp_id 
_struct_conf.beg_label_asym_id 
_struct_conf.beg_label_seq_id 
_struct_conf.pdbx_beg_PDB_ins_code 
_struct_conf.end_label_comp_id 
_struct_conf.end_label_asym_id 
_struct_conf.end_label_seq_id 
_struct_conf.pdbx_end_PDB_ins_code 
_struct_conf.beg_auth_comp_id 
_struct_conf.beg_auth_asym_id 
_struct_conf.beg_auth_seq_id 
_struct_conf.end_auth_comp_id 
_struct_conf.end_auth_asym_id 
_struct_conf.end_auth_seq_id 
_struct_conf.pdbx_PDB_helix_class 
_struct_conf.details 
_struct_conf.pdbx_PDB_helix_length 
HELX_P HELX_P1 AA1 ASP A 4 ? LEU A 26 ? ASP A 24 LEU A 46 1 ? 23 
HELX_P HELX_P2 AA2 PRO B 5 ? LEU B 26 ? PRO B 25 LEU B 46 1 ? 22 
HELX_P HELX_P3 AA3 PRO C 5 ? LEU C 26 ? PRO C 25 LEU C 46 1 ? 22 
HELX_P HELX_P4 AA4 PRO D 5 ? LEU D 26 ? PRO D 25 LEU D 46 1 ? 22 
HELX_P HELX_P5 AA5 ASP E 4 ? LEU E 26 ? ASP E 24 LEU E 46 1 ? 23 
HELX_P HELX_P6 AA6 PRO F 5 ? LEU F 26 ? PRO F 25 LEU F 46 1 ? 22 
HELX_P HELX_P7 AA7 PRO G 5 ? LEU G 26 ? PRO G 25 LEU G 46 1 ? 22 
HELX_P HELX_P8 AA8 PRO H 5 ? LEU H 26 ? PRO H 25 LEU H 46 1 ? 22 
# 
_struct_conf_type.id          HELX_P 
_struct_conf_type.criteria    ? 
_struct_conf_type.reference   ? 
# 
loop_
_struct_site.id 
_struct_site.pdbx_evidence_code 
_struct_site.pdbx_auth_asym_id 
_struct_site.pdbx_auth_comp_id 
_struct_site.pdbx_auth_seq_id 
_struct_site.pdbx_auth_ins_code 
_struct_site.pdbx_num_residues 
_struct_site.details 
AC1 Software C EU7 101 ? 9  'binding site for residue EU7 C 101' 
AC2 Software D RIM 101 ? 9  'binding site for residue RIM D 101' 
AC3 Software F RIM 101 ? 10 'binding site for residue RIM F 101' 
AC4 Software G EU7 101 ? 10 'binding site for residue EU7 G 101' 
# 
loop_
_struct_site_gen.id 
_struct_site_gen.site_id 
_struct_site_gen.pdbx_num_res 
_struct_site_gen.label_comp_id 
_struct_site_gen.label_asym_id 
_struct_site_gen.label_seq_id 
_struct_site_gen.pdbx_auth_ins_code 
_struct_site_gen.auth_comp_id 
_struct_site_gen.auth_asym_id 
_struct_site_gen.auth_seq_id 
_struct_site_gen.label_atom_id 
_struct_site_gen.label_alt_id 
_struct_site_gen.symmetry 
_struct_site_gen.details 
1  AC1 9  SER A 11 ? SER A 31  . ? 1_555 ? 
2  AC1 9  SER B 11 ? SER B 31  . ? 1_555 ? 
3  AC1 9  ALA C 10 ? ALA C 30  . ? 1_555 ? 
4  AC1 9  SER C 11 ? SER C 31  . ? 1_555 ? 
5  AC1 9  HOH O .  ? HOH C 201 . ? 1_555 ? 
6  AC1 9  HOH O .  ? HOH C 204 . ? 1_555 ? 
7  AC1 9  SER D 11 ? SER D 31  . ? 1_555 ? 
8  AC1 9  RIM J .  ? RIM D 101 . ? 1_555 ? 
9  AC1 9  HOH P .  ? HOH D 203 . ? 1_555 ? 
10 AC2 9  SER A 11 ? SER A 31  . ? 1_555 ? 
11 AC2 9  SER B 11 ? SER B 31  . ? 1_555 ? 
12 AC2 9  SER C 11 ? SER C 31  . ? 1_555 ? 
13 AC2 9  EU7 I .  ? EU7 C 101 . ? 1_555 ? 
14 AC2 9  HOH O .  ? HOH C 201 . ? 1_555 ? 
15 AC2 9  HOH O .  ? HOH C 204 . ? 1_555 ? 
16 AC2 9  ALA D 10 ? ALA D 30  . ? 1_555 ? 
17 AC2 9  SER D 11 ? SER D 31  . ? 1_555 ? 
18 AC2 9  HOH P .  ? HOH D 203 . ? 1_555 ? 
19 AC3 10 ALA E 10 ? ALA E 30  . ? 1_555 ? 
20 AC3 10 SER E 11 ? SER E 31  . ? 1_555 ? 
21 AC3 10 SER F 11 ? SER F 31  . ? 1_555 ? 
22 AC3 10 HOH R .  ? HOH F 201 . ? 1_555 ? 
23 AC3 10 SER G 11 ? SER G 31  . ? 1_555 ? 
24 AC3 10 EU7 L .  ? EU7 G 101 . ? 1_555 ? 
25 AC3 10 HOH S .  ? HOH G 201 . ? 1_555 ? 
26 AC3 10 HOH S .  ? HOH G 203 . ? 1_555 ? 
27 AC3 10 ALA H 10 ? ALA H 30  . ? 1_555 ? 
28 AC3 10 SER H 11 ? SER H 31  . ? 1_555 ? 
29 AC4 10 SER E 11 ? SER E 31  . ? 1_555 ? 
30 AC4 10 SER F 11 ? SER F 31  . ? 1_555 ? 
31 AC4 10 RIM K .  ? RIM F 101 . ? 1_555 ? 
32 AC4 10 HOH R .  ? HOH F 201 . ? 1_555 ? 
33 AC4 10 ALA G 10 ? ALA G 30  . ? 1_555 ? 
34 AC4 10 SER G 11 ? SER G 31  . ? 1_555 ? 
35 AC4 10 GLY G 14 ? GLY G 34  . ? 1_555 ? 
36 AC4 10 HOH S .  ? HOH G 201 . ? 1_555 ? 
37 AC4 10 HOH S .  ? HOH G 203 . ? 1_555 ? 
38 AC4 10 SER H 11 ? SER H 31  . ? 1_555 ? 
# 
_pdbx_entry_details.entry_id                   6BKL 
_pdbx_entry_details.compound_details           ? 
_pdbx_entry_details.source_details             ? 
_pdbx_entry_details.nonpolymer_details         ? 
_pdbx_entry_details.sequence_details           ? 
_pdbx_entry_details.has_ligand_of_interest     ? 
_pdbx_entry_details.has_protein_modification   N 
# 
loop_
_pdbx_unobs_or_zero_occ_residues.id 
_pdbx_unobs_or_zero_occ_residues.PDB_model_num 
_pdbx_unobs_or_zero_occ_residues.polymer_flag 
_pdbx_unobs_or_zero_occ_residues.occupancy_flag 
_pdbx_unobs_or_zero_occ_residues.auth_asym_id 
_pdbx_unobs_or_zero_occ_residues.auth_comp_id 
_pdbx_unobs_or_zero_occ_residues.auth_seq_id 
_pdbx_unobs_or_zero_occ_residues.PDB_ins_code 
_pdbx_unobs_or_zero_occ_residues.label_asym_id 
_pdbx_unobs_or_zero_occ_residues.label_comp_id 
_pdbx_unobs_or_zero_occ_residues.label_seq_id 
1  1 Y 1 A ACE 21 ? A ACE 1  
2  1 Y 1 A SER 22 ? A SER 2  
3  1 Y 1 A NH2 47 ? A NH2 27 
4  1 Y 1 B ACE 21 ? B ACE 1  
5  1 Y 1 B SER 22 ? B SER 2  
6  1 Y 1 B SER 23 ? B SER 3  
7  1 Y 1 B NH2 47 ? B NH2 27 
8  1 Y 1 C ACE 21 ? C ACE 1  
9  1 Y 1 C SER 22 ? C SER 2  
10 1 Y 1 C SER 23 ? C SER 3  
11 1 Y 1 C NH2 47 ? C NH2 27 
12 1 Y 1 D ACE 21 ? D ACE 1  
13 1 Y 1 D SER 22 ? D SER 2  
14 1 Y 1 D SER 23 ? D SER 3  
15 1 Y 1 D NH2 47 ? D NH2 27 
16 1 Y 1 E ACE 21 ? E ACE 1  
17 1 Y 1 E SER 22 ? E SER 2  
18 1 Y 1 E NH2 47 ? E NH2 27 
19 1 Y 1 F ACE 21 ? F ACE 1  
20 1 Y 1 F SER 22 ? F SER 2  
21 1 Y 1 F SER 23 ? F SER 3  
22 1 Y 1 F NH2 47 ? F NH2 27 
23 1 Y 1 G ACE 21 ? G ACE 1  
24 1 Y 1 G SER 22 ? G SER 2  
25 1 Y 1 G SER 23 ? G SER 3  
26 1 Y 1 G NH2 47 ? G NH2 27 
27 1 Y 1 H ACE 21 ? H ACE 1  
28 1 Y 1 H SER 22 ? H SER 2  
29 1 Y 1 H SER 23 ? H SER 3  
30 1 Y 1 H NH2 47 ? H NH2 27 
# 
loop_
_chem_comp_atom.comp_id 
_chem_comp_atom.atom_id 
_chem_comp_atom.type_symbol 
_chem_comp_atom.pdbx_aromatic_flag 
_chem_comp_atom.pdbx_stereo_config 
_chem_comp_atom.pdbx_ordinal 
ACE C    C N N 1   
ACE O    O N N 2   
ACE CH3  C N N 3   
ACE H    H N N 4   
ACE H1   H N N 5   
ACE H2   H N N 6   
ACE H3   H N N 7   
ALA N    N N N 8   
ALA CA   C N S 9   
ALA C    C N N 10  
ALA O    O N N 11  
ALA CB   C N N 12  
ALA OXT  O N N 13  
ALA H    H N N 14  
ALA H2   H N N 15  
ALA HA   H N N 16  
ALA HB1  H N N 17  
ALA HB2  H N N 18  
ALA HB3  H N N 19  
ALA HXT  H N N 20  
ARG N    N N N 21  
ARG CA   C N S 22  
ARG C    C N N 23  
ARG O    O N N 24  
ARG CB   C N N 25  
ARG CG   C N N 26  
ARG CD   C N N 27  
ARG NE   N N N 28  
ARG CZ   C N N 29  
ARG NH1  N N N 30  
ARG NH2  N N N 31  
ARG OXT  O N N 32  
ARG H    H N N 33  
ARG H2   H N N 34  
ARG HA   H N N 35  
ARG HB2  H N N 36  
ARG HB3  H N N 37  
ARG HG2  H N N 38  
ARG HG3  H N N 39  
ARG HD2  H N N 40  
ARG HD3  H N N 41  
ARG HE   H N N 42  
ARG HH11 H N N 43  
ARG HH12 H N N 44  
ARG HH21 H N N 45  
ARG HH22 H N N 46  
ARG HXT  H N N 47  
ASP N    N N N 48  
ASP CA   C N S 49  
ASP C    C N N 50  
ASP O    O N N 51  
ASP CB   C N N 52  
ASP CG   C N N 53  
ASP OD1  O N N 54  
ASP OD2  O N N 55  
ASP OXT  O N N 56  
ASP H    H N N 57  
ASP H2   H N N 58  
ASP HA   H N N 59  
ASP HB2  H N N 60  
ASP HB3  H N N 61  
ASP HD2  H N N 62  
ASP HXT  H N N 63  
EU7 CA   C N N 64  
EU7 CB   C N S 65  
EU7 NC   N N N 66  
EU7 CD   C N N 67  
EU7 CE1  C N N 68  
EU7 CE2  C N N 69  
EU7 CE3  C N N 70  
EU7 CF1  C N N 71  
EU7 CF2  C N N 72  
EU7 CF3  C N N 73  
EU7 CG1  C N N 74  
EU7 CG2  C N N 75  
EU7 CG3  C N N 76  
EU7 HA3  H N N 77  
EU7 HA2  H N N 78  
EU7 HA1  H N N 79  
EU7 HB   H N N 80  
EU7 HNC2 H N N 81  
EU7 HNC3 H N N 82  
EU7 HE12 H N N 83  
EU7 HE11 H N N 84  
EU7 HE22 H N N 85  
EU7 HE21 H N N 86  
EU7 HE32 H N N 87  
EU7 HE31 H N N 88  
EU7 HF1  H N N 89  
EU7 HF2  H N N 90  
EU7 HF3  H N N 91  
EU7 HG12 H N N 92  
EU7 HG11 H N N 93  
EU7 HG22 H N N 94  
EU7 HG21 H N N 95  
EU7 HG32 H N N 96  
EU7 HG31 H N N 97  
GLY N    N N N 98  
GLY CA   C N N 99  
GLY C    C N N 100 
GLY O    O N N 101 
GLY OXT  O N N 102 
GLY H    H N N 103 
GLY H2   H N N 104 
GLY HA2  H N N 105 
GLY HA3  H N N 106 
GLY HXT  H N N 107 
HIS N    N N N 108 
HIS CA   C N S 109 
HIS C    C N N 110 
HIS O    O N N 111 
HIS CB   C N N 112 
HIS CG   C Y N 113 
HIS ND1  N Y N 114 
HIS CD2  C Y N 115 
HIS CE1  C Y N 116 
HIS NE2  N Y N 117 
HIS OXT  O N N 118 
HIS H    H N N 119 
HIS H2   H N N 120 
HIS HA   H N N 121 
HIS HB2  H N N 122 
HIS HB3  H N N 123 
HIS HD1  H N N 124 
HIS HD2  H N N 125 
HIS HE1  H N N 126 
HIS HE2  H N N 127 
HIS HXT  H N N 128 
HOH O    O N N 129 
HOH H1   H N N 130 
HOH H2   H N N 131 
ILE N    N N N 132 
ILE CA   C N S 133 
ILE C    C N N 134 
ILE O    O N N 135 
ILE CB   C N S 136 
ILE CG1  C N N 137 
ILE CG2  C N N 138 
ILE CD1  C N N 139 
ILE OXT  O N N 140 
ILE H    H N N 141 
ILE H2   H N N 142 
ILE HA   H N N 143 
ILE HB   H N N 144 
ILE HG12 H N N 145 
ILE HG13 H N N 146 
ILE HG21 H N N 147 
ILE HG22 H N N 148 
ILE HG23 H N N 149 
ILE HD11 H N N 150 
ILE HD12 H N N 151 
ILE HD13 H N N 152 
ILE HXT  H N N 153 
LEU N    N N N 154 
LEU CA   C N S 155 
LEU C    C N N 156 
LEU O    O N N 157 
LEU CB   C N N 158 
LEU CG   C N N 159 
LEU CD1  C N N 160 
LEU CD2  C N N 161 
LEU OXT  O N N 162 
LEU H    H N N 163 
LEU H2   H N N 164 
LEU HA   H N N 165 
LEU HB2  H N N 166 
LEU HB3  H N N 167 
LEU HG   H N N 168 
LEU HD11 H N N 169 
LEU HD12 H N N 170 
LEU HD13 H N N 171 
LEU HD21 H N N 172 
LEU HD22 H N N 173 
LEU HD23 H N N 174 
LEU HXT  H N N 175 
NH2 N    N N N 176 
NH2 HN1  H N N 177 
NH2 HN2  H N N 178 
PRO N    N N N 179 
PRO CA   C N S 180 
PRO C    C N N 181 
PRO O    O N N 182 
PRO CB   C N N 183 
PRO CG   C N N 184 
PRO CD   C N N 185 
PRO OXT  O N N 186 
PRO H    H N N 187 
PRO HA   H N N 188 
PRO HB2  H N N 189 
PRO HB3  H N N 190 
PRO HG2  H N N 191 
PRO HG3  H N N 192 
PRO HD2  H N N 193 
PRO HD3  H N N 194 
PRO HXT  H N N 195 
RIM CA   C N N 196 
RIM CB   C N R 197 
RIM NC   N N N 198 
RIM CD   C N N 199 
RIM CE1  C N N 200 
RIM CE2  C N N 201 
RIM CE3  C N N 202 
RIM CF1  C N N 203 
RIM CF2  C N N 204 
RIM CF3  C N N 205 
RIM CG1  C N N 206 
RIM CG2  C N N 207 
RIM CG3  C N N 208 
RIM HA1  H N N 209 
RIM HA2  H N N 210 
RIM HA3  H N N 211 
RIM HB   H N N 212 
RIM HNC1 H N N 213 
RIM HNC2 H N N 214 
RIM HE11 H N N 215 
RIM HE12 H N N 216 
RIM HE21 H N N 217 
RIM HE22 H N N 218 
RIM HE31 H N N 219 
RIM HE32 H N N 220 
RIM HF1  H N N 221 
RIM HF2  H N N 222 
RIM HF3  H N N 223 
RIM HG11 H N N 224 
RIM HG12 H N N 225 
RIM HG21 H N N 226 
RIM HG22 H N N 227 
RIM HG31 H N N 228 
RIM HG32 H N N 229 
SER N    N N N 230 
SER CA   C N S 231 
SER C    C N N 232 
SER O    O N N 233 
SER CB   C N N 234 
SER OG   O N N 235 
SER OXT  O N N 236 
SER H    H N N 237 
SER H2   H N N 238 
SER HA   H N N 239 
SER HB2  H N N 240 
SER HB3  H N N 241 
SER HG   H N N 242 
SER HXT  H N N 243 
TRP N    N N N 244 
TRP CA   C N S 245 
TRP C    C N N 246 
TRP O    O N N 247 
TRP CB   C N N 248 
TRP CG   C Y N 249 
TRP CD1  C Y N 250 
TRP CD2  C Y N 251 
TRP NE1  N Y N 252 
TRP CE2  C Y N 253 
TRP CE3  C Y N 254 
TRP CZ2  C Y N 255 
TRP CZ3  C Y N 256 
TRP CH2  C Y N 257 
TRP OXT  O N N 258 
TRP H    H N N 259 
TRP H2   H N N 260 
TRP HA   H N N 261 
TRP HB2  H N N 262 
TRP HB3  H N N 263 
TRP HD1  H N N 264 
TRP HE1  H N N 265 
TRP HE3  H N N 266 
TRP HZ2  H N N 267 
TRP HZ3  H N N 268 
TRP HH2  H N N 269 
TRP HXT  H N N 270 
VAL N    N N N 271 
VAL CA   C N S 272 
VAL C    C N N 273 
VAL O    O N N 274 
VAL CB   C N N 275 
VAL CG1  C N N 276 
VAL CG2  C N N 277 
VAL OXT  O N N 278 
VAL H    H N N 279 
VAL H2   H N N 280 
VAL HA   H N N 281 
VAL HB   H N N 282 
VAL HG11 H N N 283 
VAL HG12 H N N 284 
VAL HG13 H N N 285 
VAL HG21 H N N 286 
VAL HG22 H N N 287 
VAL HG23 H N N 288 
VAL HXT  H N N 289 
# 
loop_
_chem_comp_bond.comp_id 
_chem_comp_bond.atom_id_1 
_chem_comp_bond.atom_id_2 
_chem_comp_bond.value_order 
_chem_comp_bond.pdbx_aromatic_flag 
_chem_comp_bond.pdbx_stereo_config 
_chem_comp_bond.pdbx_ordinal 
ACE C   O    doub N N 1   
ACE C   CH3  sing N N 2   
ACE C   H    sing N N 3   
ACE CH3 H1   sing N N 4   
ACE CH3 H2   sing N N 5   
ACE CH3 H3   sing N N 6   
ALA N   CA   sing N N 7   
ALA N   H    sing N N 8   
ALA N   H2   sing N N 9   
ALA CA  C    sing N N 10  
ALA CA  CB   sing N N 11  
ALA CA  HA   sing N N 12  
ALA C   O    doub N N 13  
ALA C   OXT  sing N N 14  
ALA CB  HB1  sing N N 15  
ALA CB  HB2  sing N N 16  
ALA CB  HB3  sing N N 17  
ALA OXT HXT  sing N N 18  
ARG N   CA   sing N N 19  
ARG N   H    sing N N 20  
ARG N   H2   sing N N 21  
ARG CA  C    sing N N 22  
ARG CA  CB   sing N N 23  
ARG CA  HA   sing N N 24  
ARG C   O    doub N N 25  
ARG C   OXT  sing N N 26  
ARG CB  CG   sing N N 27  
ARG CB  HB2  sing N N 28  
ARG CB  HB3  sing N N 29  
ARG CG  CD   sing N N 30  
ARG CG  HG2  sing N N 31  
ARG CG  HG3  sing N N 32  
ARG CD  NE   sing N N 33  
ARG CD  HD2  sing N N 34  
ARG CD  HD3  sing N N 35  
ARG NE  CZ   sing N N 36  
ARG NE  HE   sing N N 37  
ARG CZ  NH1  sing N N 38  
ARG CZ  NH2  doub N N 39  
ARG NH1 HH11 sing N N 40  
ARG NH1 HH12 sing N N 41  
ARG NH2 HH21 sing N N 42  
ARG NH2 HH22 sing N N 43  
ARG OXT HXT  sing N N 44  
ASP N   CA   sing N N 45  
ASP N   H    sing N N 46  
ASP N   H2   sing N N 47  
ASP CA  C    sing N N 48  
ASP CA  CB   sing N N 49  
ASP CA  HA   sing N N 50  
ASP C   O    doub N N 51  
ASP C   OXT  sing N N 52  
ASP CB  CG   sing N N 53  
ASP CB  HB2  sing N N 54  
ASP CB  HB3  sing N N 55  
ASP CG  OD1  doub N N 56  
ASP CG  OD2  sing N N 57  
ASP OD2 HD2  sing N N 58  
ASP OXT HXT  sing N N 59  
EU7 CA  CB   sing N N 60  
EU7 CB  NC   sing N N 61  
EU7 CB  CD   sing N N 62  
EU7 CD  CE1  sing N N 63  
EU7 CD  CE2  sing N N 64  
EU7 CD  CE3  sing N N 65  
EU7 CE1 CF1  sing N N 66  
EU7 CE2 CF2  sing N N 67  
EU7 CE3 CF3  sing N N 68  
EU7 CF1 CG1  sing N N 69  
EU7 CF1 CG3  sing N N 70  
EU7 CF2 CG1  sing N N 71  
EU7 CF2 CG2  sing N N 72  
EU7 CF3 CG2  sing N N 73  
EU7 CF3 CG3  sing N N 74  
EU7 CA  HA3  sing N N 75  
EU7 CA  HA2  sing N N 76  
EU7 CA  HA1  sing N N 77  
EU7 CB  HB   sing N N 78  
EU7 NC  HNC2 sing N N 79  
EU7 NC  HNC3 sing N N 80  
EU7 CE1 HE12 sing N N 81  
EU7 CE1 HE11 sing N N 82  
EU7 CE2 HE22 sing N N 83  
EU7 CE2 HE21 sing N N 84  
EU7 CE3 HE32 sing N N 85  
EU7 CE3 HE31 sing N N 86  
EU7 CF1 HF1  sing N N 87  
EU7 CF2 HF2  sing N N 88  
EU7 CF3 HF3  sing N N 89  
EU7 CG1 HG12 sing N N 90  
EU7 CG1 HG11 sing N N 91  
EU7 CG2 HG22 sing N N 92  
EU7 CG2 HG21 sing N N 93  
EU7 CG3 HG32 sing N N 94  
EU7 CG3 HG31 sing N N 95  
GLY N   CA   sing N N 96  
GLY N   H    sing N N 97  
GLY N   H2   sing N N 98  
GLY CA  C    sing N N 99  
GLY CA  HA2  sing N N 100 
GLY CA  HA3  sing N N 101 
GLY C   O    doub N N 102 
GLY C   OXT  sing N N 103 
GLY OXT HXT  sing N N 104 
HIS N   CA   sing N N 105 
HIS N   H    sing N N 106 
HIS N   H2   sing N N 107 
HIS CA  C    sing N N 108 
HIS CA  CB   sing N N 109 
HIS CA  HA   sing N N 110 
HIS C   O    doub N N 111 
HIS C   OXT  sing N N 112 
HIS CB  CG   sing N N 113 
HIS CB  HB2  sing N N 114 
HIS CB  HB3  sing N N 115 
HIS CG  ND1  sing Y N 116 
HIS CG  CD2  doub Y N 117 
HIS ND1 CE1  doub Y N 118 
HIS ND1 HD1  sing N N 119 
HIS CD2 NE2  sing Y N 120 
HIS CD2 HD2  sing N N 121 
HIS CE1 NE2  sing Y N 122 
HIS CE1 HE1  sing N N 123 
HIS NE2 HE2  sing N N 124 
HIS OXT HXT  sing N N 125 
HOH O   H1   sing N N 126 
HOH O   H2   sing N N 127 
ILE N   CA   sing N N 128 
ILE N   H    sing N N 129 
ILE N   H2   sing N N 130 
ILE CA  C    sing N N 131 
ILE CA  CB   sing N N 132 
ILE CA  HA   sing N N 133 
ILE C   O    doub N N 134 
ILE C   OXT  sing N N 135 
ILE CB  CG1  sing N N 136 
ILE CB  CG2  sing N N 137 
ILE CB  HB   sing N N 138 
ILE CG1 CD1  sing N N 139 
ILE CG1 HG12 sing N N 140 
ILE CG1 HG13 sing N N 141 
ILE CG2 HG21 sing N N 142 
ILE CG2 HG22 sing N N 143 
ILE CG2 HG23 sing N N 144 
ILE CD1 HD11 sing N N 145 
ILE CD1 HD12 sing N N 146 
ILE CD1 HD13 sing N N 147 
ILE OXT HXT  sing N N 148 
LEU N   CA   sing N N 149 
LEU N   H    sing N N 150 
LEU N   H2   sing N N 151 
LEU CA  C    sing N N 152 
LEU CA  CB   sing N N 153 
LEU CA  HA   sing N N 154 
LEU C   O    doub N N 155 
LEU C   OXT  sing N N 156 
LEU CB  CG   sing N N 157 
LEU CB  HB2  sing N N 158 
LEU CB  HB3  sing N N 159 
LEU CG  CD1  sing N N 160 
LEU CG  CD2  sing N N 161 
LEU CG  HG   sing N N 162 
LEU CD1 HD11 sing N N 163 
LEU CD1 HD12 sing N N 164 
LEU CD1 HD13 sing N N 165 
LEU CD2 HD21 sing N N 166 
LEU CD2 HD22 sing N N 167 
LEU CD2 HD23 sing N N 168 
LEU OXT HXT  sing N N 169 
NH2 N   HN1  sing N N 170 
NH2 N   HN2  sing N N 171 
PRO N   CA   sing N N 172 
PRO N   CD   sing N N 173 
PRO N   H    sing N N 174 
PRO CA  C    sing N N 175 
PRO CA  CB   sing N N 176 
PRO CA  HA   sing N N 177 
PRO C   O    doub N N 178 
PRO C   OXT  sing N N 179 
PRO CB  CG   sing N N 180 
PRO CB  HB2  sing N N 181 
PRO CB  HB3  sing N N 182 
PRO CG  CD   sing N N 183 
PRO CG  HG2  sing N N 184 
PRO CG  HG3  sing N N 185 
PRO CD  HD2  sing N N 186 
PRO CD  HD3  sing N N 187 
PRO OXT HXT  sing N N 188 
RIM CA  CB   sing N N 189 
RIM CA  HA1  sing N N 190 
RIM CA  HA2  sing N N 191 
RIM CA  HA3  sing N N 192 
RIM CB  CD   sing N N 193 
RIM CB  NC   sing N N 194 
RIM CB  HB   sing N N 195 
RIM NC  HNC1 sing N N 196 
RIM NC  HNC2 sing N N 197 
RIM CD  CE2  sing N N 198 
RIM CD  CE1  sing N N 199 
RIM CD  CE3  sing N N 200 
RIM CE1 CF1  sing N N 201 
RIM CE1 HE11 sing N N 202 
RIM CE1 HE12 sing N N 203 
RIM CE2 CF2  sing N N 204 
RIM CE2 HE21 sing N N 205 
RIM CE2 HE22 sing N N 206 
RIM CE3 CF3  sing N N 207 
RIM CE3 HE31 sing N N 208 
RIM CE3 HE32 sing N N 209 
RIM CF1 CG1  sing N N 210 
RIM CF1 CG3  sing N N 211 
RIM CF1 HF1  sing N N 212 
RIM CF2 CG1  sing N N 213 
RIM CF2 CG2  sing N N 214 
RIM CF2 HF2  sing N N 215 
RIM CF3 CG2  sing N N 216 
RIM CF3 CG3  sing N N 217 
RIM CF3 HF3  sing N N 218 
RIM CG1 HG11 sing N N 219 
RIM CG1 HG12 sing N N 220 
RIM CG2 HG21 sing N N 221 
RIM CG2 HG22 sing N N 222 
RIM CG3 HG31 sing N N 223 
RIM CG3 HG32 sing N N 224 
SER N   CA   sing N N 225 
SER N   H    sing N N 226 
SER N   H2   sing N N 227 
SER CA  C    sing N N 228 
SER CA  CB   sing N N 229 
SER CA  HA   sing N N 230 
SER C   O    doub N N 231 
SER C   OXT  sing N N 232 
SER CB  OG   sing N N 233 
SER CB  HB2  sing N N 234 
SER CB  HB3  sing N N 235 
SER OG  HG   sing N N 236 
SER OXT HXT  sing N N 237 
TRP N   CA   sing N N 238 
TRP N   H    sing N N 239 
TRP N   H2   sing N N 240 
TRP CA  C    sing N N 241 
TRP CA  CB   sing N N 242 
TRP CA  HA   sing N N 243 
TRP C   O    doub N N 244 
TRP C   OXT  sing N N 245 
TRP CB  CG   sing N N 246 
TRP CB  HB2  sing N N 247 
TRP CB  HB3  sing N N 248 
TRP CG  CD1  doub Y N 249 
TRP CG  CD2  sing Y N 250 
TRP CD1 NE1  sing Y N 251 
TRP CD1 HD1  sing N N 252 
TRP CD2 CE2  doub Y N 253 
TRP CD2 CE3  sing Y N 254 
TRP NE1 CE2  sing Y N 255 
TRP NE1 HE1  sing N N 256 
TRP CE2 CZ2  sing Y N 257 
TRP CE3 CZ3  doub Y N 258 
TRP CE3 HE3  sing N N 259 
TRP CZ2 CH2  doub Y N 260 
TRP CZ2 HZ2  sing N N 261 
TRP CZ3 CH2  sing Y N 262 
TRP CZ3 HZ3  sing N N 263 
TRP CH2 HH2  sing N N 264 
TRP OXT HXT  sing N N 265 
VAL N   CA   sing N N 266 
VAL N   H    sing N N 267 
VAL N   H2   sing N N 268 
VAL CA  C    sing N N 269 
VAL CA  CB   sing N N 270 
VAL CA  HA   sing N N 271 
VAL C   O    doub N N 272 
VAL C   OXT  sing N N 273 
VAL CB  CG1  sing N N 274 
VAL CB  CG2  sing N N 275 
VAL CB  HB   sing N N 276 
VAL CG1 HG11 sing N N 277 
VAL CG1 HG12 sing N N 278 
VAL CG1 HG13 sing N N 279 
VAL CG2 HG21 sing N N 280 
VAL CG2 HG22 sing N N 281 
VAL CG2 HG23 sing N N 282 
VAL OXT HXT  sing N N 283 
# 
_pdbx_audit_support.funding_organization   
'National Institutes of Health/National Institute of General Medical Sciences (NIH/NIGMS)' 
_pdbx_audit_support.country                'United States' 
_pdbx_audit_support.grant_number           R01-GM056423 
_pdbx_audit_support.ordinal                1 
# 
_pdbx_initial_refinement_model.id               1 
_pdbx_initial_refinement_model.entity_id_list   ? 
_pdbx_initial_refinement_model.type             'experimental model' 
_pdbx_initial_refinement_model.source_name      PDB 
_pdbx_initial_refinement_model.accession_code   3LBW 
_pdbx_initial_refinement_model.details          ? 
# 
_atom_sites.entry_id                    6BKL 
_atom_sites.fract_transf_matrix[1][1]   -0.00586662 
_atom_sites.fract_transf_matrix[1][2]   -0.02597608 
_atom_sites.fract_transf_matrix[1][3]   -0.00732361 
_atom_sites.fract_transf_matrix[2][1]   0.01917754 
_atom_sites.fract_transf_matrix[2][2]   -0.00205963 
_atom_sites.fract_transf_matrix[2][3]   -0.00805700 
_atom_sites.fract_transf_matrix[3][1]   0.00641279 
_atom_sites.fract_transf_matrix[3][2]   -0.00899714 
_atom_sites.fract_transf_matrix[3][3]   0.01756389 
_atom_sites.fract_transf_vector[1]      -0.000063 
_atom_sites.fract_transf_vector[2]      -0.044977 
_atom_sites.fract_transf_vector[3]      0.720127 
# 
loop_
_atom_type.symbol 
C 
H 
N 
O 
# 
loop_
_atom_site.group_PDB 
_atom_site.id 
_atom_site.type_symbol 
_atom_site.label_atom_id 
_atom_site.label_alt_id 
_atom_site.label_comp_id 
_atom_site.label_asym_id 
_atom_site.label_entity_id 
_atom_site.label_seq_id 
_atom_site.pdbx_PDB_ins_code 
_atom_site.Cartn_x 
_atom_site.Cartn_y 
_atom_site.Cartn_z 
_atom_site.occupancy 
_atom_site.B_iso_or_equiv 
_atom_site.pdbx_formal_charge 
_atom_site.auth_seq_id 
_atom_site.auth_comp_id 
_atom_site.auth_asym_id 
_atom_site.auth_atom_id 
_atom_site.pdbx_PDB_model_num 
ATOM   1    N N   . SER A 1 3  ? -7.393  21.224  -7.580  1.00 52.29  ?  23  SER A N   1 
ATOM   2    C CA  . SER A 1 3  ? -8.663  21.662  -8.154  1.00 51.58  ?  23  SER A CA  1 
ATOM   3    C C   . SER A 1 3  ? -8.753  21.409  -9.667  1.00 44.40  ?  23  SER A C   1 
ATOM   4    O O   . SER A 1 3  ? -9.810  21.613  -10.264 1.00 44.17  ?  23  SER A O   1 
ATOM   5    C CB  . SER A 1 3  ? -8.894  23.150  -7.863  1.00 57.84  ?  23  SER A CB  1 
ATOM   6    O OG  . SER A 1 3  ? -10.057 23.635  -8.516  1.00 67.52  ?  23  SER A OG  1 
ATOM   7    N N   . ASP A 1 4  ? -7.661  20.988  -10.290 1.00 32.24  ?  24  ASP A N   1 
ATOM   8    C CA  . ASP A 1 4  ? -7.740  20.570  -11.686 1.00 34.82  ?  24  ASP A CA  1 
ATOM   9    C C   . ASP A 1 4  ? -8.657  19.358  -11.776 1.00 33.11  ?  24  ASP A C   1 
ATOM   10   O O   . ASP A 1 4  ? -8.401  18.349  -11.102 1.00 26.84  ?  24  ASP A O   1 
ATOM   11   C CB  . ASP A 1 4  ? -6.359  20.224  -12.252 1.00 30.76  ?  24  ASP A CB  1 
ATOM   12   C CG  . ASP A 1 4  ? -6.380  20.014  -13.761 1.00 39.48  ?  24  ASP A CG  1 
ATOM   13   O OD1 . ASP A 1 4  ? -5.408  20.423  -14.441 1.00 42.83  ?  24  ASP A OD1 1 
ATOM   14   O OD2 . ASP A 1 4  ? -7.373  19.461  -14.282 1.00 38.77  -1 24  ASP A OD2 1 
ATOM   15   N N   . PRO A 1 5  ? -9.719  19.402  -12.586 1.00 32.38  ?  25  PRO A N   1 
ATOM   16   C CA  . PRO A 1 5  ? -10.681 18.292  -12.587 1.00 28.10  ?  25  PRO A CA  1 
ATOM   17   C C   . PRO A 1 5  ? -10.113 17.018  -13.164 1.00 22.40  ?  25  PRO A C   1 
ATOM   18   O O   . PRO A 1 5  ? -10.555 15.927  -12.782 1.00 18.83  ?  25  PRO A O   1 
ATOM   19   C CB  . PRO A 1 5  ? -11.843 18.826  -13.445 1.00 28.28  ?  25  PRO A CB  1 
ATOM   20   C CG  . PRO A 1 5  ? -11.585 20.304  -13.606 1.00 33.18  ?  25  PRO A CG  1 
ATOM   21   C CD  . PRO A 1 5  ? -10.105 20.475  -13.518 1.00 31.51  ?  25  PRO A CD  1 
ATOM   22   N N   . LEU A 1 6  ? -9.170  17.124  -14.103 1.00 24.90  ?  26  LEU A N   1 
ATOM   23   C CA  . LEU A 1 6  ? -8.440  15.946  -14.555 1.00 26.78  ?  26  LEU A CA  1 
ATOM   24   C C   . LEU A 1 6  ? -7.763  15.257  -13.381 1.00 20.28  ?  26  LEU A C   1 
ATOM   25   O O   . LEU A 1 6  ? -7.855  14.034  -13.220 1.00 17.92  ?  26  LEU A O   1 
ATOM   26   C CB  . LEU A 1 6  ? -7.395  16.334  -15.612 1.00 28.68  ?  26  LEU A CB  1 
ATOM   27   C CG  . LEU A 1 6  ? -7.671  16.022  -17.088 1.00 40.01  ?  26  LEU A CG  1 
ATOM   28   C CD1 . LEU A 1 6  ? -9.079  16.464  -17.485 1.00 29.51  ?  26  LEU A CD1 1 
ATOM   29   C CD2 . LEU A 1 6  ? -6.647  16.701  -17.981 1.00 35.73  ?  26  LEU A CD2 1 
ATOM   30   N N   . VAL A 1 7  ? -7.065  16.033  -12.560 1.00 19.59  ?  27  VAL A N   1 
ATOM   31   C CA  . VAL A 1 7  ? -6.267  15.451  -11.483 1.00 24.20  ?  27  VAL A CA  1 
ATOM   32   C C   . VAL A 1 7  ? -7.167  14.923  -10.365 1.00 18.14  ?  27  VAL A C   1 
ATOM   33   O O   . VAL A 1 7  ? -6.873  13.890  -9.739  1.00 20.78  ?  27  VAL A O   1 
ATOM   34   C CB  . VAL A 1 7  ? -5.259  16.492  -10.965 1.00 26.47  ?  27  VAL A CB  1 
ATOM   35   C CG1 . VAL A 1 7  ? -4.351  15.879  -9.930  1.00 21.39  ?  27  VAL A CG1 1 
ATOM   36   C CG2 . VAL A 1 7  ? -4.447  17.070  -12.125 1.00 23.95  ?  27  VAL A CG2 1 
ATOM   37   N N   . VAL A 1 8  ? -8.282  15.605  -10.104 1.00 22.99  ?  28  VAL A N   1 
ATOM   38   C CA  . VAL A 1 8  ? -9.224  15.075  -9.127  1.00 18.73  ?  28  VAL A CA  1 
ATOM   39   C C   . VAL A 1 8  ? -9.845  13.789  -9.652  1.00 19.87  ?  28  VAL A C   1 
ATOM   40   O O   . VAL A 1 8  ? -9.916  12.783  -8.937  1.00 20.31  ?  28  VAL A O   1 
ATOM   41   C CB  . VAL A 1 8  ? -10.276 16.140  -8.769  1.00 22.31  ?  28  VAL A CB  1 
ATOM   42   C CG1 . VAL A 1 8  ? -11.391 15.542  -7.884  1.00 25.03  ?  28  VAL A CG1 1 
ATOM   43   C CG2 . VAL A 1 8  ? -9.599  17.298  -8.044  1.00 24.35  ?  28  VAL A CG2 1 
ATOM   44   N N   . ALA A 1 9  ? -10.220 13.774  -10.934 1.00 21.96  ?  29  ALA A N   1 
ATOM   45   C CA  . ALA A 1 9  ? -10.843 12.583  -11.504 1.00 19.44  ?  29  ALA A CA  1 
ATOM   46   C C   . ALA A 1 9  ? -9.899  11.391  -11.449 1.00 17.64  ?  29  ALA A C   1 
ATOM   47   O O   . ALA A 1 9  ? -10.289 10.299  -11.019 1.00 19.76  ?  29  ALA A O   1 
ATOM   48   C CB  . ALA A 1 9  ? -11.272 12.854  -12.945 1.00 18.24  ?  29  ALA A CB  1 
ATOM   49   N N   . ALA A 1 10 ? -8.660  11.571  -11.936 1.00 22.57  ?  30  ALA A N   1 
ATOM   50   C CA  . ALA A 1 10 ? -7.673  10.497  -11.893 1.00 17.42  ?  30  ALA A CA  1 
ATOM   51   C C   . ALA A 1 10 ? -7.399  10.043  -10.467 1.00 13.47  ?  30  ALA A C   1 
ATOM   52   O O   . ALA A 1 10 ? -7.192  8.849   -10.216 1.00 18.89  ?  30  ALA A O   1 
ATOM   53   C CB  . ALA A 1 10 ? -6.372  10.947  -12.588 1.00 16.61  ?  30  ALA A CB  1 
ATOM   54   N N   . SER A 1 11 ? -7.384  10.975  -9.514  1.00 17.02  ?  31  SER A N   1 
ATOM   55   C CA  . SER A 1 11 ? -7.250  10.586  -8.106  1.00 16.30  ?  31  SER A CA  1 
ATOM   56   C C   . SER A 1 11 ? -8.366  9.635   -7.682  1.00 21.95  ?  31  SER A C   1 
ATOM   57   O O   . SER A 1 11 ? -8.110  8.601   -7.051  1.00 16.07  ?  31  SER A O   1 
ATOM   58   C CB  . SER A 1 11 ? -7.253  11.826  -7.202  1.00 21.55  ?  31  SER A CB  1 
ATOM   59   O OG  . SER A 1 11 ? -6.182  12.702  -7.516  1.00 20.61  ?  31  SER A OG  1 
ATOM   60   N N   . ILE A 1 12 ? -9.620  9.986   -8.005  1.00 16.94  ?  32  ILE A N   1 
ATOM   61   C CA  . ILE A 1 12 ? -10.755 9.139   -7.644  1.00 19.42  ?  32  ILE A CA  1 
ATOM   62   C C   . ILE A 1 12 ? -10.662 7.807   -8.363  1.00 15.37  ?  32  ILE A C   1 
ATOM   63   O O   . ILE A 1 12 ? -10.898 6.740   -7.776  1.00 17.67  ?  32  ILE A O   1 
ATOM   64   C CB  . ILE A 1 12 ? -12.081 9.857   -7.973  1.00 20.13  ?  32  ILE A CB  1 
ATOM   65   C CG1 . ILE A 1 12 ? -12.256 11.111  -7.114  1.00 16.82  ?  32  ILE A CG1 1 
ATOM   66   C CG2 . ILE A 1 12 ? -13.267 8.899   -7.858  1.00 14.77  ?  32  ILE A CG2 1 
ATOM   67   C CD1 . ILE A 1 12 ? -13.317 12.062  -7.657  1.00 23.01  ?  32  ILE A CD1 1 
ATOM   68   N N   . ILE A 1 13 ? -10.305 7.852   -9.649  1.00 21.03  ?  33  ILE A N   1 
ATOM   69   C CA  . ILE A 1 13 ? -10.200 6.650   -10.465 1.00 21.86  ?  33  ILE A CA  1 
ATOM   70   C C   . ILE A 1 13 ? -9.063  5.759   -9.972  1.00 18.70  ?  33  ILE A C   1 
ATOM   71   O O   . ILE A 1 13 ? -9.197  4.528   -9.932  1.00 16.50  ?  33  ILE A O   1 
ATOM   72   C CB  . ILE A 1 13 ? -10.022 7.054   -11.941 1.00 18.34  ?  33  ILE A CB  1 
ATOM   73   C CG1 . ILE A 1 13 ? -11.306 7.696   -12.472 1.00 26.00  ?  33  ILE A CG1 1 
ATOM   74   C CG2 . ILE A 1 13 ? -9.639  5.871   -12.783 1.00 23.64  ?  33  ILE A CG2 1 
ATOM   75   C CD1 . ILE A 1 13 ? -11.112 8.329   -13.852 1.00 28.05  ?  33  ILE A CD1 1 
ATOM   76   N N   . GLY A 1 14 ? -7.927  6.362   -9.607  1.00 18.17  ?  34  GLY A N   1 
ATOM   77   C CA  . GLY A 1 14 ? -6.821  5.583   -9.061  1.00 20.80  ?  34  GLY A CA  1 
ATOM   78   C C   . GLY A 1 14 ? -7.184  4.866   -7.773  1.00 20.23  ?  34  GLY A C   1 
ATOM   79   O O   . GLY A 1 14 ? -6.764  3.727   -7.546  1.00 20.06  ?  34  GLY A O   1 
ATOM   80   N N   . ILE A 1 15 ? -7.976  5.509   -6.912  1.00 19.48  ?  35  ILE A N   1 
ATOM   81   C CA  . ILE A 1 15 ? -8.403  4.836   -5.681  1.00 18.42  ?  35  ILE A CA  1 
ATOM   82   C C   . ILE A 1 15 ? -9.341  3.672   -6.006  1.00 15.49  ?  35  ILE A C   1 
ATOM   83   O O   . ILE A 1 15 ? -9.206  2.575   -5.448  1.00 15.24  ?  35  ILE A O   1 
ATOM   84   C CB  . ILE A 1 15 ? -9.039  5.842   -4.705  1.00 22.66  ?  35  ILE A CB  1 
ATOM   85   C CG1 . ILE A 1 15 ? -7.971  6.825   -4.190  1.00 20.73  ?  35  ILE A CG1 1 
ATOM   86   C CG2 . ILE A 1 15 ? -9.706  5.109   -3.550  1.00 28.72  ?  35  ILE A CG2 1 
ATOM   87   C CD1 . ILE A 1 15 ? -8.532  8.184   -3.743  1.00 19.76  ?  35  ILE A CD1 1 
ATOM   88   N N   . LEU A 1 16 ? -10.268 3.868   -6.953  1.00 15.79  ?  36  LEU A N   1 
ATOM   89   C CA  . LEU A 1 16 ? -11.153 2.778   -7.364  1.00 14.87  ?  36  LEU A CA  1 
ATOM   90   C C   . LEU A 1 16 ? -10.373 1.635   -7.997  1.00 19.36  ?  36  LEU A C   1 
ATOM   91   O O   . LEU A 1 16 ? -10.635 0.456   -7.717  1.00 20.73  ?  36  LEU A O   1 
ATOM   92   C CB  . LEU A 1 16 ? -12.205 3.302   -8.345  1.00 17.54  ?  36  LEU A CB  1 
ATOM   93   C CG  . LEU A 1 16 ? -13.037 2.249   -9.087  1.00 21.17  ?  36  LEU A CG  1 
ATOM   94   C CD1 . LEU A 1 16 ? -13.998 1.540   -8.139  1.00 21.77  ?  36  LEU A CD1 1 
ATOM   95   C CD2 . LEU A 1 16 ? -13.798 2.881   -10.261 1.00 26.68  ?  36  LEU A CD2 1 
ATOM   96   N N   . HIS A 1 17 ? -9.432  1.968   -8.887  1.00 19.39  ?  37  HIS A N   1 
ATOM   97   C CA  . HIS A 1 17 ? -8.583  0.963   -9.523  1.00 20.87  ?  37  HIS A CA  1 
ATOM   98   C C   . HIS A 1 17 ? -7.931  0.051   -8.487  1.00 16.43  ?  37  HIS A C   1 
ATOM   99   O O   . HIS A 1 17 ? -7.952  -1.177  -8.624  1.00 16.47  ?  37  HIS A O   1 
ATOM   100  C CB  . HIS A 1 17 ? -7.533  1.663   -10.398 1.00 18.69  ?  37  HIS A CB  1 
ATOM   101  C CG  . HIS A 1 17 ? -6.874  0.766   -11.405 1.00 22.74  ?  37  HIS A CG  1 
ATOM   102  N ND1 . HIS A 1 17 ? -5.954  1.230   -12.320 1.00 29.16  ?  37  HIS A ND1 1 
ATOM   103  C CD2 . HIS A 1 17 ? -7.000  -0.564  -11.640 1.00 26.16  ?  37  HIS A CD2 1 
ATOM   104  C CE1 . HIS A 1 17 ? -5.530  0.222   -13.065 1.00 29.00  ?  37  HIS A CE1 1 
ATOM   105  N NE2 . HIS A 1 17 ? -6.149  -0.877  -12.672 1.00 22.74  ?  37  HIS A NE2 1 
ATOM   106  N N   . LEU A 1 18 ? -7.380  0.629   -7.416  1.00 14.17  ?  38  LEU A N   1 
ATOM   107  C CA  . LEU A 1 18 ? -6.782  -0.214  -6.381  1.00 22.57  ?  38  LEU A CA  1 
ATOM   108  C C   . LEU A 1 18 ? -7.826  -1.093  -5.702  1.00 24.86  ?  38  LEU A C   1 
ATOM   109  O O   . LEU A 1 18 ? -7.550  -2.256  -5.374  1.00 23.75  ?  38  LEU A O   1 
ATOM   110  C CB  . LEU A 1 18 ? -6.053  0.626   -5.328  1.00 22.12  ?  38  LEU A CB  1 
ATOM   111  C CG  . LEU A 1 18 ? -5.307  -0.230  -4.281  1.00 27.98  ?  38  LEU A CG  1 
ATOM   112  C CD1 . LEU A 1 18 ? -4.295  -1.177  -4.930  1.00 25.89  ?  38  LEU A CD1 1 
ATOM   113  C CD2 . LEU A 1 18 ? -4.594  0.609   -3.245  1.00 36.42  ?  38  LEU A CD2 1 
ATOM   114  N N   . ILE A 1 19 ? -9.022  -0.551  -5.454  1.00 21.45  ?  39  ILE A N   1 
ATOM   115  C CA  . ILE A 1 19 ? -10.070 -1.354  -4.830  1.00 18.05  ?  39  ILE A CA  1 
ATOM   116  C C   . ILE A 1 19 ? -10.415 -2.552  -5.707  1.00 22.28  ?  39  ILE A C   1 
ATOM   117  O O   . ILE A 1 19 ? -10.530 -3.688  -5.228  1.00 19.76  ?  39  ILE A O   1 
ATOM   118  C CB  . ILE A 1 19 ? -11.304 -0.487  -4.542  1.00 24.34  ?  39  ILE A CB  1 
ATOM   119  C CG1 . ILE A 1 19 ? -10.944 0.627   -3.558  1.00 20.27  ?  39  ILE A CG1 1 
ATOM   120  C CG2 . ILE A 1 19 ? -12.436 -1.340  -4.013  1.00 24.57  ?  39  ILE A CG2 1 
ATOM   121  C CD1 . ILE A 1 19 ? -12.068 1.602   -3.354  1.00 25.28  ?  39  ILE A CD1 1 
ATOM   122  N N   . LEU A 1 20 ? -10.598 -2.312  -7.006  1.00 19.89  ?  40  LEU A N   1 
ATOM   123  C CA  . LEU A 1 20 ? -10.907 -3.401  -7.926  1.00 20.63  ?  40  LEU A CA  1 
ATOM   124  C C   . LEU A 1 20 ? -9.781  -4.424  -7.971  1.00 25.57  ?  40  LEU A C   1 
ATOM   125  O O   . LEU A 1 20 ? -10.028 -5.637  -8.019  1.00 23.32  ?  40  LEU A O   1 
ATOM   126  C CB  . LEU A 1 20 ? -11.160 -2.832  -9.317  1.00 19.40  ?  40  LEU A CB  1 
ATOM   127  C CG  . LEU A 1 20 ? -12.401 -1.962  -9.450  1.00 21.44  ?  40  LEU A CG  1 
ATOM   128  C CD1 . LEU A 1 20 ? -12.482 -1.369  -10.864 1.00 19.07  ?  40  LEU A CD1 1 
ATOM   129  C CD2 . LEU A 1 20 ? -13.598 -2.838  -9.152  1.00 22.68  ?  40  LEU A CD2 1 
ATOM   130  N N   . TRP A 1 21 ? -8.536  -3.950  -8.001  1.00 20.98  ?  41  TRP A N   1 
ATOM   131  C CA  . TRP A 1 21 ? -7.395  -4.862  -8.020  1.00 24.83  ?  41  TRP A CA  1 
ATOM   132  C C   . TRP A 1 21 ? -7.366  -5.730  -6.762  1.00 29.09  ?  41  TRP A C   1 
ATOM   133  O O   . TRP A 1 21 ? -7.184  -6.951  -6.840  1.00 25.52  ?  41  TRP A O   1 
ATOM   134  C CB  . TRP A 1 21 ? -6.100  -4.064  -8.163  1.00 26.16  ?  41  TRP A CB  1 
ATOM   135  C CG  . TRP A 1 21 ? -4.882  -4.927  -8.427  1.00 25.22  ?  41  TRP A CG  1 
ATOM   136  C CD1 . TRP A 1 21 ? -4.356  -5.246  -9.641  1.00 28.88  ?  41  TRP A CD1 1 
ATOM   137  C CD2 . TRP A 1 21 ? -4.065  -5.573  -7.448  1.00 28.44  ?  41  TRP A CD2 1 
ATOM   138  N NE1 . TRP A 1 21 ? -3.248  -6.056  -9.484  1.00 31.11  ?  41  TRP A NE1 1 
ATOM   139  C CE2 . TRP A 1 21 ? -3.046  -6.266  -8.145  1.00 37.57  ?  41  TRP A CE2 1 
ATOM   140  C CE3 . TRP A 1 21 ? -4.084  -5.625  -6.049  1.00 33.98  ?  41  TRP A CE3 1 
ATOM   141  C CZ2 . TRP A 1 21 ? -2.065  -7.012  -7.491  1.00 36.40  ?  41  TRP A CZ2 1 
ATOM   142  C CZ3 . TRP A 1 21 ? -3.106  -6.371  -5.396  1.00 36.96  ?  41  TRP A CZ3 1 
ATOM   143  C CH2 . TRP A 1 21 ? -2.114  -7.054  -6.120  1.00 37.31  ?  41  TRP A CH2 1 
ATOM   144  N N   . ILE A 1 22 ? -7.567  -5.116  -5.594  1.00 26.62  ?  42  ILE A N   1 
ATOM   145  C CA  . ILE A 1 22 ? -7.536  -5.866  -4.341  1.00 27.81  ?  42  ILE A CA  1 
ATOM   146  C C   . ILE A 1 22 ? -8.662  -6.892  -4.298  1.00 30.29  ?  42  ILE A C   1 
ATOM   147  O O   . ILE A 1 22 ? -8.441  -8.060  -3.965  1.00 28.37  ?  42  ILE A O   1 
ATOM   148  C CB  . ILE A 1 22 ? -7.592  -4.908  -3.138  1.00 29.35  ?  42  ILE A CB  1 
ATOM   149  C CG1 . ILE A 1 22 ? -6.340  -4.030  -3.106  1.00 24.11  ?  42  ILE A CG1 1 
ATOM   150  C CG2 . ILE A 1 22 ? -7.711  -5.694  -1.843  1.00 36.09  ?  42  ILE A CG2 1 
ATOM   151  C CD1 . ILE A 1 22 ? -6.284  -3.073  -1.949  1.00 31.40  ?  42  ILE A CD1 1 
ATOM   152  N N   . LEU A 1 23 ? -9.895  -6.469  -4.624  1.00 37.68  ?  43  LEU A N   1 
ATOM   153  C CA  . LEU A 1 23 ? -11.019 -7.407  -4.617  1.00 30.82  ?  43  LEU A CA  1 
ATOM   154  C C   . LEU A 1 23 ? -10.796 -8.544  -5.605  1.00 34.81  ?  43  LEU A C   1 
ATOM   155  O O   . LEU A 1 23 ? -11.140 -9.701  -5.325  1.00 28.31  ?  43  LEU A O   1 
ATOM   156  C CB  . LEU A 1 23 ? -12.326 -6.681  -4.941  1.00 25.48  ?  43  LEU A CB  1 
ATOM   157  C CG  . LEU A 1 23 ? -12.755 -5.585  -3.975  1.00 25.24  ?  43  LEU A CG  1 
ATOM   158  C CD1 . LEU A 1 23 ? -14.057 -4.960  -4.467  1.00 30.56  ?  43  LEU A CD1 1 
ATOM   159  C CD2 . LEU A 1 23 ? -12.926 -6.158  -2.565  1.00 29.08  ?  43  LEU A CD2 1 
ATOM   160  N N   . ASP A 1 24 ? -10.232 -8.231  -6.776  1.00 34.65  ?  44  ASP A N   1 
ATOM   161  C CA  . ASP A 1 24 ? -9.814  -9.254  -7.722  1.00 36.95  ?  44  ASP A CA  1 
ATOM   162  C C   . ASP A 1 24 ? -8.690  -10.120 -7.163  1.00 48.26  ?  44  ASP A C   1 
ATOM   163  O O   . ASP A 1 24 ? -8.549  -11.273 -7.580  1.00 52.80  ?  44  ASP A O   1 
ATOM   164  C CB  . ASP A 1 24 ? -9.368  -8.591  -9.028  1.00 43.51  ?  44  ASP A CB  1 
ATOM   165  C CG  . ASP A 1 24 ? -8.853  -9.588  -10.055 1.00 50.80  ?  44  ASP A CG  1 
ATOM   166  O OD1 . ASP A 1 24 ? -9.682  -10.173 -10.788 1.00 58.94  ?  44  ASP A OD1 1 
ATOM   167  O OD2 . ASP A 1 24 ? -7.617  -9.778  -10.138 1.00 57.49  -1 44  ASP A OD2 1 
ATOM   168  N N   . ARG A 1 25 ? -7.892  -9.591  -6.234  1.00 39.79  ?  45  ARG A N   1 
ATOM   169  C CA  . ARG A 1 25 ? -6.823  -10.375 -5.621  1.00 44.47  ?  45  ARG A CA  1 
ATOM   170  C C   . ARG A 1 25 ? -7.347  -11.257 -4.491  1.00 47.57  ?  45  ARG A C   1 
ATOM   171  O O   . ARG A 1 25 ? -6.928  -12.412 -4.360  1.00 53.90  ?  45  ARG A O   1 
ATOM   172  C CB  . ARG A 1 25 ? -5.725  -9.444  -5.102  1.00 45.70  ?  45  ARG A CB  1 
ATOM   173  C CG  . ARG A 1 25 ? -4.525  -10.166 -4.491  1.00 41.03  ?  45  ARG A CG  1 
ATOM   174  C CD  . ARG A 1 25 ? -3.879  -11.099 -5.497  1.00 50.54  ?  45  ARG A CD  1 
ATOM   175  N NE  . ARG A 1 25 ? -2.604  -11.630 -5.008  1.00 56.77  ?  45  ARG A NE  1 
ATOM   176  C CZ  . ARG A 1 25 ? -2.496  -12.562 -4.064  1.00 52.97  ?  45  ARG A CZ  1 
ATOM   177  N NH1 . ARG A 1 25 ? -3.584  -13.068 -3.499  1.00 63.37  1  45  ARG A NH1 1 
ATOM   178  N NH2 . ARG A 1 25 ? -1.300  -12.986 -3.683  1.00 61.55  ?  45  ARG A NH2 1 
ATOM   179  N N   . LEU A 1 26 ? -8.254  -10.740 -3.666  1.00 36.71  ?  46  LEU A N   1 
ATOM   180  C CA  . LEU A 1 26 ? -8.743  -11.498 -2.521  1.00 36.11  ?  46  LEU A CA  1 
ATOM   181  C C   . LEU A 1 26 ? -9.772  -12.540 -2.947  1.00 46.05  ?  46  LEU A C   1 
ATOM   182  O O   . LEU A 1 26 ? -9.620  -13.729 -2.660  1.00 52.43  ?  46  LEU A O   1 
ATOM   183  C CB  . LEU A 1 26 ? -9.340  -10.562 -1.477  1.00 39.66  ?  46  LEU A CB  1 
ATOM   184  C CG  . LEU A 1 26 ? -8.421  -9.512  -0.844  1.00 42.92  ?  46  LEU A CG  1 
ATOM   185  C CD1 . LEU A 1 26 ? -9.228  -8.628  0.086   1.00 48.22  ?  46  LEU A CD1 1 
ATOM   186  C CD2 . LEU A 1 26 ? -7.279  -10.156 -0.088  1.00 35.40  ?  46  LEU A CD2 1 
ATOM   187  N N   . ASP B 1 4  ? 0.911   21.106  -13.149 1.00 44.43  ?  24  ASP B N   1 
ATOM   188  C CA  . ASP B 1 4  ? 2.129   20.490  -13.663 1.00 38.34  ?  24  ASP B CA  1 
ATOM   189  C C   . ASP B 1 4  ? 1.809   19.532  -14.812 1.00 38.15  ?  24  ASP B C   1 
ATOM   190  O O   . ASP B 1 4  ? 0.898   18.699  -14.697 1.00 32.40  ?  24  ASP B O   1 
ATOM   191  C CB  . ASP B 1 4  ? 2.867   19.754  -12.546 1.00 41.82  ?  24  ASP B CB  1 
ATOM   192  C CG  . ASP B 1 4  ? 4.260   19.323  -12.953 1.00 47.50  ?  24  ASP B CG  1 
ATOM   193  O OD1 . ASP B 1 4  ? 4.445   18.851  -14.097 1.00 52.65  ?  24  ASP B OD1 1 
ATOM   194  O OD2 . ASP B 1 4  ? 5.184   19.464  -12.124 1.00 66.16  -1 24  ASP B OD2 1 
ATOM   195  N N   . PRO B 1 5  ? 2.549   19.663  -15.921 1.00 33.03  ?  25  PRO B N   1 
ATOM   196  C CA  . PRO B 1 5  ? 2.283   18.797  -17.083 1.00 29.39  ?  25  PRO B CA  1 
ATOM   197  C C   . PRO B 1 5  ? 2.597   17.338  -16.829 1.00 26.97  ?  25  PRO B C   1 
ATOM   198  O O   . PRO B 1 5  ? 1.992   16.463  -17.459 1.00 27.51  ?  25  PRO B O   1 
ATOM   199  C CB  . PRO B 1 5  ? 3.189   19.382  -18.176 1.00 35.81  ?  25  PRO B CB  1 
ATOM   200  C CG  . PRO B 1 5  ? 3.461   20.784  -17.741 1.00 42.59  ?  25  PRO B CG  1 
ATOM   201  C CD  . PRO B 1 5  ? 3.487   20.750  -16.242 1.00 39.68  ?  25  PRO B CD  1 
ATOM   202  N N   . LEU B 1 6  ? 3.554   17.038  -15.957 1.00 27.46  ?  26  LEU B N   1 
ATOM   203  C CA  . LEU B 1 6  ? 3.790   15.645  -15.605 1.00 28.72  ?  26  LEU B CA  1 
ATOM   204  C C   . LEU B 1 6  ? 2.586   15.064  -14.871 1.00 20.53  ?  26  LEU B C   1 
ATOM   205  O O   . LEU B 1 6  ? 2.149   13.940  -15.148 1.00 26.09  ?  26  LEU B O   1 
ATOM   206  C CB  . LEU B 1 6  ? 5.049   15.530  -14.752 1.00 25.63  ?  26  LEU B CB  1 
ATOM   207  C CG  . LEU B 1 6  ? 5.273   14.175  -14.087 1.00 31.56  ?  26  LEU B CG  1 
ATOM   208  C CD1 . LEU B 1 6  ? 5.172   13.020  -15.088 1.00 29.84  ?  26  LEU B CD1 1 
ATOM   209  C CD2 . LEU B 1 6  ? 6.638   14.196  -13.430 1.00 32.43  ?  26  LEU B CD2 1 
ATOM   210  N N   . VAL B 1 7  ? 2.060   15.809  -13.904 1.00 20.66  ?  27  VAL B N   1 
ATOM   211  C CA  . VAL B 1 7  ? 0.877   15.360  -13.174 1.00 25.70  ?  27  VAL B CA  1 
ATOM   212  C C   . VAL B 1 7  ? -0.324  15.249  -14.112 1.00 23.86  ?  27  VAL B C   1 
ATOM   213  O O   . VAL B 1 7  ? -1.061  14.252  -14.092 1.00 22.71  ?  27  VAL B O   1 
ATOM   214  C CB  . VAL B 1 7  ? 0.609   16.304  -11.987 1.00 23.78  ?  27  VAL B CB  1 
ATOM   215  C CG1 . VAL B 1 7  ? -0.627  15.855  -11.183 1.00 23.23  ?  27  VAL B CG1 1 
ATOM   216  C CG2 . VAL B 1 7  ? 1.855   16.362  -11.087 1.00 25.26  ?  27  VAL B CG2 1 
ATOM   217  N N   . VAL B 1 8  ? -0.532  16.250  -14.969 1.00 22.86  ?  28  VAL B N   1 
ATOM   218  C CA  . VAL B 1 8  ? -1.650  16.170  -15.912 1.00 22.55  ?  28  VAL B CA  1 
ATOM   219  C C   . VAL B 1 8  ? -1.510  14.936  -16.796 1.00 20.37  ?  28  VAL B C   1 
ATOM   220  O O   . VAL B 1 8  ? -2.491  14.244  -17.086 1.00 17.92  ?  28  VAL B O   1 
ATOM   221  C CB  . VAL B 1 8  ? -1.745  17.450  -16.763 1.00 31.24  ?  28  VAL B CB  1 
ATOM   222  C CG1 . VAL B 1 8  ? -2.726  17.229  -17.902 1.00 35.51  ?  28  VAL B CG1 1 
ATOM   223  C CG2 . VAL B 1 8  ? -2.154  18.656  -15.910 1.00 30.95  ?  28  VAL B CG2 1 
ATOM   224  N N   . ALA B 1 9  ? -0.291  14.661  -17.263 1.00 20.32  ?  29  ALA B N   1 
ATOM   225  C CA  . ALA B 1 9  ? -0.080  13.502  -18.123 1.00 18.90  ?  29  ALA B CA  1 
ATOM   226  C C   . ALA B 1 9  ? -0.316  12.202  -17.367 1.00 18.02  ?  29  ALA B C   1 
ATOM   227  O O   . ALA B 1 9  ? -0.902  11.256  -17.907 1.00 18.02  ?  29  ALA B O   1 
ATOM   228  C CB  . ALA B 1 9  ? 1.335   13.535  -18.715 1.00 24.54  ?  29  ALA B CB  1 
ATOM   229  N N   . ALA B 1 10 ? 0.156   12.121  -16.124 1.00 20.06  ?  30  ALA B N   1 
ATOM   230  C CA  . ALA B 1 10 ? -0.122  10.930  -15.332 1.00 20.88  ?  30  ALA B CA  1 
ATOM   231  C C   . ALA B 1 10 ? -1.618  10.793  -15.045 1.00 16.97  ?  30  ALA B C   1 
ATOM   232  O O   . ALA B 1 10 ? -2.130  9.669   -14.955 1.00 14.17  ?  30  ALA B O   1 
ATOM   233  C CB  . ALA B 1 10 ? 0.672   10.968  -14.032 1.00 20.36  ?  30  ALA B CB  1 
ATOM   234  N N   . SER B 1 11 ? -2.327  11.917  -14.922 1.00 14.97  ?  31  SER B N   1 
ATOM   235  C CA  . SER B 1 11 ? -3.788  11.872  -14.729 1.00 17.27  ?  31  SER B CA  1 
ATOM   236  C C   . SER B 1 11 ? -4.476  11.222  -15.922 1.00 20.85  ?  31  SER B C   1 
ATOM   237  O O   . SER B 1 11 ? -5.289  10.306  -15.761 1.00 17.02  ?  31  SER B O   1 
ATOM   238  C CB  . SER B 1 11 ? -4.343  13.281  -14.520 1.00 12.42  ?  31  SER B CB  1 
ATOM   239  O OG  . SER B 1 11 ? -3.765  13.883  -13.380 1.00 17.32  ?  31  SER B OG  1 
ATOM   240  N N   . ILE B 1 12 ? -4.142  11.674  -17.140 1.00 17.68  ?  32  ILE B N   1 
ATOM   241  C CA  . ILE B 1 12 ? -4.749  11.106  -18.335 1.00 12.80  ?  32  ILE B CA  1 
ATOM   242  C C   . ILE B 1 12 ? -4.446  9.617   -18.426 1.00 15.89  ?  32  ILE B C   1 
ATOM   243  O O   . ILE B 1 12 ? -5.329  8.798   -18.718 1.00 18.55  ?  32  ILE B O   1 
ATOM   244  C CB  . ILE B 1 12 ? -4.261  11.879  -19.577 1.00 21.44  ?  32  ILE B CB  1 
ATOM   245  C CG1 . ILE B 1 12 ? -4.771  13.328  -19.528 1.00 22.69  ?  32  ILE B CG1 1 
ATOM   246  C CG2 . ILE B 1 12 ? -4.680  11.180  -20.872 1.00 19.63  ?  32  ILE B CG2 1 
ATOM   247  C CD1 . ILE B 1 12 ? -4.199  14.229  -20.612 1.00 25.44  ?  32  ILE B CD1 1 
ATOM   248  N N   . ILE B 1 13 ? -3.197  9.243   -18.136 1.00 16.13  ?  33  ILE B N   1 
ATOM   249  C CA  . ILE B 1 13 ? -2.738  7.862   -18.252 1.00 17.22  ?  33  ILE B CA  1 
ATOM   250  C C   . ILE B 1 13 ? -3.405  6.962   -17.218 1.00 15.30  ?  33  ILE B C   1 
ATOM   251  O O   . ILE B 1 13 ? -3.753  5.809   -17.505 1.00 18.16  ?  33  ILE B O   1 
ATOM   252  C CB  . ILE B 1 13 ? -1.202  7.840   -18.122 1.00 20.83  ?  33  ILE B CB  1 
ATOM   253  C CG1 . ILE B 1 13 ? -0.570  8.086   -19.488 1.00 18.03  ?  33  ILE B CG1 1 
ATOM   254  C CG2 . ILE B 1 13 ? -0.728  6.543   -17.483 1.00 20.87  ?  33  ILE B CG2 1 
ATOM   255  C CD1 . ILE B 1 13 ? 0.805   8.682   -19.404 1.00 28.45  ?  33  ILE B CD1 1 
ATOM   256  N N   . GLY B 1 14 ? -3.565  7.449   -15.995 1.00 16.94  ?  34  GLY B N   1 
ATOM   257  C CA  . GLY B 1 14 ? -4.307  6.678   -15.006 1.00 21.77  ?  34  GLY B CA  1 
ATOM   258  C C   . GLY B 1 14 ? -5.770  6.484   -15.380 1.00 18.73  ?  34  GLY B C   1 
ATOM   259  O O   . GLY B 1 14 ? -6.347  5.421   -15.139 1.00 16.22  ?  34  GLY B O   1 
ATOM   260  N N   . ILE B 1 15 ? -6.388  7.489   -15.997 1.00 17.55  ?  35  ILE B N   1 
ATOM   261  C CA  . ILE B 1 15 ? -7.753  7.287   -16.492 1.00 16.38  ?  35  ILE B CA  1 
ATOM   262  C C   . ILE B 1 15 ? -7.755  6.214   -17.575 1.00 19.95  ?  35  ILE B C   1 
ATOM   263  O O   . ILE B 1 15 ? -8.573  5.280   -17.550 1.00 18.88  ?  35  ILE B O   1 
ATOM   264  C CB  . ILE B 1 15 ? -8.361  8.615   -16.980 1.00 21.10  ?  35  ILE B CB  1 
ATOM   265  C CG1 . ILE B 1 15 ? -8.489  9.599   -15.807 1.00 25.76  ?  35  ILE B CG1 1 
ATOM   266  C CG2 . ILE B 1 15 ? -9.758  8.398   -17.599 1.00 19.66  ?  35  ILE B CG2 1 
ATOM   267  C CD1 . ILE B 1 15 ? -8.851  11.029  -16.217 1.00 20.48  ?  35  ILE B CD1 1 
ATOM   268  N N   . LEU B 1 16 ? -6.782  6.288   -18.501 1.00 20.02  ?  36  LEU B N   1 
ATOM   269  C CA  . LEU B 1 16 ? -6.677  5.274   -19.542 1.00 15.34  ?  36  LEU B CA  1 
ATOM   270  C C   . LEU B 1 16 ? -6.439  3.896   -18.943 1.00 17.49  ?  36  LEU B C   1 
ATOM   271  O O   . LEU B 1 16 ? -6.994  2.897   -19.418 1.00 16.84  ?  36  LEU B O   1 
ATOM   272  C CB  . LEU B 1 16 ? -5.551  5.634   -20.523 1.00 18.72  ?  36  LEU B CB  1 
ATOM   273  C CG  . LEU B 1 16 ? -5.205  4.576   -21.580 1.00 19.11  ?  36  LEU B CG  1 
ATOM   274  C CD1 . LEU B 1 16 ? -6.411  4.271   -22.478 1.00 16.29  ?  36  LEU B CD1 1 
ATOM   275  C CD2 . LEU B 1 16 ? -4.011  5.023   -22.428 1.00 20.16  ?  36  LEU B CD2 1 
ATOM   276  N N   . HIS B 1 17 ? -5.581  3.821   -17.919 1.00 21.06  ?  37  HIS B N   1 
ATOM   277  C CA  . HIS B 1 17 ? -5.226  2.537   -17.320 1.00 22.32  ?  37  HIS B CA  1 
ATOM   278  C C   . HIS B 1 17 ? -6.461  1.816   -16.778 1.00 17.43  ?  37  HIS B C   1 
ATOM   279  O O   . HIS B 1 17 ? -6.647  0.617   -17.010 1.00 22.42  ?  37  HIS B O   1 
ATOM   280  C CB  . HIS B 1 17 ? -4.179  2.763   -16.218 1.00 17.58  ?  37  HIS B CB  1 
ATOM   281  C CG  . HIS B 1 17 ? -3.536  1.511   -15.708 1.00 21.24  ?  37  HIS B CG  1 
ATOM   282  N ND1 . HIS B 1 17 ? -2.516  1.530   -14.779 1.00 23.14  ?  37  HIS B ND1 1 
ATOM   283  C CD2 . HIS B 1 17 ? -3.762  0.206   -15.991 1.00 23.05  ?  37  HIS B CD2 1 
ATOM   284  C CE1 . HIS B 1 17 ? -2.139  0.292   -14.513 1.00 24.32  ?  37  HIS B CE1 1 
ATOM   285  N NE2 . HIS B 1 17 ? -2.879  -0.529  -15.235 1.00 26.05  ?  37  HIS B NE2 1 
ATOM   286  N N   . LEU B 1 18 ? -7.330  2.527   -16.068 1.00 20.56  ?  38  LEU B N   1 
ATOM   287  C CA  . LEU B 1 18 ? -8.539  1.864   -15.567 1.00 21.58  ?  38  LEU B CA  1 
ATOM   288  C C   . LEU B 1 18 ? -9.467  1.439   -16.709 1.00 21.87  ?  38  LEU B C   1 
ATOM   289  O O   . LEU B 1 18 ? -10.042 0.344   -16.671 1.00 22.21  ?  38  LEU B O   1 
ATOM   290  C CB  . LEU B 1 18 ? -9.274  2.765   -14.576 1.00 25.90  ?  38  LEU B CB  1 
ATOM   291  C CG  . LEU B 1 18 ? -10.556 2.171   -13.961 1.00 23.02  ?  38  LEU B CG  1 
ATOM   292  C CD1 . LEU B 1 18 ? -10.287 0.778   -13.393 1.00 22.79  ?  38  LEU B CD1 1 
ATOM   293  C CD2 . LEU B 1 18 ? -11.078 3.076   -12.885 1.00 28.90  ?  38  LEU B CD2 1 
ATOM   294  N N   . ILE B 1 19 ? -9.624  2.278   -17.735 1.00 19.32  ?  39  ILE B N   1 
ATOM   295  C CA  . ILE B 1 19 ? -10.422 1.872   -18.894 1.00 18.42  ?  39  ILE B CA  1 
ATOM   296  C C   . ILE B 1 19 ? -9.897  0.567   -19.481 1.00 23.56  ?  39  ILE B C   1 
ATOM   297  O O   . ILE B 1 19 ? -10.663 -0.369  -19.735 1.00 17.27  ?  39  ILE B O   1 
ATOM   298  C CB  . ILE B 1 19 ? -10.443 2.984   -19.951 1.00 22.27  ?  39  ILE B CB  1 
ATOM   299  C CG1 . ILE B 1 19 ? -11.075 4.245   -19.365 1.00 22.68  ?  39  ILE B CG1 1 
ATOM   300  C CG2 . ILE B 1 19 ? -11.178 2.503   -21.193 1.00 19.82  ?  39  ILE B CG2 1 
ATOM   301  C CD1 . ILE B 1 19 ? -11.040 5.432   -20.300 1.00 24.15  ?  39  ILE B CD1 1 
ATOM   302  N N   . LEU B 1 20 ? -8.577  0.490   -19.722 1.00 21.71  ?  40  LEU B N   1 
ATOM   303  C CA  . LEU B 1 20 ? -8.015  -0.717  -20.315 1.00 20.18  ?  40  LEU B CA  1 
ATOM   304  C C   . LEU B 1 20 ? -8.178  -1.911  -19.378 1.00 25.43  ?  40  LEU B C   1 
ATOM   305  O O   . LEU B 1 20 ? -8.468  -3.032  -19.817 1.00 24.93  ?  40  LEU B O   1 
ATOM   306  C CB  . LEU B 1 20 ? -6.540  -0.489  -20.650 1.00 22.31  ?  40  LEU B CB  1 
ATOM   307  C CG  . LEU B 1 20 ? -6.299  0.517   -21.779 1.00 13.43  ?  40  LEU B CG  1 
ATOM   308  C CD1 . LEU B 1 20 ? -4.797  0.680   -22.052 1.00 16.31  ?  40  LEU B CD1 1 
ATOM   309  C CD2 . LEU B 1 20 ? -7.033  0.049   -23.013 1.00 18.91  ?  40  LEU B CD2 1 
ATOM   310  N N   . TRP B 1 21 ? -7.982  -1.689  -18.084 1.00 22.49  ?  41  TRP B N   1 
ATOM   311  C CA  . TRP B 1 21 ? -8.062  -2.780  -17.124 1.00 26.19  ?  41  TRP B CA  1 
ATOM   312  C C   . TRP B 1 21 ? -9.483  -3.325  -17.033 1.00 28.39  ?  41  TRP B C   1 
ATOM   313  O O   . TRP B 1 21 ? -9.685  -4.542  -16.953 1.00 31.88  ?  41  TRP B O   1 
ATOM   314  C CB  . TRP B 1 21 ? -7.559  -2.291  -15.769 1.00 31.57  ?  41  TRP B CB  1 
ATOM   315  C CG  . TRP B 1 21 ? -7.334  -3.356  -14.748 1.00 35.39  ?  41  TRP B CG  1 
ATOM   316  C CD1 . TRP B 1 21 ? -6.171  -4.036  -14.504 1.00 33.30  ?  41  TRP B CD1 1 
ATOM   317  C CD2 . TRP B 1 21 ? -8.294  -3.847  -13.809 1.00 26.93  ?  41  TRP B CD2 1 
ATOM   318  N NE1 . TRP B 1 21 ? -6.358  -4.928  -13.474 1.00 34.03  ?  41  TRP B NE1 1 
ATOM   319  C CE2 . TRP B 1 21 ? -7.651  -4.831  -13.029 1.00 33.15  ?  41  TRP B CE2 1 
ATOM   320  C CE3 . TRP B 1 21 ? -9.636  -3.552  -13.553 1.00 30.08  ?  41  TRP B CE3 1 
ATOM   321  C CZ2 . TRP B 1 21 ? -8.307  -5.519  -12.010 1.00 35.70  ?  41  TRP B CZ2 1 
ATOM   322  C CZ3 . TRP B 1 21 ? -10.285 -4.241  -12.541 1.00 28.56  ?  41  TRP B CZ3 1 
ATOM   323  C CH2 . TRP B 1 21 ? -9.622  -5.212  -11.786 1.00 28.65  ?  41  TRP B CH2 1 
ATOM   324  N N   . ILE B 1 22 ? -10.483 -2.444  -17.071 1.00 21.97  ?  42  ILE B N   1 
ATOM   325  C CA  . ILE B 1 22 ? -11.866 -2.909  -17.088 1.00 30.64  ?  42  ILE B CA  1 
ATOM   326  C C   . ILE B 1 22 ? -12.153 -3.677  -18.372 1.00 35.92  ?  42  ILE B C   1 
ATOM   327  O O   . ILE B 1 22 ? -12.728 -4.772  -18.343 1.00 35.68  ?  42  ILE B O   1 
ATOM   328  C CB  . ILE B 1 22 ? -12.838 -1.733  -16.909 1.00 29.99  ?  42  ILE B CB  1 
ATOM   329  C CG1 . ILE B 1 22 ? -12.755 -1.184  -15.489 1.00 28.37  ?  42  ILE B CG1 1 
ATOM   330  C CG2 . ILE B 1 22 ? -14.254 -2.162  -17.248 1.00 37.39  ?  42  ILE B CG2 1 
ATOM   331  C CD1 . ILE B 1 22 ? -13.601 0.049   -15.270 1.00 35.19  ?  42  ILE B CD1 1 
ATOM   332  N N   . LEU B 1 23 ? -11.761 -3.115  -19.521 1.00 36.17  ?  43  LEU B N   1 
ATOM   333  C CA  . LEU B 1 23 ? -11.959 -3.820  -20.785 1.00 37.74  ?  43  LEU B CA  1 
ATOM   334  C C   . LEU B 1 23 ? -11.240 -5.156  -20.776 1.00 39.91  ?  43  LEU B C   1 
ATOM   335  O O   . LEU B 1 23 ? -11.753 -6.154  -21.300 1.00 35.15  ?  43  LEU B O   1 
ATOM   336  C CB  . LEU B 1 23 ? -11.468 -2.979  -21.963 1.00 33.88  ?  43  LEU B CB  1 
ATOM   337  C CG  . LEU B 1 23 ? -12.161 -1.663  -22.294 1.00 36.03  ?  43  LEU B CG  1 
ATOM   338  C CD1 . LEU B 1 23 ? -11.697 -1.187  -23.663 1.00 32.46  ?  43  LEU B CD1 1 
ATOM   339  C CD2 . LEU B 1 23 ? -13.673 -1.824  -22.258 1.00 37.63  ?  43  LEU B CD2 1 
ATOM   340  N N   . ASP B 1 24 ? -10.036 -5.192  -20.201 1.00 37.44  ?  44  ASP B N   1 
ATOM   341  C CA  . ASP B 1 24 ? -9.304  -6.444  -20.160 1.00 33.87  ?  44  ASP B CA  1 
ATOM   342  C C   . ASP B 1 24 ? -10.014 -7.486  -19.310 1.00 43.74  ?  44  ASP B C   1 
ATOM   343  O O   . ASP B 1 24 ? -9.847  -8.686  -19.552 1.00 50.55  ?  44  ASP B O   1 
ATOM   344  C CB  . ASP B 1 24 ? -7.885  -6.221  -19.644 1.00 43.32  ?  44  ASP B CB  1 
ATOM   345  C CG  . ASP B 1 24 ? -7.055  -7.479  -19.701 1.00 48.35  ?  44  ASP B CG  1 
ATOM   346  O OD1 . ASP B 1 24 ? -6.865  -8.014  -20.816 1.00 54.51  ?  44  ASP B OD1 1 
ATOM   347  O OD2 . ASP B 1 24 ? -6.611  -7.942  -18.631 1.00 59.90  -1 44  ASP B OD2 1 
ATOM   348  N N   . ARG B 1 25 ? -10.812 -7.060  -18.335 1.00 39.42  ?  45  ARG B N   1 
ATOM   349  C CA  . ARG B 1 25 ? -11.580 -8.009  -17.551 1.00 50.09  ?  45  ARG B CA  1 
ATOM   350  C C   . ARG B 1 25 ? -12.932 -8.341  -18.175 1.00 52.96  ?  45  ARG B C   1 
ATOM   351  O O   . ARG B 1 25 ? -13.486 -9.404  -17.877 1.00 66.97  ?  45  ARG B O   1 
ATOM   352  C CB  . ARG B 1 25 ? -11.768 -7.474  -16.126 1.00 53.15  ?  45  ARG B CB  1 
ATOM   353  C CG  . ARG B 1 25 ? -10.450 -7.303  -15.381 1.00 47.43  ?  45  ARG B CG  1 
ATOM   354  C CD  . ARG B 1 25 ? -9.639  -8.587  -15.453 1.00 58.69  ?  45  ARG B CD  1 
ATOM   355  N NE  . ARG B 1 25 ? -8.271  -8.450  -14.956 1.00 53.73  ?  45  ARG B NE  1 
ATOM   356  C CZ  . ARG B 1 25 ? -7.939  -8.494  -13.670 1.00 58.79  ?  45  ARG B CZ  1 
ATOM   357  N NH1 . ARG B 1 25 ? -8.883  -8.653  -12.747 1.00 58.07  1  45  ARG B NH1 1 
ATOM   358  N NH2 . ARG B 1 25 ? -6.667  -8.373  -13.304 1.00 55.54  ?  45  ARG B NH2 1 
ATOM   359  N N   . LEU B 1 26 ? -13.461 -7.484  -19.044 1.00 50.45  ?  46  LEU B N   1 
ATOM   360  C CA  . LEU B 1 26 ? -14.753 -7.739  -19.681 1.00 49.45  ?  46  LEU B CA  1 
ATOM   361  C C   . LEU B 1 26 ? -14.672 -8.910  -20.661 1.00 59.34  ?  46  LEU B C   1 
ATOM   362  O O   . LEU B 1 26 ? -15.278 -8.879  -21.739 1.00 60.13  ?  46  LEU B O   1 
ATOM   363  C CB  . LEU B 1 26 ? -15.254 -6.488  -20.404 1.00 48.17  ?  46  LEU B CB  1 
ATOM   364  C CG  . LEU B 1 26 ? -15.694 -5.293  -19.552 1.00 59.65  ?  46  LEU B CG  1 
ATOM   365  C CD1 . LEU B 1 26 ? -16.142 -4.134  -20.441 1.00 54.40  ?  46  LEU B CD1 1 
ATOM   366  C CD2 . LEU B 1 26 ? -16.805 -5.687  -18.570 1.00 62.41  ?  46  LEU B CD2 1 
ATOM   367  N N   . ASP C 1 4  ? 4.702   19.211  -5.728  1.00 52.26  ?  24  ASP C N   1 
ATOM   368  C CA  . ASP C 1 4  ? 4.926   18.448  -4.504  1.00 41.88  ?  24  ASP C CA  1 
ATOM   369  C C   . ASP C 1 4  ? 5.578   17.107  -4.832  1.00 39.07  ?  24  ASP C C   1 
ATOM   370  O O   . ASP C 1 4  ? 5.095   16.377  -5.702  1.00 38.59  ?  24  ASP C O   1 
ATOM   371  C CB  . ASP C 1 4  ? 3.612   18.249  -3.750  1.00 50.50  ?  24  ASP C CB  1 
ATOM   372  C CG  . ASP C 1 4  ? 3.790   17.481  -2.459  1.00 50.99  ?  24  ASP C CG  1 
ATOM   373  O OD1 . ASP C 1 4  ? 4.064   18.116  -1.414  1.00 61.52  ?  24  ASP C OD1 1 
ATOM   374  O OD2 . ASP C 1 4  ? 3.649   16.239  -2.493  1.00 48.87  -1 24  ASP C OD2 1 
ATOM   375  N N   . PRO C 1 5  ? 6.684   16.801  -4.139  1.00 44.40  ?  25  PRO C N   1 
ATOM   376  C CA  . PRO C 1 5  ? 7.475   15.606  -4.486  1.00 36.86  ?  25  PRO C CA  1 
ATOM   377  C C   . PRO C 1 5  ? 6.707   14.294  -4.439  1.00 26.94  ?  25  PRO C C   1 
ATOM   378  O O   . PRO C 1 5  ? 6.980   13.399  -5.246  1.00 27.81  ?  25  PRO C O   1 
ATOM   379  C CB  . PRO C 1 5  ? 8.599   15.632  -3.442  1.00 35.85  ?  25  PRO C CB  1 
ATOM   380  C CG  . PRO C 1 5  ? 8.747   17.078  -3.101  1.00 39.78  ?  25  PRO C CG  1 
ATOM   381  C CD  . PRO C 1 5  ? 7.360   17.642  -3.136  1.00 41.41  ?  25  PRO C CD  1 
ATOM   382  N N   . LEU C 1 6  ? 5.785   14.129  -3.487  1.00 30.74  ?  26  LEU C N   1 
ATOM   383  C CA  . LEU C 1 6  ? 5.011   12.893  -3.435  1.00 27.18  ?  26  LEU C CA  1 
ATOM   384  C C   . LEU C 1 6  ? 4.094   12.754  -4.655  1.00 24.27  ?  26  LEU C C   1 
ATOM   385  O O   . LEU C 1 6  ? 3.960   11.663  -5.218  1.00 26.66  ?  26  LEU C O   1 
ATOM   386  C CB  . LEU C 1 6  ? 4.199   12.847  -2.139  1.00 26.44  ?  26  LEU C CB  1 
ATOM   387  C CG  . LEU C 1 6  ? 3.148   11.751  -2.086  1.00 25.43  ?  26  LEU C CG  1 
ATOM   388  C CD1 . LEU C 1 6  ? 3.787   10.386  -2.013  1.00 20.72  ?  26  LEU C CD1 1 
ATOM   389  C CD2 . LEU C 1 6  ? 2.196   11.994  -0.893  1.00 30.85  ?  26  LEU C CD2 1 
ATOM   390  N N   . VAL C 1 7  ? 3.442   13.842  -5.062  1.00 21.25  ?  27  VAL C N   1 
ATOM   391  C CA  . VAL C 1 7  ? 2.586   13.788  -6.244  1.00 24.77  ?  27  VAL C CA  1 
ATOM   392  C C   . VAL C 1 7  ? 3.427   13.559  -7.500  1.00 28.89  ?  27  VAL C C   1 
ATOM   393  O O   . VAL C 1 7  ? 3.027   12.824  -8.413  1.00 23.27  ?  27  VAL C O   1 
ATOM   394  C CB  . VAL C 1 7  ? 1.745   15.070  -6.340  1.00 26.69  ?  27  VAL C CB  1 
ATOM   395  C CG1 . VAL C 1 7  ? 0.873   15.051  -7.592  1.00 31.12  ?  27  VAL C CG1 1 
ATOM   396  C CG2 . VAL C 1 7  ? 0.887   15.242  -5.084  1.00 24.87  ?  27  VAL C CG2 1 
ATOM   397  N N   . VAL C 1 8  ? 4.610   14.168  -7.560  1.00 26.65  ?  28  VAL C N   1 
ATOM   398  C CA  . VAL C 1 8  ? 5.489   13.948  -8.705  1.00 22.40  ?  28  VAL C CA  1 
ATOM   399  C C   . VAL C 1 8  ? 5.963   12.502  -8.738  1.00 20.26  ?  28  VAL C C   1 
ATOM   400  O O   . VAL C 1 8  ? 5.975   11.858  -9.792  1.00 24.71  ?  28  VAL C O   1 
ATOM   401  C CB  . VAL C 1 8  ? 6.660   14.940  -8.672  1.00 25.15  ?  28  VAL C CB  1 
ATOM   402  C CG1 . VAL C 1 8  ? 7.589   14.687  -9.844  1.00 31.76  ?  28  VAL C CG1 1 
ATOM   403  C CG2 . VAL C 1 8  ? 6.130   16.352  -8.740  1.00 35.25  ?  28  VAL C CG2 1 
ATOM   404  N N   . ALA C 1 9  ? 6.339   11.956  -7.587  1.00 23.78  ?  29  ALA C N   1 
ATOM   405  C CA  . ALA C 1 9  ? 6.759   10.561  -7.564  1.00 21.03  ?  29  ALA C CA  1 
ATOM   406  C C   . ALA C 1 9  ? 5.638   9.636   -8.043  1.00 21.64  ?  29  ALA C C   1 
ATOM   407  O O   . ALA C 1 9  ? 5.863   8.735   -8.861  1.00 21.36  ?  29  ALA C O   1 
ATOM   408  C CB  . ALA C 1 9  ? 7.226   10.185  -6.158  1.00 28.43  ?  29  ALA C CB  1 
ATOM   409  N N   . ALA C 1 10 ? 4.418   9.834   -7.540  1.00 20.32  ?  30  ALA C N   1 
ATOM   410  C CA  . ALA C 1 10 ? 3.319   8.967   -7.958  1.00 20.36  ?  30  ALA C CA  1 
ATOM   411  C C   . ALA C 1 10 ? 3.014   9.125   -9.447  1.00 18.25  ?  30  ALA C C   1 
ATOM   412  O O   . ALA C 1 10 ? 2.612   8.162   -10.116 1.00 17.52  ?  30  ALA C O   1 
ATOM   413  C CB  . ALA C 1 10 ? 2.065   9.268   -7.121  1.00 20.80  ?  30  ALA C CB  1 
ATOM   414  N N   . SER C 1 11 ? 3.168   10.340  -9.974  1.00 16.14  ?  31  SER C N   1 
ATOM   415  C CA  . SER C 1 11 ? 2.969   10.569  -11.402 1.00 20.87  ?  31  SER C CA  1 
ATOM   416  C C   . SER C 1 11 ? 3.912   9.709   -12.236 1.00 23.87  ?  31  SER C C   1 
ATOM   417  O O   . SER C 1 11 ? 3.484   9.015   -13.174 1.00 19.01  ?  31  SER C O   1 
ATOM   418  C CB  . SER C 1 11 ? 3.177   12.056  -11.716 1.00 21.79  ?  31  SER C CB  1 
ATOM   419  O OG  . SER C 1 11 ? 2.186   12.837  -11.059 1.00 22.05  ?  31  SER C OG  1 
ATOM   420  N N   . ILE C 1 12 ? 5.211   9.756   -11.915 1.00 17.40  ?  32  ILE C N   1 
ATOM   421  C CA  . ILE C 1 12 ? 6.190   8.919   -12.606 1.00 19.39  ?  32  ILE C CA  1 
ATOM   422  C C   . ILE C 1 12 ? 5.828   7.451   -12.432 1.00 18.79  ?  32  ILE C C   1 
ATOM   423  O O   . ILE C 1 12 ? 5.877   6.661   -13.382 1.00 16.19  ?  32  ILE C O   1 
ATOM   424  C CB  . ILE C 1 12 ? 7.600   9.229   -12.065 1.00 21.22  ?  32  ILE C CB  1 
ATOM   425  C CG1 . ILE C 1 12 ? 8.029   10.643  -12.472 1.00 23.36  ?  32  ILE C CG1 1 
ATOM   426  C CG2 . ILE C 1 12 ? 8.608   8.157   -12.481 1.00 19.99  ?  32  ILE C CG2 1 
ATOM   427  C CD1 . ILE C 1 12 ? 9.124   11.216  -11.604 1.00 25.37  ?  32  ILE C CD1 1 
ATOM   428  N N   . ILE C 1 13 ? 5.414   7.082   -11.218 1.00 20.68  ?  33  ILE C N   1 
ATOM   429  C CA  . ILE C 1 13 ? 5.144   5.687   -10.901 1.00 16.40  ?  33  ILE C CA  1 
ATOM   430  C C   . ILE C 1 13 ? 3.903   5.201   -11.632 1.00 18.88  ?  33  ILE C C   1 
ATOM   431  O O   . ILE C 1 13 ? 3.825   4.034   -12.044 1.00 20.69  ?  33  ILE C O   1 
ATOM   432  C CB  . ILE C 1 13 ? 5.008   5.533   -9.377  1.00 18.36  ?  33  ILE C CB  1 
ATOM   433  C CG1 . ILE C 1 13 ? 6.399   5.469   -8.743  1.00 29.61  ?  33  ILE C CG1 1 
ATOM   434  C CG2 . ILE C 1 13 ? 4.168   4.308   -9.042  1.00 20.89  ?  33  ILE C CG2 1 
ATOM   435  C CD1 . ILE C 1 13 ? 6.380   5.616   -7.235  1.00 38.33  ?  33  ILE C CD1 1 
ATOM   436  N N   . GLY C 1 14 ? 2.902   6.076   -11.783 1.00 23.68  ?  34  GLY C N   1 
ATOM   437  C CA  . GLY C 1 14 ? 1.705   5.697   -12.524 1.00 25.07  ?  34  GLY C CA  1 
ATOM   438  C C   . GLY C 1 14 ? 1.982   5.528   -14.009 1.00 17.54  ?  34  GLY C C   1 
ATOM   439  O O   . GLY C 1 14 ? 1.467   4.607   -14.649 1.00 22.42  ?  34  GLY C O   1 
ATOM   440  N N   . ILE C 1 15 ? 2.796   6.415   -14.577 1.00 23.89  ?  35  ILE C N   1 
ATOM   441  C CA  . ILE C 1 15 ? 3.270   6.218   -15.952 1.00 19.40  ?  35  ILE C CA  1 
ATOM   442  C C   . ILE C 1 15 ? 3.934   4.855   -16.088 1.00 20.16  ?  35  ILE C C   1 
ATOM   443  O O   . ILE C 1 15 ? 3.593   4.059   -16.974 1.00 20.30  ?  35  ILE C O   1 
ATOM   444  C CB  . ILE C 1 15 ? 4.218   7.359   -16.357 1.00 18.33  ?  35  ILE C CB  1 
ATOM   445  C CG1 . ILE C 1 15 ? 3.420   8.664   -16.476 1.00 25.02  ?  35  ILE C CG1 1 
ATOM   446  C CG2 . ILE C 1 15 ? 4.951   7.008   -17.670 1.00 23.59  ?  35  ILE C CG2 1 
ATOM   447  C CD1 . ILE C 1 15 ? 4.252   9.930   -16.358 1.00 21.03  ?  35  ILE C CD1 1 
ATOM   448  N N   . LEU C 1 16 ? 4.891   4.562   -15.202 1.00 19.66  ?  36  LEU C N   1 
ATOM   449  C CA  . LEU C 1 16 ? 5.533   3.254   -15.200 1.00 15.56  ?  36  LEU C CA  1 
ATOM   450  C C   . LEU C 1 16 ? 4.514   2.140   -15.104 1.00 17.15  ?  36  LEU C C   1 
ATOM   451  O O   . LEU C 1 16 ? 4.579   1.157   -15.848 1.00 15.47  ?  36  LEU C O   1 
ATOM   452  C CB  . LEU C 1 16 ? 6.510   3.148   -14.028 1.00 22.24  ?  36  LEU C CB  1 
ATOM   453  C CG  . LEU C 1 16 ? 7.207   1.796   -13.869 1.00 19.35  ?  36  LEU C CG  1 
ATOM   454  C CD1 . LEU C 1 16 ? 8.184   1.561   -15.036 1.00 15.37  ?  36  LEU C CD1 1 
ATOM   455  C CD2 . LEU C 1 16 ? 7.940   1.731   -12.532 1.00 19.72  ?  36  LEU C CD2 1 
ATOM   456  N N   . HIS C 1 17 ? 3.573   2.264   -14.155 1.00 18.17  ?  37  HIS C N   1 
ATOM   457  C CA  . HIS C 1 17 ? 2.605   1.204   -13.920 1.00 19.17  ?  37  HIS C CA  1 
ATOM   458  C C   . HIS C 1 17 ? 1.878   0.821   -15.198 1.00 15.27  ?  37  HIS C C   1 
ATOM   459  O O   . HIS C 1 17 ? 1.732   -0.367  -15.515 1.00 16.18  ?  37  HIS C O   1 
ATOM   460  C CB  . HIS C 1 17 ? 1.597   1.637   -12.841 1.00 16.06  ?  37  HIS C CB  1 
ATOM   461  C CG  . HIS C 1 17 ? 0.789   0.509   -12.290 1.00 20.33  ?  37  HIS C CG  1 
ATOM   462  N ND1 . HIS C 1 17 ? -0.091  0.667   -11.239 1.00 22.22  ?  37  HIS C ND1 1 
ATOM   463  C CD2 . HIS C 1 17 ? 0.725   -0.797  -12.643 1.00 21.72  ?  37  HIS C CD2 1 
ATOM   464  C CE1 . HIS C 1 17 ? -0.661  -0.492  -10.968 1.00 21.84  ?  37  HIS C CE1 1 
ATOM   465  N NE2 . HIS C 1 17 ? -0.187  -1.397  -11.806 1.00 22.88  ?  37  HIS C NE2 1 
ATOM   466  N N   . LEU C 1 18 ? 1.374   1.814   -15.931 1.00 17.40  ?  38  LEU C N   1 
ATOM   467  C CA  . LEU C 1 18 ? 0.635   1.494   -17.151 1.00 20.72  ?  38  LEU C CA  1 
ATOM   468  C C   . LEU C 1 18 ? 1.535   0.823   -18.191 1.00 21.47  ?  38  LEU C C   1 
ATOM   469  O O   . LEU C 1 18 ? 1.138   -0.162  -18.836 1.00 21.22  ?  38  LEU C O   1 
ATOM   470  C CB  . LEU C 1 18 ? -0.001  2.757   -17.728 1.00 23.91  ?  38  LEU C CB  1 
ATOM   471  C CG  . LEU C 1 18 ? -0.624  2.492   -19.098 1.00 25.31  ?  38  LEU C CG  1 
ATOM   472  C CD1 . LEU C 1 18 ? -1.659  1.382   -18.976 1.00 20.14  ?  38  LEU C CD1 1 
ATOM   473  C CD2 . LEU C 1 18 ? -1.239  3.757   -19.659 1.00 31.36  ?  38  LEU C CD2 1 
ATOM   474  N N   . ILE C 1 19 ? 2.751   1.339   -18.368 1.00 19.42  ?  39  ILE C N   1 
ATOM   475  C CA  . ILE C 1 19 ? 3.702   0.699   -19.284 1.00 16.26  ?  39  ILE C CA  1 
ATOM   476  C C   . ILE C 1 19 ? 3.853   -0.774  -18.939 1.00 18.47  ?  39  ILE C C   1 
ATOM   477  O O   . ILE C 1 19 ? 3.690   -1.653  -19.790 1.00 18.07  ?  39  ILE C O   1 
ATOM   478  C CB  . ILE C 1 19 ? 5.060   1.418   -19.235 1.00 20.05  ?  39  ILE C CB  1 
ATOM   479  C CG1 . ILE C 1 19 ? 4.916   2.887   -19.650 1.00 25.77  ?  39  ILE C CG1 1 
ATOM   480  C CG2 . ILE C 1 19 ? 6.130   0.672   -20.096 1.00 18.18  ?  39  ILE C CG2 1 
ATOM   481  C CD1 . ILE C 1 19 ? 6.280   3.549   -19.911 1.00 26.22  ?  39  ILE C CD1 1 
ATOM   482  N N   . LEU C 1 20 ? 4.155   -1.064  -17.672 1.00 21.64  ?  40  LEU C N   1 
ATOM   483  C CA  . LEU C 1 20 ? 4.420   -2.443  -17.283 1.00 19.47  ?  40  LEU C CA  1 
ATOM   484  C C   . LEU C 1 20 ? 3.206   -3.313  -17.537 1.00 26.19  ?  40  LEU C C   1 
ATOM   485  O O   . LEU C 1 20 ? 3.302   -4.377  -18.163 1.00 23.89  ?  40  LEU C O   1 
ATOM   486  C CB  . LEU C 1 20 ? 4.831   -2.491  -15.814 1.00 23.20  ?  40  LEU C CB  1 
ATOM   487  C CG  . LEU C 1 20 ? 6.121   -1.738  -15.485 1.00 22.74  ?  40  LEU C CG  1 
ATOM   488  C CD1 . LEU C 1 20 ? 6.376   -1.801  -13.981 1.00 26.51  ?  40  LEU C CD1 1 
ATOM   489  C CD2 . LEU C 1 20 ? 7.307   -2.295  -16.299 1.00 17.33  ?  40  LEU C CD2 1 
ATOM   490  N N   . TRP C 1 21 ? 2.041   -2.860  -17.059 1.00 24.27  ?  41  TRP C N   1 
ATOM   491  C CA  . TRP C 1 21 ? 0.805   -3.607  -17.231 1.00 23.26  ?  41  TRP C CA  1 
ATOM   492  C C   . TRP C 1 21 ? 0.531   -3.887  -18.700 1.00 22.54  ?  41  TRP C C   1 
ATOM   493  O O   . TRP C 1 21 ? 0.242   -5.026  -19.078 1.00 23.48  ?  41  TRP C O   1 
ATOM   494  C CB  . TRP C 1 21 ? -0.356  -2.839  -16.600 1.00 21.36  ?  41  TRP C CB  1 
ATOM   495  C CG  . TRP C 1 21 ? -1.622  -3.577  -16.708 1.00 27.68  ?  41  TRP C CG  1 
ATOM   496  C CD1 . TRP C 1 21 ? -2.084  -4.537  -15.857 1.00 33.99  ?  41  TRP C CD1 1 
ATOM   497  C CD2 . TRP C 1 21 ? -2.605  -3.442  -17.738 1.00 30.29  ?  41  TRP C CD2 1 
ATOM   498  N NE1 . TRP C 1 21 ? -3.299  -5.006  -16.290 1.00 34.76  ?  41  TRP C NE1 1 
ATOM   499  C CE2 . TRP C 1 21 ? -3.643  -4.350  -17.444 1.00 36.62  ?  41  TRP C CE2 1 
ATOM   500  C CE3 . TRP C 1 21 ? -2.709  -2.643  -18.881 1.00 32.46  ?  41  TRP C CE3 1 
ATOM   501  C CZ2 . TRP C 1 21 ? -4.770  -4.476  -18.245 1.00 30.12  ?  41  TRP C CZ2 1 
ATOM   502  C CZ3 . TRP C 1 21 ? -3.829  -2.768  -19.675 1.00 25.87  ?  41  TRP C CZ3 1 
ATOM   503  C CH2 . TRP C 1 21 ? -4.845  -3.678  -19.357 1.00 38.43  ?  41  TRP C CH2 1 
ATOM   504  N N   . ILE C 1 22 ? 0.619   -2.861  -19.548 1.00 18.08  ?  42  ILE C N   1 
ATOM   505  C CA  . ILE C 1 22 ? 0.431   -3.094  -20.982 1.00 26.46  ?  42  ILE C CA  1 
ATOM   506  C C   . ILE C 1 22 ? 1.365   -4.194  -21.471 1.00 33.09  ?  42  ILE C C   1 
ATOM   507  O O   . ILE C 1 22 ? 0.940   -5.149  -22.135 1.00 33.85  ?  42  ILE C O   1 
ATOM   508  C CB  . ILE C 1 22 ? 0.625   -1.790  -21.777 1.00 27.54  ?  42  ILE C CB  1 
ATOM   509  C CG1 . ILE C 1 22 ? -0.619  -0.909  -21.646 1.00 30.52  ?  42  ILE C CG1 1 
ATOM   510  C CG2 . ILE C 1 22 ? 0.858   -2.098  -23.257 1.00 35.51  ?  42  ILE C CG2 1 
ATOM   511  C CD1 . ILE C 1 22 ? -0.409  0.541   -22.089 1.00 31.08  ?  42  ILE C CD1 1 
ATOM   512  N N   . LEU C 1 23 ? 2.652   -4.092  -21.124 1.00 27.64  ?  43  LEU C N   1 
ATOM   513  C CA  . LEU C 1 23 ? 3.609   -5.103  -21.559 1.00 27.17  ?  43  LEU C CA  1 
ATOM   514  C C   . LEU C 1 23 ? 3.256   -6.473  -20.998 1.00 38.11  ?  43  LEU C C   1 
ATOM   515  O O   . LEU C 1 23 ? 3.332   -7.489  -21.707 1.00 35.99  ?  43  LEU C O   1 
ATOM   516  C CB  . LEU C 1 23 ? 5.014   -4.691  -21.131 1.00 29.38  ?  43  LEU C CB  1 
ATOM   517  C CG  . LEU C 1 23 ? 5.488   -3.398  -21.783 1.00 28.49  ?  43  LEU C CG  1 
ATOM   518  C CD1 . LEU C 1 23 ? 6.860   -3.006  -21.250 1.00 30.07  ?  43  LEU C CD1 1 
ATOM   519  C CD2 . LEU C 1 23 ? 5.537   -3.583  -23.291 1.00 29.51  ?  43  LEU C CD2 1 
ATOM   520  N N   . ASP C 1 24 ? 2.875   -6.522  -19.720 1.00 28.98  ?  44  ASP C N   1 
ATOM   521  C CA  . ASP C 1 24 ? 2.484   -7.785  -19.113 1.00 41.41  ?  44  ASP C CA  1 
ATOM   522  C C   . ASP C 1 24 ? 1.362   -8.458  -19.894 1.00 41.10  ?  44  ASP C C   1 
ATOM   523  O O   . ASP C 1 24 ? 1.272   -9.689  -19.909 1.00 50.67  ?  44  ASP C O   1 
ATOM   524  C CB  . ASP C 1 24 ? 2.071   -7.552  -17.657 1.00 32.90  ?  44  ASP C CB  1 
ATOM   525  C CG  . ASP C 1 24 ? 1.798   -8.841  -16.915 1.00 41.33  ?  44  ASP C CG  1 
ATOM   526  O OD1 . ASP C 1 24 ? 0.628   -9.283  -16.904 1.00 59.13  ?  44  ASP C OD1 1 
ATOM   527  O OD2 . ASP C 1 24 ? 2.752   -9.417  -16.350 1.00 42.49  -1 44  ASP C OD2 1 
ATOM   528  N N   . ARG C 1 25 ? 0.501   -7.679  -20.548 1.00 43.72  ?  45  ARG C N   1 
ATOM   529  C CA  . ARG C 1 25 ? -0.575  -8.261  -21.344 1.00 43.93  ?  45  ARG C CA  1 
ATOM   530  C C   . ARG C 1 25 ? -0.123  -8.631  -22.748 1.00 47.84  ?  45  ARG C C   1 
ATOM   531  O O   . ARG C 1 25 ? -0.755  -9.481  -23.384 1.00 54.00  ?  45  ARG C O   1 
ATOM   532  C CB  . ARG C 1 25 ? -1.763  -7.302  -21.413 1.00 43.27  ?  45  ARG C CB  1 
ATOM   533  C CG  . ARG C 1 25 ? -2.441  -7.133  -20.083 1.00 49.18  ?  45  ARG C CG  1 
ATOM   534  C CD  . ARG C 1 25 ? -2.098  -8.302  -19.174 1.00 53.02  ?  45  ARG C CD  1 
ATOM   535  N NE  . ARG C 1 25 ? -2.936  -8.330  -17.984 1.00 57.02  ?  45  ARG C NE  1 
ATOM   536  C CZ  . ARG C 1 25 ? -3.912  -9.209  -17.775 1.00 64.76  ?  45  ARG C CZ  1 
ATOM   537  N NH1 . ARG C 1 25 ? -4.172  -10.151 -18.677 1.00 62.28  1  45  ARG C NH1 1 
ATOM   538  N NH2 . ARG C 1 25 ? -4.624  -9.151  -16.656 1.00 82.20  ?  45  ARG C NH2 1 
ATOM   539  N N   . LEU C 1 26 ? 0.948   -8.018  -23.235 1.00 43.96  ?  46  LEU C N   1 
ATOM   540  C CA  . LEU C 1 26 ? 1.510   -8.336  -24.541 1.00 55.75  ?  46  LEU C CA  1 
ATOM   541  C C   . LEU C 1 26 ? 2.533   -9.464  -24.438 1.00 51.60  ?  46  LEU C C   1 
ATOM   542  O O   . LEU C 1 26 ? 2.254   -10.511 -23.845 1.00 48.04  ?  46  LEU C O   1 
ATOM   543  C CB  . LEU C 1 26 ? 2.145   -7.087  -25.154 1.00 49.07  ?  46  LEU C CB  1 
ATOM   544  C CG  . LEU C 1 26 ? 1.111   -5.981  -25.370 1.00 45.07  ?  46  LEU C CG  1 
ATOM   545  C CD1 . LEU C 1 26 ? 1.700   -4.768  -26.079 1.00 55.60  ?  46  LEU C CD1 1 
ATOM   546  C CD2 . LEU C 1 26 ? -0.068  -6.536  -26.144 1.00 47.96  ?  46  LEU C CD2 1 
ATOM   547  N N   . ASP D 1 4  ? -4.508  19.075  -1.640  1.00 41.73  ?  24  ASP D N   1 
ATOM   548  C CA  . ASP D 1 4  ? -5.754  18.327  -1.758  1.00 42.23  ?  24  ASP D CA  1 
ATOM   549  C C   . ASP D 1 4  ? -5.541  16.928  -1.196  1.00 37.75  ?  24  ASP D C   1 
ATOM   550  O O   . ASP D 1 4  ? -4.663  16.200  -1.665  1.00 31.10  ?  24  ASP D O   1 
ATOM   551  C CB  . ASP D 1 4  ? -6.218  18.266  -3.221  1.00 50.42  ?  24  ASP D CB  1 
ATOM   552  C CG  . ASP D 1 4  ? -7.672  17.825  -3.364  1.00 44.59  ?  24  ASP D CG  1 
ATOM   553  O OD1 . ASP D 1 4  ? -8.109  16.954  -2.589  1.00 42.98  ?  24  ASP D OD1 1 
ATOM   554  O OD2 . ASP D 1 4  ? -8.379  18.352  -4.254  1.00 43.78  -1 24  ASP D OD2 1 
ATOM   555  N N   . PRO D 1 5  ? -6.330  16.561  -0.182  1.00 30.69  ?  25  PRO D N   1 
ATOM   556  C CA  . PRO D 1 5  ? -6.146  15.240  0.438   1.00 28.93  ?  25  PRO D CA  1 
ATOM   557  C C   . PRO D 1 5  ? -6.525  14.104  -0.491  1.00 25.13  ?  25  PRO D C   1 
ATOM   558  O O   . PRO D 1 5  ? -5.999  12.995  -0.343  1.00 26.04  ?  25  PRO D O   1 
ATOM   559  C CB  . PRO D 1 5  ? -7.060  15.301  1.676   1.00 35.02  ?  25  PRO D CB  1 
ATOM   560  C CG  . PRO D 1 5  ? -8.158  16.243  1.268   1.00 35.05  ?  25  PRO D CG  1 
ATOM   561  C CD  . PRO D 1 5  ? -7.478  17.290  0.394   1.00 43.13  ?  25  PRO D CD  1 
ATOM   562  N N   . LEU D 1 6  ? -7.431  14.343  -1.441  1.00 23.50  ?  26  LEU D N   1 
ATOM   563  C CA  . LEU D 1 6  ? -7.723  13.332  -2.453  1.00 25.34  ?  26  LEU D CA  1 
ATOM   564  C C   . LEU D 1 6  ? -6.497  13.068  -3.314  1.00 20.94  ?  26  LEU D C   1 
ATOM   565  O O   . LEU D 1 6  ? -6.214  11.919  -3.667  1.00 17.61  ?  26  LEU D O   1 
ATOM   566  C CB  . LEU D 1 6  ? -8.887  13.779  -3.338  1.00 26.44  ?  26  LEU D CB  1 
ATOM   567  C CG  . LEU D 1 6  ? -10.128 12.873  -3.371  1.00 40.46  ?  26  LEU D CG  1 
ATOM   568  C CD1 . LEU D 1 6  ? -10.609 12.561  -1.957  1.00 22.50  ?  26  LEU D CD1 1 
ATOM   569  C CD2 . LEU D 1 6  ? -11.252 13.523  -4.188  1.00 39.88  ?  26  LEU D CD2 1 
ATOM   570  N N   . VAL D 1 7  ? -5.793  14.133  -3.701  1.00 16.47  ?  27  VAL D N   1 
ATOM   571  C CA  . VAL D 1 7  ? -4.650  13.982  -4.602  1.00 23.03  ?  27  VAL D CA  1 
ATOM   572  C C   . VAL D 1 7  ? -3.465  13.370  -3.864  1.00 22.65  ?  27  VAL D C   1 
ATOM   573  O O   . VAL D 1 7  ? -2.757  12.512  -4.404  1.00 25.82  ?  27  VAL D O   1 
ATOM   574  C CB  . VAL D 1 7  ? -4.276  15.335  -5.237  1.00 27.48  ?  27  VAL D CB  1 
ATOM   575  C CG1 . VAL D 1 7  ? -3.090  15.160  -6.203  1.00 21.98  ?  27  VAL D CG1 1 
ATOM   576  C CG2 . VAL D 1 7  ? -5.470  15.934  -5.945  1.00 24.95  ?  27  VAL D CG2 1 
ATOM   577  N N   . VAL D 1 8  ? -3.218  13.810  -2.629  1.00 22.63  ?  28  VAL D N   1 
ATOM   578  C CA  . VAL D 1 8  ? -2.150  13.218  -1.832  1.00 24.07  ?  28  VAL D CA  1 
ATOM   579  C C   . VAL D 1 8  ? -2.475  11.767  -1.509  1.00 26.05  ?  28  VAL D C   1 
ATOM   580  O O   . VAL D 1 8  ? -1.591  10.901  -1.517  1.00 21.58  ?  28  VAL D O   1 
ATOM   581  C CB  . VAL D 1 8  ? -1.914  14.054  -0.562  1.00 26.58  ?  28  VAL D CB  1 
ATOM   582  C CG1 . VAL D 1 8  ? -0.823  13.437  0.281   1.00 33.32  ?  28  VAL D CG1 1 
ATOM   583  C CG2 . VAL D 1 8  ? -1.555  15.498  -0.932  1.00 25.32  ?  28  VAL D CG2 1 
ATOM   584  N N   . ALA D 1 9  ? -3.746  11.473  -1.219  1.00 23.06  ?  29  ALA D N   1 
ATOM   585  C CA  . ALA D 1 9  ? -4.137  10.103  -0.904  1.00 24.10  ?  29  ALA D CA  1 
ATOM   586  C C   . ALA D 1 9  ? -4.021  9.203   -2.125  1.00 17.71  ?  29  ALA D C   1 
ATOM   587  O O   . ALA D 1 9  ? -3.604  8.046   -2.014  1.00 20.19  ?  29  ALA D O   1 
ATOM   588  C CB  . ALA D 1 9  ? -5.572  10.077  -0.349  1.00 24.21  ?  29  ALA D CB  1 
ATOM   589  N N   . ALA D 1 10 ? -4.398  9.707   -3.302  1.00 18.84  ?  30  ALA D N   1 
ATOM   590  C CA  . ALA D 1 10 ? -4.291  8.905   -4.512  1.00 17.60  ?  30  ALA D CA  1 
ATOM   591  C C   . ALA D 1 10 ? -2.833  8.685   -4.901  1.00 21.27  ?  30  ALA D C   1 
ATOM   592  O O   . ALA D 1 10 ? -2.494  7.646   -5.482  1.00 17.02  ?  30  ALA D O   1 
ATOM   593  C CB  . ALA D 1 10 ? -5.059  9.573   -5.660  1.00 18.67  ?  30  ALA D CB  1 
ATOM   594  N N   . SER D 1 11 ? -1.969  9.647   -4.577  1.00 19.43  ?  31  SER D N   1 
ATOM   595  C CA  . SER D 1 11 ? -0.533  9.467   -4.795  1.00 20.78  ?  31  SER D CA  1 
ATOM   596  C C   . SER D 1 11 ? -0.013  8.275   -4.003  1.00 22.54  ?  31  SER D C   1 
ATOM   597  O O   . SER D 1 11 ? 0.585   7.353   -4.562  1.00 20.36  ?  31  SER D O   1 
ATOM   598  C CB  . SER D 1 11 ? 0.209   10.740  -4.397  1.00 22.71  ?  31  SER D CB  1 
ATOM   599  O OG  . SER D 1 11 ? -0.197  11.840  -5.195  1.00 20.54  ?  31  SER D OG  1 
ATOM   600  N N   . ILE D 1 12 ? -0.269  8.265   -2.691  1.00 22.34  ?  32  ILE D N   1 
ATOM   601  C CA  . ILE D 1 12 ? 0.150   7.150   -1.855  1.00 14.00  ?  32  ILE D CA  1 
ATOM   602  C C   . ILE D 1 12 ? -0.462  5.847   -2.354  1.00 19.48  ?  32  ILE D C   1 
ATOM   603  O O   . ILE D 1 12 ? 0.221   4.825   -2.458  1.00 19.12  ?  32  ILE D O   1 
ATOM   604  C CB  . ILE D 1 12 ? -0.220  7.427   -0.386  1.00 21.24  ?  32  ILE D CB  1 
ATOM   605  C CG1 . ILE D 1 12 ? 0.618   8.594   0.147   1.00 23.46  ?  32  ILE D CG1 1 
ATOM   606  C CG2 . ILE D 1 12 ? -0.070  6.161   0.438   1.00 27.39  ?  32  ILE D CG2 1 
ATOM   607  C CD1 . ILE D 1 12 ? 0.076   9.253   1.377   1.00 25.41  ?  32  ILE D CD1 1 
ATOM   608  N N   . ILE D 1 13 ? -1.772  5.863   -2.647  1.00 17.53  ?  33  ILE D N   1 
ATOM   609  C CA  . ILE D 1 13 ? -2.469  4.660   -3.092  1.00 17.88  ?  33  ILE D CA  1 
ATOM   610  C C   . ILE D 1 13 ? -1.923  4.186   -4.440  1.00 16.86  ?  33  ILE D C   1 
ATOM   611  O O   . ILE D 1 13 ? -1.846  2.983   -4.708  1.00 21.93  ?  33  ILE D O   1 
ATOM   612  C CB  . ILE D 1 13 ? -3.994  4.933   -3.139  1.00 20.10  ?  33  ILE D CB  1 
ATOM   613  C CG1 . ILE D 1 13 ? -4.573  4.957   -1.729  1.00 20.25  ?  33  ILE D CG1 1 
ATOM   614  C CG2 . ILE D 1 13 ? -4.706  3.905   -3.976  1.00 23.74  ?  33  ILE D CG2 1 
ATOM   615  C CD1 . ILE D 1 13 ? -6.072  5.364   -1.656  1.00 32.27  ?  33  ILE D CD1 1 
ATOM   616  N N   . GLY D 1 14 ? -1.558  5.117   -5.314  1.00 24.46  ?  34  GLY D N   1 
ATOM   617  C CA  . GLY D 1 14 ? -0.969  4.730   -6.589  1.00 23.21  ?  34  GLY D CA  1 
ATOM   618  C C   . GLY D 1 14 ? 0.408   4.115   -6.423  1.00 21.82  ?  34  GLY D C   1 
ATOM   619  O O   . GLY D 1 14 ? 0.737   3.107   -7.064  1.00 23.10  ?  34  GLY D O   1 
ATOM   620  N N   . ILE D 1 15 ? 1.227   4.695   -5.551  1.00 18.57  ?  35  ILE D N   1 
ATOM   621  C CA  . ILE D 1 15 ? 2.514   4.077   -5.247  1.00 22.19  ?  35  ILE D CA  1 
ATOM   622  C C   . ILE D 1 15 ? 2.290   2.668   -4.708  1.00 28.19  ?  35  ILE D C   1 
ATOM   623  O O   . ILE D 1 15 ? 2.916   1.706   -5.158  1.00 17.88  ?  35  ILE D O   1 
ATOM   624  C CB  . ILE D 1 15 ? 3.303   4.964   -4.268  1.00 21.94  ?  35  ILE D CB  1 
ATOM   625  C CG1 . ILE D 1 15 ? 3.771   6.229   -4.993  1.00 20.71  ?  35  ILE D CG1 1 
ATOM   626  C CG2 . ILE D 1 15 ? 4.445   4.192   -3.632  1.00 23.53  ?  35  ILE D CG2 1 
ATOM   627  C CD1 . ILE D 1 15 ? 4.115   7.397   -4.095  1.00 22.73  ?  35  ILE D CD1 1 
ATOM   628  N N   . LEU D 1 16 ? 1.335   2.518   -3.774  1.00 20.64  ?  36  LEU D N   1 
ATOM   629  C CA  . LEU D 1 16 ? 1.050   1.206   -3.199  1.00 16.36  ?  36  LEU D CA  1 
ATOM   630  C C   . LEU D 1 16 ? 0.603   0.212   -4.263  1.00 14.02  ?  36  LEU D C   1 
ATOM   631  O O   . LEU D 1 16 ? 1.004   -0.955  -4.243  1.00 19.82  ?  36  LEU D O   1 
ATOM   632  C CB  . LEU D 1 16 ? -0.037  1.343   -2.113  1.00 20.16  ?  36  LEU D CB  1 
ATOM   633  C CG  . LEU D 1 16 ? -0.651  0.032   -1.618  1.00 18.78  ?  36  LEU D CG  1 
ATOM   634  C CD1 . LEU D 1 16 ? 0.402   -0.814  -0.913  1.00 26.53  ?  36  LEU D CD1 1 
ATOM   635  C CD2 . LEU D 1 16 ? -1.895  0.263   -0.708  1.00 19.20  ?  36  LEU D CD2 1 
ATOM   636  N N   . HIS D 1 17 ? -0.271  0.644   -5.173  1.00 18.47  ?  37  HIS D N   1 
ATOM   637  C CA  . HIS D 1 17 ? -0.805  -0.252  -6.198  1.00 18.42  ?  37  HIS D CA  1 
ATOM   638  C C   . HIS D 1 17 ? 0.308   -0.795  -7.093  1.00 18.89  ?  37  HIS D C   1 
ATOM   639  O O   . HIS D 1 17 ? 0.302   -1.974  -7.465  1.00 17.81  ?  37  HIS D O   1 
ATOM   640  C CB  . HIS D 1 17 ? -1.851  0.497   -7.039  1.00 17.35  ?  37  HIS D CB  1 
ATOM   641  C CG  . HIS D 1 17 ? -2.642  -0.383  -7.961  1.00 19.97  ?  37  HIS D CG  1 
ATOM   642  N ND1 . HIS D 1 17 ? -3.559  0.124   -8.858  1.00 21.68  ?  37  HIS D ND1 1 
ATOM   643  C CD2 . HIS D 1 17 ? -2.665  -1.728  -8.119  1.00 21.26  ?  37  HIS D CD2 1 
ATOM   644  C CE1 . HIS D 1 17 ? -4.107  -0.870  -9.534  1.00 20.91  ?  37  HIS D CE1 1 
ATOM   645  N NE2 . HIS D 1 17 ? -3.580  -2.005  -9.108  1.00 18.45  ?  37  HIS D NE2 1 
ATOM   646  N N   . LEU D 1 18 ? 1.261   0.049   -7.452  1.00 17.60  ?  38  LEU D N   1 
ATOM   647  C CA  . LEU D 1 18 ? 2.380   -0.421  -8.275  1.00 20.65  ?  38  LEU D CA  1 
ATOM   648  C C   . LEU D 1 18 ? 3.259   -1.407  -7.506  1.00 22.84  ?  38  LEU D C   1 
ATOM   649  O O   . LEU D 1 18 ? 3.713   -2.417  -8.064  1.00 23.82  ?  38  LEU D O   1 
ATOM   650  C CB  . LEU D 1 18 ? 3.203   0.765   -8.758  1.00 19.16  ?  38  LEU D CB  1 
ATOM   651  C CG  . LEU D 1 18 ? 4.477   0.275   -9.459  1.00 22.41  ?  38  LEU D CG  1 
ATOM   652  C CD1 . LEU D 1 18 ? 4.102   -0.301  -10.820 1.00 22.70  ?  38  LEU D CD1 1 
ATOM   653  C CD2 . LEU D 1 18 ? 5.517   1.364   -9.547  1.00 28.46  ?  38  LEU D CD2 1 
ATOM   654  N N   . ILE D 1 19 ? 3.514   -1.127  -6.225  1.00 23.37  ?  39  ILE D N   1 
ATOM   655  C CA  . ILE D 1 19 ? 4.294   -2.051  -5.402  1.00 19.67  ?  39  ILE D CA  1 
ATOM   656  C C   . ILE D 1 19 ? 3.610   -3.414  -5.343  1.00 24.09  ?  39  ILE D C   1 
ATOM   657  O O   . ILE D 1 19 ? 4.258   -4.461  -5.447  1.00 19.15  ?  39  ILE D O   1 
ATOM   658  C CB  . ILE D 1 19 ? 4.495   -1.462  -3.994  1.00 18.30  ?  39  ILE D CB  1 
ATOM   659  C CG1 . ILE D 1 19 ? 5.365   -0.210  -4.034  1.00 23.33  ?  39  ILE D CG1 1 
ATOM   660  C CG2 . ILE D 1 19 ? 5.049   -2.496  -3.043  1.00 22.00  ?  39  ILE D CG2 1 
ATOM   661  C CD1 . ILE D 1 19 ? 5.745   0.294   -2.645  1.00 24.29  ?  39  ILE D CD1 1 
ATOM   662  N N   . LEU D 1 20 ? 2.283   -3.422  -5.189  1.00 18.59  ?  40  LEU D N   1 
ATOM   663  C CA  . LEU D 1 20 ? 1.559   -4.683  -5.107  1.00 19.02  ?  40  LEU D CA  1 
ATOM   664  C C   . LEU D 1 20 ? 1.573   -5.415  -6.439  1.00 18.47  ?  40  LEU D C   1 
ATOM   665  O O   . LEU D 1 20 ? 1.648   -6.648  -6.481  1.00 23.20  ?  40  LEU D O   1 
ATOM   666  C CB  . LEU D 1 20 ? 0.116   -4.435  -4.664  1.00 18.38  ?  40  LEU D CB  1 
ATOM   667  C CG  . LEU D 1 20 ? -0.122  -3.888  -3.256  1.00 21.98  ?  40  LEU D CG  1 
ATOM   668  C CD1 . LEU D 1 20 ? -1.619  -3.787  -3.005  1.00 16.17  ?  40  LEU D CD1 1 
ATOM   669  C CD2 . LEU D 1 20 ? 0.548   -4.768  -2.214  1.00 17.05  ?  40  LEU D CD2 1 
ATOM   670  N N   . TRP D 1 21 ? 1.457   -4.672  -7.536  1.00 22.27  ?  41  TRP D N   1 
ATOM   671  C CA  . TRP D 1 21 ? 1.517   -5.294  -8.853  1.00 25.49  ?  41  TRP D CA  1 
ATOM   672  C C   . TRP D 1 21 ? 2.879   -5.934  -9.094  1.00 21.66  ?  41  TRP D C   1 
ATOM   673  O O   . TRP D 1 21 ? 2.969   -7.066  -9.587  1.00 25.78  ?  41  TRP D O   1 
ATOM   674  C CB  . TRP D 1 21 ? 1.216   -4.254  -9.926  1.00 23.68  ?  41  TRP D CB  1 
ATOM   675  C CG  . TRP D 1 21 ? 1.066   -4.860  -11.265 1.00 27.13  ?  41  TRP D CG  1 
ATOM   676  C CD1 . TRP D 1 21 ? -0.096  -5.276  -11.843 1.00 29.69  ?  41  TRP D CD1 1 
ATOM   677  C CD2 . TRP D 1 21 ? 2.109   -5.138  -12.205 1.00 25.20  ?  41  TRP D CD2 1 
ATOM   678  N NE1 . TRP D 1 21 ? 0.157   -5.790  -13.094 1.00 40.29  ?  41  TRP D NE1 1 
ATOM   679  C CE2 . TRP D 1 21 ? 1.505   -5.718  -13.338 1.00 32.07  ?  41  TRP D CE2 1 
ATOM   680  C CE3 . TRP D 1 21 ? 3.498   -4.951  -12.199 1.00 26.53  ?  41  TRP D CE3 1 
ATOM   681  C CZ2 . TRP D 1 21 ? 2.239   -6.117  -14.452 1.00 37.60  ?  41  TRP D CZ2 1 
ATOM   682  C CZ3 . TRP D 1 21 ? 4.225   -5.351  -13.306 1.00 28.22  ?  41  TRP D CZ3 1 
ATOM   683  C CH2 . TRP D 1 21 ? 3.594   -5.926  -14.417 1.00 28.79  ?  41  TRP D CH2 1 
ATOM   684  N N   . ILE D 1 22 ? 3.952   -5.236  -8.733  1.00 20.63  ?  42  ILE D N   1 
ATOM   685  C CA  . ILE D 1 22 ? 5.290   -5.794  -8.917  1.00 22.80  ?  42  ILE D CA  1 
ATOM   686  C C   . ILE D 1 22 ? 5.462   -7.059  -8.085  1.00 28.06  ?  42  ILE D C   1 
ATOM   687  O O   . ILE D 1 22 ? 5.994   -8.070  -8.565  1.00 21.76  ?  42  ILE D O   1 
ATOM   688  C CB  . ILE D 1 22 ? 6.360   -4.747  -8.572  1.00 19.05  ?  42  ILE D CB  1 
ATOM   689  C CG1 . ILE D 1 22 ? 6.428   -3.683  -9.670  1.00 19.36  ?  42  ILE D CG1 1 
ATOM   690  C CG2 . ILE D 1 22 ? 7.710   -5.431  -8.373  1.00 25.75  ?  42  ILE D CG2 1 
ATOM   691  C CD1 . ILE D 1 22 ? 7.101   -2.389  -9.214  1.00 21.29  ?  42  ILE D CD1 1 
ATOM   692  N N   . LEU D 1 23 ? 5.026   -7.016  -6.816  1.00 24.69  ?  43  LEU D N   1 
ATOM   693  C CA  . LEU D 1 23 ? 5.188   -8.172  -5.936  1.00 24.85  ?  43  LEU D CA  1 
ATOM   694  C C   . LEU D 1 23 ? 4.437   -9.379  -6.478  1.00 25.59  ?  43  LEU D C   1 
ATOM   695  O O   . LEU D 1 23 ? 4.949   -10.503 -6.474  1.00 28.30  ?  43  LEU D O   1 
ATOM   696  C CB  . LEU D 1 23 ? 4.699   -7.838  -4.523  1.00 21.82  ?  43  LEU D CB  1 
ATOM   697  C CG  . LEU D 1 23 ? 5.542   -6.814  -3.765  1.00 25.45  ?  43  LEU D CG  1 
ATOM   698  C CD1 . LEU D 1 23 ? 4.894   -6.449  -2.427  1.00 23.21  ?  43  LEU D CD1 1 
ATOM   699  C CD2 . LEU D 1 23 ? 6.940   -7.370  -3.569  1.00 30.97  ?  43  LEU D CD2 1 
ATOM   700  N N   . ASP D 1 24 ? 3.202   -9.163  -6.922  1.00 30.21  ?  44  ASP D N   1 
ATOM   701  C CA  . ASP D 1 24 ? 2.413   -10.243 -7.502  1.00 34.56  ?  44  ASP D CA  1 
ATOM   702  C C   . ASP D 1 24 ? 3.071   -10.772 -8.776  1.00 31.05  ?  44  ASP D C   1 
ATOM   703  O O   . ASP D 1 24 ? 3.065   -11.981 -9.044  1.00 26.77  ?  44  ASP D O   1 
ATOM   704  C CB  . ASP D 1 24 ? 1.004   -9.727  -7.779  1.00 30.14  ?  44  ASP D CB  1 
ATOM   705  C CG  . ASP D 1 24 ? 0.081   -10.794 -8.301  1.00 48.56  ?  44  ASP D CG  1 
ATOM   706  O OD1 . ASP D 1 24 ? -0.756  -11.296 -7.515  1.00 53.38  ?  44  ASP D OD1 1 
ATOM   707  O OD2 . ASP D 1 24 ? 0.194   -11.118 -9.503  1.00 53.84  -1 44  ASP D OD2 1 
ATOM   708  N N   . ARG D 1 25 ? 3.634   -9.873  -9.573  1.00 23.91  ?  45  ARG D N   1 
ATOM   709  C CA  . ARG D 1 25 ? 4.380   -10.284 -10.760 1.00 26.01  ?  45  ARG D CA  1 
ATOM   710  C C   . ARG D 1 25 ? 5.614   -11.097 -10.372 1.00 32.00  ?  45  ARG D C   1 
ATOM   711  O O   . ARG D 1 25 ? 5.854   -12.183 -10.918 1.00 32.20  ?  45  ARG D O   1 
ATOM   712  C CB  . ARG D 1 25 ? 4.743   -9.037  -11.574 1.00 24.83  ?  45  ARG D CB  1 
ATOM   713  C CG  . ARG D 1 25 ? 5.576   -9.265  -12.847 1.00 28.48  ?  45  ARG D CG  1 
ATOM   714  C CD  . ARG D 1 25 ? 4.927   -10.232 -13.812 1.00 29.69  ?  45  ARG D CD  1 
ATOM   715  N NE  . ARG D 1 25 ? 5.956   -10.876 -14.611 1.00 59.56  ?  45  ARG D NE  1 
ATOM   716  C CZ  . ARG D 1 25 ? 6.209   -10.614 -15.886 1.00 53.33  ?  45  ARG D CZ  1 
ATOM   717  N NH1 . ARG D 1 25 ? 5.482   -9.725  -16.556 1.00 49.58  1  45  ARG D NH1 1 
ATOM   718  N NH2 . ARG D 1 25 ? 7.193   -11.259 -16.490 1.00 50.87  ?  45  ARG D NH2 1 
ATOM   719  N N   . LEU D 1 26 ? 6.399   -10.604 -9.420  1.00 26.16  ?  46  LEU D N   1 
ATOM   720  C CA  . LEU D 1 26 ? 7.632   -11.300 -9.025  1.00 37.97  ?  46  LEU D CA  1 
ATOM   721  C C   . LEU D 1 26 ? 7.295   -12.634 -8.359  1.00 41.08  ?  46  LEU D C   1 
ATOM   722  O O   . LEU D 1 26 ? 8.123   -13.546 -8.330  1.00 44.72  ?  46  LEU D O   1 
ATOM   723  C CB  . LEU D 1 26 ? 8.486   -10.447 -8.074  1.00 23.28  ?  46  LEU D CB  1 
ATOM   724  C CG  . LEU D 1 26 ? 9.108   -9.155  -8.600  1.00 30.38  ?  46  LEU D CG  1 
ATOM   725  C CD1 . LEU D 1 26 ? 9.688   -8.361  -7.441  1.00 27.33  ?  46  LEU D CD1 1 
ATOM   726  C CD2 . LEU D 1 26 ? 10.202  -9.448  -9.637  1.00 37.31  ?  46  LEU D CD2 1 
ATOM   727  N N   . SER E 1 3  ? 5.065   -18.268 0.723   1.00 51.51  ?  23  SER E N   1 
ATOM   728  C CA  . SER E 1 3  ? 4.779   -18.669 -0.652  1.00 57.68  ?  23  SER E CA  1 
ATOM   729  C C   . SER E 1 3  ? 4.162   -17.517 -1.462  1.00 46.17  ?  23  SER E C   1 
ATOM   730  O O   . SER E 1 3  ? 4.626   -17.207 -2.561  1.00 49.78  ?  23  SER E O   1 
ATOM   731  C CB  . SER E 1 3  ? 3.852   -19.889 -0.666  1.00 64.86  ?  23  SER E CB  1 
ATOM   732  O OG  . SER E 1 3  ? 3.831   -20.504 -1.944  1.00 66.33  ?  23  SER E OG  1 
ATOM   733  N N   . ASP E 1 4  ? 3.117   -16.899 -0.928  1.00 36.47  ?  24  ASP E N   1 
ATOM   734  C CA  . ASP E 1 4  ? 2.535   -15.708 -1.547  1.00 39.32  ?  24  ASP E CA  1 
ATOM   735  C C   . ASP E 1 4  ? 3.547   -14.574 -1.451  1.00 29.53  ?  24  ASP E C   1 
ATOM   736  O O   . ASP E 1 4  ? 3.977   -14.240 -0.339  1.00 30.43  ?  24  ASP E O   1 
ATOM   737  C CB  . ASP E 1 4  ? 1.229   -15.331 -0.840  1.00 30.05  ?  24  ASP E CB  1 
ATOM   738  C CG  . ASP E 1 4  ? 0.378   -14.330 -1.631  1.00 46.26  ?  24  ASP E CG  1 
ATOM   739  O OD1 . ASP E 1 4  ? -0.852  -14.564 -1.754  1.00 43.06  ?  24  ASP E OD1 1 
ATOM   740  O OD2 . ASP E 1 4  ? 0.918   -13.310 -2.117  1.00 32.75  -1 24  ASP E OD2 1 
ATOM   741  N N   . PRO E 1 5  ? 3.971   -13.972 -2.565  1.00 32.66  ?  25  PRO E N   1 
ATOM   742  C CA  . PRO E 1 5  ? 4.988   -12.911 -2.461  1.00 35.17  ?  25  PRO E CA  1 
ATOM   743  C C   . PRO E 1 5  ? 4.473   -11.690 -1.726  1.00 25.08  ?  25  PRO E C   1 
ATOM   744  O O   . PRO E 1 5  ? 5.259   -10.973 -1.093  1.00 25.49  ?  25  PRO E O   1 
ATOM   745  C CB  . PRO E 1 5  ? 5.318   -12.600 -3.930  1.00 31.45  ?  25  PRO E CB  1 
ATOM   746  C CG  . PRO E 1 5  ? 4.037   -12.912 -4.666  1.00 31.50  ?  25  PRO E CG  1 
ATOM   747  C CD  . PRO E 1 5  ? 3.487   -14.139 -3.950  1.00 36.98  ?  25  PRO E CD  1 
ATOM   748  N N   . LEU E 1 6  ? 3.162   -11.432 -1.792  1.00 27.62  ?  26  LEU E N   1 
ATOM   749  C CA  . LEU E 1 6  ? 2.581   -10.329 -1.034  1.00 23.99  ?  26  LEU E CA  1 
ATOM   750  C C   . LEU E 1 6  ? 2.765   -10.537 0.460   1.00 16.97  ?  26  LEU E C   1 
ATOM   751  O O   . LEU E 1 6  ? 3.110   -9.599  1.185   1.00 18.86  ?  26  LEU E O   1 
ATOM   752  C CB  . LEU E 1 6  ? 1.092   -10.175 -1.371  1.00 29.54  ?  26  LEU E CB  1 
ATOM   753  C CG  . LEU E 1 6  ? 0.690   -9.114  -2.400  1.00 31.93  ?  26  LEU E CG  1 
ATOM   754  C CD1 . LEU E 1 6  ? 1.366   -9.369  -3.727  1.00 32.47  ?  26  LEU E CD1 1 
ATOM   755  C CD2 . LEU E 1 6  ? -0.824  -9.099  -2.573  1.00 36.31  ?  26  LEU E CD2 1 
ATOM   756  N N   . VAL E 1 7  ? 2.554   -11.764 0.937   1.00 17.45  ?  27  VAL E N   1 
ATOM   757  C CA  . VAL E 1 7  ? 2.742   -12.068 2.357   1.00 21.33  ?  27  VAL E CA  1 
ATOM   758  C C   . VAL E 1 7  ? 4.229   -12.075 2.721   1.00 20.79  ?  27  VAL E C   1 
ATOM   759  O O   . VAL E 1 7  ? 4.634   -11.563 3.778   1.00 22.69  ?  27  VAL E O   1 
ATOM   760  C CB  . VAL E 1 7  ? 2.073   -13.415 2.694   1.00 22.84  ?  27  VAL E CB  1 
ATOM   761  C CG1 . VAL E 1 7  ? 2.247   -13.759 4.179   1.00 21.10  ?  27  VAL E CG1 1 
ATOM   762  C CG2 . VAL E 1 7  ? 0.596   -13.396 2.301   1.00 21.70  ?  27  VAL E CG2 1 
ATOM   763  N N   . VAL E 1 8  ? 5.066   -12.662 1.870   1.00 24.23  ?  28  VAL E N   1 
ATOM   764  C CA  . VAL E 1 8  ? 6.494   -12.615 2.157   1.00 18.81  ?  28  VAL E CA  1 
ATOM   765  C C   . VAL E 1 8  ? 6.953   -11.169 2.236   1.00 20.83  ?  28  VAL E C   1 
ATOM   766  O O   . VAL E 1 8  ? 7.656   -10.775 3.175   1.00 17.85  ?  28  VAL E O   1 
ATOM   767  C CB  . VAL E 1 8  ? 7.286   -13.415 1.112   1.00 25.88  ?  28  VAL E CB  1 
ATOM   768  C CG1 . VAL E 1 8  ? 8.814   -13.199 1.313   1.00 24.80  ?  28  VAL E CG1 1 
ATOM   769  C CG2 . VAL E 1 8  ? 6.921   -14.894 1.206   1.00 30.13  ?  28  VAL E CG2 1 
ATOM   770  N N   . ALA E 1 9  ? 6.512   -10.339 1.285   1.00 14.47  ?  29  ALA E N   1 
ATOM   771  C CA  . ALA E 1 9  ? 6.995   -8.964  1.249   1.00 15.71  ?  29  ALA E CA  1 
ATOM   772  C C   . ALA E 1 9  ? 6.515   -8.173  2.451   1.00 19.46  ?  29  ALA E C   1 
ATOM   773  O O   . ALA E 1 9  ? 7.260   -7.347  2.988   1.00 16.07  ?  29  ALA E O   1 
ATOM   774  C CB  . ALA E 1 9  ? 6.574   -8.281  -0.053  1.00 21.18  ?  29  ALA E CB  1 
ATOM   775  N N   . ALA E 1 10 ? 5.252   -8.385  2.862   1.00 19.06  ?  30  ALA E N   1 
ATOM   776  C CA  . ALA E 1 10 ? 4.711   -7.731  4.047   1.00 18.77  ?  30  ALA E CA  1 
ATOM   777  C C   . ALA E 1 10 ? 5.433   -8.186  5.309   1.00 16.06  ?  30  ALA E C   1 
ATOM   778  O O   . ALA E 1 10 ? 5.669   -7.382  6.215   1.00 16.66  ?  30  ALA E O   1 
ATOM   779  C CB  . ALA E 1 10 ? 3.198   -8.011  4.148   1.00 8.88   ?  30  ALA E CB  1 
ATOM   780  N N   . SER E 1 11 ? 5.800   -9.470  5.378   1.00 18.00  ?  31  SER E N   1 
ATOM   781  C CA  . SER E 1 11 ? 6.635   -9.965  6.476   1.00 18.85  ?  31  SER E CA  1 
ATOM   782  C C   . SER E 1 11 ? 7.963   -9.215  6.556   1.00 21.17  ?  31  SER E C   1 
ATOM   783  O O   . SER E 1 11 ? 8.382   -8.782  7.638   1.00 17.91  ?  31  SER E O   1 
ATOM   784  C CB  . SER E 1 11 ? 6.890   -11.470 6.306   1.00 21.53  ?  31  SER E CB  1 
ATOM   785  O OG  . SER E 1 11 ? 5.665   -12.183 6.163   1.00 23.05  ?  31  SER E OG  1 
ATOM   786  N N   . ILE E 1 12 ? 8.669   -9.096  5.421   1.00 15.42  ?  32  ILE E N   1 
ATOM   787  C CA  . ILE E 1 12 ? 9.942   -8.390  5.416   1.00 17.38  ?  32  ILE E CA  1 
ATOM   788  C C   . ILE E 1 12 ? 9.734   -6.940  5.817   1.00 17.18  ?  32  ILE E C   1 
ATOM   789  O O   . ILE E 1 12 ? 10.514  -6.363  6.586   1.00 15.10  ?  32  ILE E O   1 
ATOM   790  C CB  . ILE E 1 12 ? 10.593  -8.498  4.020   1.00 17.98  ?  32  ILE E CB  1 
ATOM   791  C CG1 . ILE E 1 12 ? 10.944  -9.946  3.690   1.00 14.48  ?  32  ILE E CG1 1 
ATOM   792  C CG2 . ILE E 1 12 ? 11.781  -7.570  3.919   1.00 14.99  ?  32  ILE E CG2 1 
ATOM   793  C CD1 . ILE E 1 12 ? 11.380  -10.168 2.230   1.00 17.79  ?  32  ILE E CD1 1 
ATOM   794  N N   . ILE E 1 13 ? 8.670   -6.333  5.298   1.00 15.46  ?  33  ILE E N   1 
ATOM   795  C CA  . ILE E 1 13 ? 8.400   -4.923  5.542   1.00 19.79  ?  33  ILE E CA  1 
ATOM   796  C C   . ILE E 1 13 ? 7.997   -4.700  6.998   1.00 18.25  ?  33  ILE E C   1 
ATOM   797  O O   . ILE E 1 13 ? 8.345   -3.680  7.604   1.00 18.76  ?  33  ILE E O   1 
ATOM   798  C CB  . ILE E 1 13 ? 7.308   -4.436  4.561   1.00 19.19  ?  33  ILE E CB  1 
ATOM   799  C CG1 . ILE E 1 13 ? 7.883   -4.266  3.142   1.00 24.54  ?  33  ILE E CG1 1 
ATOM   800  C CG2 . ILE E 1 13 ? 6.665   -3.154  5.051   1.00 17.77  ?  33  ILE E CG2 1 
ATOM   801  C CD1 . ILE E 1 13 ? 6.805   -3.872  2.121   1.00 27.61  ?  33  ILE E CD1 1 
ATOM   802  N N   . GLY E 1 14 ? 7.262   -5.653  7.583   1.00 18.52  ?  34  GLY E N   1 
ATOM   803  C CA  . GLY E 1 14 ? 6.887   -5.541  8.991   1.00 19.22  ?  34  GLY E CA  1 
ATOM   804  C C   . GLY E 1 14 ? 8.064   -5.693  9.949   1.00 19.01  ?  34  GLY E C   1 
ATOM   805  O O   . GLY E 1 14 ? 8.091   -5.070  11.013  1.00 20.17  ?  34  GLY E O   1 
ATOM   806  N N   . ILE E 1 15 ? 9.048   -6.517  9.597   1.00 19.88  ?  35  ILE E N   1 
ATOM   807  C CA  . ILE E 1 15 ? 10.261  -6.582  10.420  1.00 16.12  ?  35  ILE E CA  1 
ATOM   808  C C   . ILE E 1 15 ? 11.038  -5.271  10.327  1.00 15.28  ?  35  ILE E C   1 
ATOM   809  O O   . ILE E 1 15 ? 11.477  -4.722  11.342  1.00 17.89  ?  35  ILE E O   1 
ATOM   810  C CB  . ILE E 1 15 ? 11.118  -7.788  10.015  1.00 16.49  ?  35  ILE E CB  1 
ATOM   811  C CG1 . ILE E 1 15 ? 10.383  -9.083  10.362  1.00 14.72  ?  35  ILE E CG1 1 
ATOM   812  C CG2 . ILE E 1 15 ? 12.487  -7.717  10.694  1.00 23.56  ?  35  ILE E CG2 1 
ATOM   813  C CD1 . ILE E 1 15 ? 10.842  -10.265 9.571   1.00 19.94  ?  35  ILE E CD1 1 
ATOM   814  N N   . LEU E 1 16 ? 11.202  -4.735  9.119   1.00 19.46  ?  36  LEU E N   1 
ATOM   815  C CA  . LEU E 1 16 ? 11.832  -3.423  8.972   1.00 18.47  ?  36  LEU E CA  1 
ATOM   816  C C   . LEU E 1 16 ? 11.085  -2.364  9.765   1.00 18.30  ?  36  LEU E C   1 
ATOM   817  O O   . LEU E 1 16 ? 11.693  -1.539  10.457  1.00 20.06  ?  36  LEU E O   1 
ATOM   818  C CB  . LEU E 1 16 ? 11.883  -3.029  7.500   1.00 18.65  ?  36  LEU E CB  1 
ATOM   819  C CG  . LEU E 1 16 ? 12.406  -1.614  7.205   1.00 21.77  ?  36  LEU E CG  1 
ATOM   820  C CD1 . LEU E 1 16 ? 13.850  -1.428  7.673   1.00 17.74  ?  36  LEU E CD1 1 
ATOM   821  C CD2 . LEU E 1 16 ? 12.280  -1.319  5.714   1.00 22.31  ?  36  LEU E CD2 1 
ATOM   822  N N   . HIS E 1 17 ? 9.752   -2.351  9.649   1.00 18.66  ?  37  HIS E N   1 
ATOM   823  C CA  . HIS E 1 17 ? 8.962   -1.370  10.378  1.00 19.41  ?  37  HIS E CA  1 
ATOM   824  C C   . HIS E 1 17 ? 9.273   -1.416  11.870  1.00 17.38  ?  37  HIS E C   1 
ATOM   825  O O   . HIS E 1 17 ? 9.477   -0.373  12.507  1.00 14.38  ?  37  HIS E O   1 
ATOM   826  C CB  . HIS E 1 17 ? 7.467   -1.605  10.121  1.00 15.98  ?  37  HIS E CB  1 
ATOM   827  C CG  . HIS E 1 17 ? 6.601   -0.461  10.548  1.00 23.05  ?  37  HIS E CG  1 
ATOM   828  N ND1 . HIS E 1 17 ? 5.223   -0.532  10.559  1.00 25.24  ?  37  HIS E ND1 1 
ATOM   829  C CD2 . HIS E 1 17 ? 6.918   0.781   10.983  1.00 23.93  ?  37  HIS E CD2 1 
ATOM   830  C CE1 . HIS E 1 17 ? 4.729   0.620   10.979  1.00 27.30  ?  37  HIS E CE1 1 
ATOM   831  N NE2 . HIS E 1 17 ? 5.736   1.432   11.245  1.00 22.19  ?  37  HIS E NE2 1 
ATOM   832  N N   . LEU E 1 18 ? 9.320   -2.616  12.450  1.00 14.00  ?  38  LEU E N   1 
ATOM   833  C CA  . LEU E 1 18 ? 9.635   -2.697  13.874  1.00 19.78  ?  38  LEU E CA  1 
ATOM   834  C C   . LEU E 1 18 ? 11.036  -2.179  14.162  1.00 26.26  ?  38  LEU E C   1 
ATOM   835  O O   . LEU E 1 18 ? 11.254  -1.486  15.165  1.00 21.21  ?  38  LEU E O   1 
ATOM   836  C CB  . LEU E 1 18 ? 9.489   -4.128  14.391  1.00 25.19  ?  38  LEU E CB  1 
ATOM   837  C CG  . LEU E 1 18 ? 9.875   -4.244  15.874  1.00 23.96  ?  38  LEU E CG  1 
ATOM   838  C CD1 . LEU E 1 18 ? 9.214   -3.152  16.708  1.00 29.13  ?  38  LEU E CD1 1 
ATOM   839  C CD2 . LEU E 1 18 ? 9.526   -5.608  16.447  1.00 33.98  ?  38  LEU E CD2 1 
ATOM   840  N N   . ILE E 1 19 ? 12.009  -2.519  13.309  1.00 18.47  ?  39  ILE E N   1 
ATOM   841  C CA  . ILE E 1 19 ? 13.363  -2.037  13.542  1.00 17.86  ?  39  ILE E CA  1 
ATOM   842  C C   . ILE E 1 19 ? 13.383  -0.517  13.528  1.00 19.32  ?  39  ILE E C   1 
ATOM   843  O O   . ILE E 1 19 ? 14.007  0.119   14.380  1.00 22.22  ?  39  ILE E O   1 
ATOM   844  C CB  . ILE E 1 19 ? 14.325  -2.631  12.502  1.00 22.78  ?  39  ILE E CB  1 
ATOM   845  C CG1 . ILE E 1 19 ? 14.443  -4.142  12.711  1.00 22.72  ?  39  ILE E CG1 1 
ATOM   846  C CG2 . ILE E 1 19 ? 15.653  -1.928  12.568  1.00 16.16  ?  39  ILE E CG2 1 
ATOM   847  C CD1 . ILE E 1 19 ? 15.128  -4.859  11.595  1.00 20.25  ?  39  ILE E CD1 1 
ATOM   848  N N   . LEU E 1 20 ? 12.672  0.090   12.579  1.00 16.87  ?  40  LEU E N   1 
ATOM   849  C CA  . LEU E 1 20 ? 12.644  1.544   12.514  1.00 24.20  ?  40  LEU E CA  1 
ATOM   850  C C   . LEU E 1 20 ? 11.953  2.141   13.736  1.00 26.04  ?  40  LEU E C   1 
ATOM   851  O O   . LEU E 1 20 ? 12.335  3.217   14.210  1.00 22.27  ?  40  LEU E O   1 
ATOM   852  C CB  . LEU E 1 20 ? 11.943  1.986   11.226  1.00 20.86  ?  40  LEU E CB  1 
ATOM   853  C CG  . LEU E 1 20 ? 12.652  1.775   9.885   1.00 26.73  ?  40  LEU E CG  1 
ATOM   854  C CD1 . LEU E 1 20 ? 11.714  2.067   8.716   1.00 23.05  ?  40  LEU E CD1 1 
ATOM   855  C CD2 . LEU E 1 20 ? 13.888  2.655   9.801   1.00 25.46  ?  40  LEU E CD2 1 
ATOM   856  N N   . TRP E 1 21 ? 10.940  1.456   14.265  1.00 24.47  ?  41  TRP E N   1 
ATOM   857  C CA  . TRP E 1 21 ? 10.230  1.994   15.424  1.00 25.75  ?  41  TRP E CA  1 
ATOM   858  C C   . TRP E 1 21 ? 11.086  1.900   16.682  1.00 26.55  ?  41  TRP E C   1 
ATOM   859  O O   . TRP E 1 21 ? 11.140  2.844   17.477  1.00 26.15  ?  41  TRP E O   1 
ATOM   860  C CB  . TRP E 1 21 ? 8.902   1.260   15.610  1.00 26.41  ?  41  TRP E CB  1 
ATOM   861  C CG  . TRP E 1 21 ? 7.994   1.878   16.661  1.00 30.38  ?  41  TRP E CG  1 
ATOM   862  C CD1 . TRP E 1 21 ? 6.968   2.751   16.445  1.00 25.23  ?  41  TRP E CD1 1 
ATOM   863  C CD2 . TRP E 1 21 ? 8.044   1.657   18.075  1.00 35.84  ?  41  TRP E CD2 1 
ATOM   864  N NE1 . TRP E 1 21 ? 6.376   3.092   17.642  1.00 38.31  ?  41  TRP E NE1 1 
ATOM   865  C CE2 . TRP E 1 21 ? 7.013   2.428   18.656  1.00 34.61  ?  41  TRP E CE2 1 
ATOM   866  C CE3 . TRP E 1 21 ? 8.857   0.880   18.905  1.00 34.31  ?  41  TRP E CE3 1 
ATOM   867  C CZ2 . TRP E 1 21 ? 6.780   2.447   20.026  1.00 34.44  ?  41  TRP E CZ2 1 
ATOM   868  C CZ3 . TRP E 1 21 ? 8.628   0.904   20.264  1.00 35.63  ?  41  TRP E CZ3 1 
ATOM   869  C CH2 . TRP E 1 21 ? 7.593   1.680   20.812  1.00 38.08  ?  41  TRP E CH2 1 
ATOM   870  N N   . ILE E 1 22 ? 11.767  0.771   16.877  1.00 24.29  ?  42  ILE E N   1 
ATOM   871  C CA  . ILE E 1 22 ? 12.649  0.628   18.034  1.00 26.91  ?  42  ILE E CA  1 
ATOM   872  C C   . ILE E 1 22 ? 13.762  1.662   17.991  1.00 30.15  ?  42  ILE E C   1 
ATOM   873  O O   . ILE E 1 22 ? 14.043  2.340   18.989  1.00 25.55  ?  42  ILE E O   1 
ATOM   874  C CB  . ILE E 1 22 ? 13.226  -0.794  18.103  1.00 23.62  ?  42  ILE E CB  1 
ATOM   875  C CG1 . ILE E 1 22 ? 12.120  -1.811  18.395  1.00 27.52  ?  42  ILE E CG1 1 
ATOM   876  C CG2 . ILE E 1 22 ? 14.343  -0.839  19.137  1.00 28.55  ?  42  ILE E CG2 1 
ATOM   877  C CD1 . ILE E 1 22 ? 12.562  -3.253  18.243  1.00 26.47  ?  42  ILE E CD1 1 
ATOM   878  N N   . LEU E 1 23 ? 14.435  1.778   16.839  1.00 32.58  ?  43  LEU E N   1 
ATOM   879  C CA  . LEU E 1 23 ? 15.554  2.713   16.720  1.00 36.39  ?  43  LEU E CA  1 
ATOM   880  C C   . LEU E 1 23 ? 15.106  4.136   17.006  1.00 36.92  ?  43  LEU E C   1 
ATOM   881  O O   . LEU E 1 23 ? 15.785  4.881   17.723  1.00 36.39  ?  43  LEU E O   1 
ATOM   882  C CB  . LEU E 1 23 ? 16.169  2.639   15.321  1.00 31.80  ?  43  LEU E CB  1 
ATOM   883  C CG  . LEU E 1 23 ? 16.977  1.399   14.978  1.00 33.14  ?  43  LEU E CG  1 
ATOM   884  C CD1 . LEU E 1 23 ? 17.590  1.541   13.562  1.00 23.88  ?  43  LEU E CD1 1 
ATOM   885  C CD2 . LEU E 1 23 ? 18.051  1.197   16.036  1.00 32.42  ?  43  LEU E CD2 1 
ATOM   886  N N   . ASP E 1 24 ? 13.962  4.527   16.440  1.00 36.29  ?  44  ASP E N   1 
ATOM   887  C CA  . ASP E 1 24 ? 13.360  5.810   16.768  1.00 33.43  ?  44  ASP E CA  1 
ATOM   888  C C   . ASP E 1 24 ? 13.097  5.910   18.264  1.00 48.39  ?  44  ASP E C   1 
ATOM   889  O O   . ASP E 1 24 ? 13.321  6.961   18.876  1.00 55.30  ?  44  ASP E O   1 
ATOM   890  C CB  . ASP E 1 24 ? 12.069  5.973   15.961  1.00 40.13  ?  44  ASP E CB  1 
ATOM   891  C CG  . ASP E 1 24 ? 11.520  7.391   15.987  1.00 58.02  ?  44  ASP E CG  1 
ATOM   892  O OD1 . ASP E 1 24 ? 12.185  8.286   16.548  1.00 73.91  ?  44  ASP E OD1 1 
ATOM   893  O OD2 . ASP E 1 24 ? 10.412  7.606   15.444  1.00 63.90  -1 44  ASP E OD2 1 
ATOM   894  N N   . ARG E 1 25 ? 12.649  4.809   18.877  1.00 39.07  ?  45  ARG E N   1 
ATOM   895  C CA  . ARG E 1 25 ? 12.332  4.813   20.301  1.00 40.55  ?  45  ARG E CA  1 
ATOM   896  C C   . ARG E 1 25 ? 13.585  4.926   21.163  1.00 43.32  ?  45  ARG E C   1 
ATOM   897  O O   . ARG E 1 25 ? 13.532  5.513   22.251  1.00 47.98  ?  45  ARG E O   1 
ATOM   898  C CB  . ARG E 1 25 ? 11.560  3.543   20.661  1.00 34.50  ?  45  ARG E CB  1 
ATOM   899  C CG  . ARG E 1 25 ? 11.226  3.426   22.126  1.00 45.26  ?  45  ARG E CG  1 
ATOM   900  C CD  . ARG E 1 25 ? 10.267  4.522   22.548  1.00 45.64  ?  45  ARG E CD  1 
ATOM   901  N NE  . ARG E 1 25 ? 9.837   4.348   23.931  1.00 48.90  ?  45  ARG E NE  1 
ATOM   902  C CZ  . ARG E 1 25 ? 10.614  4.597   24.980  1.00 48.31  ?  45  ARG E CZ  1 
ATOM   903  N NH1 . ARG E 1 25 ? 11.855  5.027   24.801  1.00 53.06  1  45  ARG E NH1 1 
ATOM   904  N NH2 . ARG E 1 25 ? 10.155  4.409   26.205  1.00 51.08  ?  45  ARG E NH2 1 
ATOM   905  N N   . LEU E 1 26 ? 14.703  4.357   20.712  1.00 36.27  ?  46  LEU E N   1 
ATOM   906  C CA  . LEU E 1 26 ? 15.961  4.424   21.453  1.00 33.32  ?  46  LEU E CA  1 
ATOM   907  C C   . LEU E 1 26 ? 16.628  5.780   21.254  1.00 43.29  ?  46  LEU E C   1 
ATOM   908  O O   . LEU E 1 26 ? 17.393  6.233   22.104  1.00 50.24  ?  46  LEU E O   1 
ATOM   909  C CB  . LEU E 1 26 ? 16.906  3.306   21.014  1.00 39.84  ?  46  LEU E CB  1 
ATOM   910  C CG  . LEU E 1 26 ? 16.452  1.892   21.369  1.00 40.80  ?  46  LEU E CG  1 
ATOM   911  C CD1 . LEU E 1 26 ? 17.243  0.863   20.588  1.00 39.66  ?  46  LEU E CD1 1 
ATOM   912  C CD2 . LEU E 1 26 ? 16.613  1.661   22.860  1.00 35.22  ?  46  LEU E CD2 1 
ATOM   913  N N   . ASP F 1 4  ? -5.103  -17.284 2.487   1.00 44.17  ?  24  ASP F N   1 
ATOM   914  C CA  . ASP F 1 4  ? -6.228  -16.674 3.185   1.00 41.05  ?  24  ASP F CA  1 
ATOM   915  C C   . ASP F 1 4  ? -6.312  -15.175 2.878   1.00 35.29  ?  24  ASP F C   1 
ATOM   916  O O   . ASP F 1 4  ? -5.310  -14.461 2.967   1.00 36.09  ?  24  ASP F O   1 
ATOM   917  C CB  . ASP F 1 4  ? -6.105  -16.917 4.693   1.00 42.93  ?  24  ASP F CB  1 
ATOM   918  C CG  . ASP F 1 4  ? -7.019  -16.018 5.508   1.00 42.34  ?  24  ASP F CG  1 
ATOM   919  O OD1 . ASP F 1 4  ? -8.262  -16.133 5.391   1.00 54.84  ?  24  ASP F OD1 1 
ATOM   920  O OD2 . ASP F 1 4  ? -6.484  -15.181 6.266   1.00 51.94  -1 24  ASP F OD2 1 
ATOM   921  N N   . PRO F 1 5  ? -7.501  -14.708 2.483   1.00 32.20  ?  25  PRO F N   1 
ATOM   922  C CA  . PRO F 1 5  ? -7.668  -13.274 2.188   1.00 35.51  ?  25  PRO F CA  1 
ATOM   923  C C   . PRO F 1 5  ? -7.554  -12.364 3.400   1.00 27.57  ?  25  PRO F C   1 
ATOM   924  O O   . PRO F 1 5  ? -7.287  -11.167 3.223   1.00 29.03  ?  25  PRO F O   1 
ATOM   925  C CB  . PRO F 1 5  ? -9.073  -13.203 1.574   1.00 30.48  ?  25  PRO F CB  1 
ATOM   926  C CG  . PRO F 1 5  ? -9.751  -14.436 2.028   1.00 36.31  ?  25  PRO F CG  1 
ATOM   927  C CD  . PRO F 1 5  ? -8.690  -15.483 2.095   1.00 32.55  ?  25  PRO F CD  1 
ATOM   928  N N   . LEU F 1 6  ? -7.772  -12.865 4.616   1.00 27.76  ?  26  LEU F N   1 
ATOM   929  C CA  . LEU F 1 6  ? -7.444  -12.068 5.795   1.00 29.66  ?  26  LEU F CA  1 
ATOM   930  C C   . LEU F 1 6  ? -5.941  -11.794 5.867   1.00 24.05  ?  26  LEU F C   1 
ATOM   931  O O   . LEU F 1 6  ? -5.516  -10.655 6.084   1.00 23.66  ?  26  LEU F O   1 
ATOM   932  C CB  . LEU F 1 6  ? -7.922  -12.781 7.057   1.00 28.35  ?  26  LEU F CB  1 
ATOM   933  C CG  . LEU F 1 6  ? -7.462  -12.150 8.371   1.00 28.38  ?  26  LEU F CG  1 
ATOM   934  C CD1 . LEU F 1 6  ? -7.648  -10.629 8.331   1.00 31.56  ?  26  LEU F CD1 1 
ATOM   935  C CD2 . LEU F 1 6  ? -8.232  -12.760 9.525   1.00 29.53  ?  26  LEU F CD2 1 
ATOM   936  N N   . VAL F 1 7  ? -5.129  -12.832 5.695   1.00 20.76  ?  27  VAL F N   1 
ATOM   937  C CA  . VAL F 1 7  ? -3.674  -12.662 5.695   1.00 22.27  ?  27  VAL F CA  1 
ATOM   938  C C   . VAL F 1 7  ? -3.232  -11.761 4.544   1.00 20.85  ?  27  VAL F C   1 
ATOM   939  O O   . VAL F 1 7  ? -2.371  -10.882 4.714   1.00 20.84  ?  27  VAL F O   1 
ATOM   940  C CB  . VAL F 1 7  ? -2.992  -14.038 5.629   1.00 24.96  ?  27  VAL F CB  1 
ATOM   941  C CG1 . VAL F 1 7  ? -1.468  -13.885 5.610   1.00 19.82  ?  27  VAL F CG1 1 
ATOM   942  C CG2 . VAL F 1 7  ? -3.438  -14.898 6.807   1.00 22.30  ?  27  VAL F CG2 1 
ATOM   943  N N   . VAL F 1 8  ? -3.803  -11.966 3.353   1.00 21.37  ?  28  VAL F N   1 
ATOM   944  C CA  . VAL F 1 8  ? -3.467  -11.100 2.223   1.00 22.21  ?  28  VAL F CA  1 
ATOM   945  C C   . VAL F 1 8  ? -3.906  -9.670  2.502   1.00 21.31  ?  28  VAL F C   1 
ATOM   946  O O   . VAL F 1 8  ? -3.213  -8.713  2.142   1.00 17.09  ?  28  VAL F O   1 
ATOM   947  C CB  . VAL F 1 8  ? -4.093  -11.628 0.917   1.00 24.91  ?  28  VAL F CB  1 
ATOM   948  C CG1 . VAL F 1 8  ? -3.789  -10.676 -0.229  1.00 38.05  ?  28  VAL F CG1 1 
ATOM   949  C CG2 . VAL F 1 8  ? -3.585  -13.033 0.587   1.00 30.38  ?  28  VAL F CG2 1 
ATOM   950  N N   . ALA F 1 9  ? -5.091  -9.496  3.104   1.00 22.83  ?  29  ALA F N   1 
ATOM   951  C CA  . ALA F 1 9  ? -5.567  -8.148  3.399   1.00 18.16  ?  29  ALA F CA  1 
ATOM   952  C C   . ALA F 1 9  ? -4.662  -7.469  4.421   1.00 18.08  ?  29  ALA F C   1 
ATOM   953  O O   . ALA F 1 9  ? -4.275  -6.303  4.261   1.00 20.32  ?  29  ALA F O   1 
ATOM   954  C CB  . ALA F 1 9  ? -7.017  -8.196  3.887   1.00 23.58  ?  29  ALA F CB  1 
ATOM   955  N N   . ALA F 1 10 ? -4.288  -8.194  5.474   1.00 19.15  ?  30  ALA F N   1 
ATOM   956  C CA  . ALA F 1 10 ? -3.322  -7.653  6.427   1.00 18.34  ?  30  ALA F CA  1 
ATOM   957  C C   . ALA F 1 10 ? -1.957  -7.388  5.779   1.00 19.01  ?  30  ALA F C   1 
ATOM   958  O O   . ALA F 1 10 ? -1.256  -6.447  6.173   1.00 16.25  ?  30  ALA F O   1 
ATOM   959  C CB  . ALA F 1 10 ? -3.177  -8.606  7.610   1.00 23.09  ?  30  ALA F CB  1 
ATOM   960  N N   . SER F 1 11 ? -1.566  -8.193  4.788   1.00 15.12  ?  31  SER F N   1 
ATOM   961  C CA  . SER F 1 11 ? -0.287  -7.952  4.104   1.00 16.12  ?  31  SER F CA  1 
ATOM   962  C C   . SER F 1 11 ? -0.301  -6.611  3.367   1.00 19.09  ?  31  SER F C   1 
ATOM   963  O O   . SER F 1 11 ? 0.650   -5.825  3.465   1.00 18.12  ?  31  SER F O   1 
ATOM   964  C CB  . SER F 1 11 ? 0.002   -9.101  3.145   1.00 14.36  ?  31  SER F CB  1 
ATOM   965  O OG  . SER F 1 11 ? 0.118   -10.328 3.860   1.00 18.68  ?  31  SER F OG  1 
ATOM   966  N N   . ILE F 1 12 ? -1.397  -6.323  2.655   1.00 18.56  ?  32  ILE F N   1 
ATOM   967  C CA  . ILE F 1 12 ? -1.546  -5.047  1.960   1.00 15.57  ?  32  ILE F CA  1 
ATOM   968  C C   . ILE F 1 12 ? -1.529  -3.897  2.952   1.00 13.84  ?  32  ILE F C   1 
ATOM   969  O O   . ILE F 1 12 ? -0.921  -2.851  2.707   1.00 18.34  ?  32  ILE F O   1 
ATOM   970  C CB  . ILE F 1 12 ? -2.841  -5.073  1.123   1.00 18.15  ?  32  ILE F CB  1 
ATOM   971  C CG1 . ILE F 1 12 ? -2.765  -6.177  0.062   1.00 16.83  ?  32  ILE F CG1 1 
ATOM   972  C CG2 . ILE F 1 12 ? -3.160  -3.699  0.512   1.00 19.16  ?  32  ILE F CG2 1 
ATOM   973  C CD1 . ILE F 1 12 ? -3.950  -6.207  -0.881  1.00 18.59  ?  32  ILE F CD1 1 
ATOM   974  N N   . ILE F 1 13 ? -2.198  -4.076  4.093   1.00 19.04  ?  33  ILE F N   1 
ATOM   975  C CA  . ILE F 1 13 ? -2.296  -3.021  5.096   1.00 16.31  ?  33  ILE F CA  1 
ATOM   976  C C   . ILE F 1 13 ? -0.939  -2.773  5.750   1.00 17.89  ?  33  ILE F C   1 
ATOM   977  O O   . ILE F 1 13 ? -0.543  -1.622  5.991   1.00 17.94  ?  33  ILE F O   1 
ATOM   978  C CB  . ILE F 1 13 ? -3.381  -3.405  6.127   1.00 20.39  ?  33  ILE F CB  1 
ATOM   979  C CG1 . ILE F 1 13 ? -4.765  -3.048  5.595   1.00 23.75  ?  33  ILE F CG1 1 
ATOM   980  C CG2 . ILE F 1 13 ? -3.093  -2.781  7.501   1.00 22.06  ?  33  ILE F CG2 1 
ATOM   981  C CD1 . ILE F 1 13 ? -5.882  -3.756  6.321   1.00 31.71  ?  33  ILE F CD1 1 
ATOM   982  N N   . GLY F 1 14 ? -0.195  -3.840  6.020   1.00 17.64  ?  34  GLY F N   1 
ATOM   983  C CA  . GLY F 1 14 ? 1.146   -3.675  6.559   1.00 19.41  ?  34  GLY F CA  1 
ATOM   984  C C   . GLY F 1 14 ? 2.067   -2.894  5.635   1.00 21.38  ?  34  GLY F C   1 
ATOM   985  O O   . GLY F 1 14 ? 2.825   -2.030  6.082   1.00 20.75  ?  34  GLY F O   1 
ATOM   986  N N   . ILE F 1 15 ? 2.009   -3.172  4.332   1.00 19.30  ?  35  ILE F N   1 
ATOM   987  C CA  . ILE F 1 15 ? 2.811   -2.388  3.399   1.00 16.76  ?  35  ILE F CA  1 
ATOM   988  C C   . ILE F 1 15 ? 2.370   -0.929  3.434   1.00 19.34  ?  35  ILE F C   1 
ATOM   989  O O   . ILE F 1 15 ? 3.198   -0.022  3.546   1.00 20.09  ?  35  ILE F O   1 
ATOM   990  C CB  . ILE F 1 15 ? 2.736   -2.983  1.979   1.00 23.07  ?  35  ILE F CB  1 
ATOM   991  C CG1 . ILE F 1 15 ? 3.272   -4.417  1.956   1.00 19.36  ?  35  ILE F CG1 1 
ATOM   992  C CG2 . ILE F 1 15 ? 3.519   -2.154  1.021   1.00 17.70  ?  35  ILE F CG2 1 
ATOM   993  C CD1 . ILE F 1 15 ? 2.944   -5.171  0.681   1.00 18.30  ?  35  ILE F CD1 1 
ATOM   994  N N   . LEU F 1 16 ? 1.049   -0.682  3.375   1.00 20.69  ?  36  LEU F N   1 
ATOM   995  C CA  . LEU F 1 16 ? 0.559   0.691   3.435   1.00 18.70  ?  36  LEU F CA  1 
ATOM   996  C C   . LEU F 1 16 ? 0.997   1.381   4.721   1.00 19.30  ?  36  LEU F C   1 
ATOM   997  O O   . LEU F 1 16 ? 1.374   2.565   4.707   1.00 21.38  ?  36  LEU F O   1 
ATOM   998  C CB  . LEU F 1 16 ? -0.967  0.710   3.308   1.00 15.35  ?  36  LEU F CB  1 
ATOM   999  C CG  . LEU F 1 16 ? -1.630  2.062   3.599   1.00 20.68  ?  36  LEU F CG  1 
ATOM   1000 C CD1 . LEU F 1 16 ? -1.212  3.104   2.550   1.00 20.50  ?  36  LEU F CD1 1 
ATOM   1001 C CD2 . LEU F 1 16 ? -3.161  1.925   3.662   1.00 22.20  ?  36  LEU F CD2 1 
ATOM   1002 N N   . HIS F 1 17 ? 0.948   0.659   5.847   1.00 18.71  ?  37  HIS F N   1 
ATOM   1003 C CA  . HIS F 1 17 ? 1.347   1.229   7.132   1.00 23.59  ?  37  HIS F CA  1 
ATOM   1004 C C   . HIS F 1 17 ? 2.782   1.760   7.093   1.00 22.17  ?  37  HIS F C   1 
ATOM   1005 O O   . HIS F 1 17 ? 3.052   2.880   7.539   1.00 22.78  ?  37  HIS F O   1 
ATOM   1006 C CB  . HIS F 1 17 ? 1.185   0.170   8.231   1.00 23.33  ?  37  HIS F CB  1 
ATOM   1007 C CG  . HIS F 1 17 ? 1.269   0.717   9.619   1.00 21.00  ?  37  HIS F CG  1 
ATOM   1008 N ND1 . HIS F 1 17 ? 0.991   -0.047  10.737  1.00 21.89  ?  37  HIS F ND1 1 
ATOM   1009 C CD2 . HIS F 1 17 ? 1.595   1.949   10.078  1.00 21.27  ?  37  HIS F CD2 1 
ATOM   1010 C CE1 . HIS F 1 17 ? 1.140   0.693   11.820  1.00 24.06  ?  37  HIS F CE1 1 
ATOM   1011 N NE2 . HIS F 1 17 ? 1.501   1.910   11.450  1.00 21.60  ?  37  HIS F NE2 1 
ATOM   1012 N N   . LEU F 1 18 ? 3.722   0.979   6.560   1.00 22.58  ?  38  LEU F N   1 
ATOM   1013 C CA  . LEU F 1 18 ? 5.104   1.462   6.530   1.00 23.14  ?  38  LEU F CA  1 
ATOM   1014 C C   . LEU F 1 18 ? 5.248   2.673   5.611   1.00 25.36  ?  38  LEU F C   1 
ATOM   1015 O O   . LEU F 1 18 ? 5.978   3.619   5.931   1.00 25.59  ?  38  LEU F O   1 
ATOM   1016 C CB  . LEU F 1 18 ? 6.061   0.341   6.117   1.00 22.97  ?  38  LEU F CB  1 
ATOM   1017 C CG  . LEU F 1 18 ? 7.560   0.688   6.058   1.00 23.79  ?  38  LEU F CG  1 
ATOM   1018 C CD1 . LEU F 1 18 ? 8.033   1.383   7.320   1.00 19.79  ?  38  LEU F CD1 1 
ATOM   1019 C CD2 . LEU F 1 18 ? 8.400   -0.553  5.799   1.00 31.52  ?  38  LEU F CD2 1 
ATOM   1020 N N   . ILE F 1 19 ? 4.545   2.671   4.473   1.00 25.73  ?  39  ILE F N   1 
ATOM   1021 C CA  . ILE F 1 19 ? 4.588   3.810   3.557   1.00 19.93  ?  39  ILE F CA  1 
ATOM   1022 C C   . ILE F 1 19 ? 4.124   5.074   4.265   1.00 26.64  ?  39  ILE F C   1 
ATOM   1023 O O   . ILE F 1 19 ? 4.791   6.118   4.220   1.00 22.40  ?  39  ILE F O   1 
ATOM   1024 C CB  . ILE F 1 19 ? 3.736   3.523   2.309   1.00 28.71  ?  39  ILE F CB  1 
ATOM   1025 C CG1 . ILE F 1 19 ? 4.280   2.303   1.566   1.00 24.03  ?  39  ILE F CG1 1 
ATOM   1026 C CG2 . ILE F 1 19 ? 3.653   4.761   1.400   1.00 24.47  ?  39  ILE F CG2 1 
ATOM   1027 C CD1 . ILE F 1 19 ? 3.494   1.952   0.320   1.00 25.18  ?  39  ILE F CD1 1 
ATOM   1028 N N   . LEU F 1 20 ? 2.959   5.002   4.923   1.00 25.01  ?  40  LEU F N   1 
ATOM   1029 C CA  . LEU F 1 20 ? 2.448   6.148   5.662   1.00 21.70  ?  40  LEU F CA  1 
ATOM   1030 C C   . LEU F 1 20 ? 3.418   6.568   6.750   1.00 25.97  ?  40  LEU F C   1 
ATOM   1031 O O   . LEU F 1 20 ? 3.723   7.757   6.913   1.00 28.49  ?  40  LEU F O   1 
ATOM   1032 C CB  . LEU F 1 20 ? 1.083   5.807   6.267   1.00 22.48  ?  40  LEU F CB  1 
ATOM   1033 C CG  . LEU F 1 20 ? 0.002   5.638   5.204   1.00 19.44  ?  40  LEU F CG  1 
ATOM   1034 C CD1 . LEU F 1 20 ? -1.301  5.197   5.842   1.00 19.68  ?  40  LEU F CD1 1 
ATOM   1035 C CD2 . LEU F 1 20 ? -0.155  6.954   4.455   1.00 19.95  ?  40  LEU F CD2 1 
ATOM   1036 N N   . TRP F 1 21 ? 3.895   5.601   7.523   1.00 20.53  ?  41  TRP F N   1 
ATOM   1037 C CA  . TRP F 1 21 ? 4.796   5.914   8.620   1.00 27.99  ?  41  TRP F CA  1 
ATOM   1038 C C   . TRP F 1 21 ? 6.069   6.600   8.113   1.00 34.32  ?  41  TRP F C   1 
ATOM   1039 O O   . TRP F 1 21 ? 6.521   7.589   8.702   1.00 37.34  ?  41  TRP F O   1 
ATOM   1040 C CB  . TRP F 1 21 ? 5.089   4.629   9.387   1.00 31.77  ?  41  TRP F CB  1 
ATOM   1041 C CG  . TRP F 1 21 ? 5.759   4.809   10.696  1.00 38.27  ?  41  TRP F CG  1 
ATOM   1042 C CD1 . TRP F 1 21 ? 5.162   4.934   11.921  1.00 36.96  ?  41  TRP F CD1 1 
ATOM   1043 C CD2 . TRP F 1 21 ? 7.164   4.862   10.922  1.00 31.18  ?  41  TRP F CD2 1 
ATOM   1044 N NE1 . TRP F 1 21 ? 6.123   5.066   12.898  1.00 42.60  ?  41  TRP F NE1 1 
ATOM   1045 C CE2 . TRP F 1 21 ? 7.360   5.027   12.309  1.00 32.99  ?  41  TRP F CE2 1 
ATOM   1046 C CE3 . TRP F 1 21 ? 8.285   4.787   10.084  1.00 34.79  ?  41  TRP F CE3 1 
ATOM   1047 C CZ2 . TRP F 1 21 ? 8.627   5.120   12.876  1.00 32.18  ?  41  TRP F CZ2 1 
ATOM   1048 C CZ3 . TRP F 1 21 ? 9.537   4.878   10.649  1.00 36.88  ?  41  TRP F CZ3 1 
ATOM   1049 C CH2 . TRP F 1 21 ? 9.698   5.046   12.035  1.00 34.74  ?  41  TRP F CH2 1 
ATOM   1050 N N   . ILE F 1 22 ? 6.632   6.125   6.995   1.00 28.24  ?  42  ILE F N   1 
ATOM   1051 C CA  . ILE F 1 22 ? 7.798   6.789   6.405   1.00 34.97  ?  42  ILE F CA  1 
ATOM   1052 C C   . ILE F 1 22 ? 7.447   8.209   5.970   1.00 37.73  ?  42  ILE F C   1 
ATOM   1053 O O   . ILE F 1 22 ? 8.185   9.161   6.254   1.00 37.70  ?  42  ILE F O   1 
ATOM   1054 C CB  . ILE F 1 22 ? 8.351   5.986   5.214   1.00 37.01  ?  42  ILE F CB  1 
ATOM   1055 C CG1 . ILE F 1 22 ? 9.041   4.699   5.665   1.00 36.50  ?  42  ILE F CG1 1 
ATOM   1056 C CG2 . ILE F 1 22 ? 9.326   6.851   4.419   1.00 43.60  ?  42  ILE F CG2 1 
ATOM   1057 C CD1 . ILE F 1 22 ? 10.311  4.931   6.427   1.00 45.91  ?  42  ILE F CD1 1 
ATOM   1058 N N   . LEU F 1 23 ? 6.326   8.368   5.253   1.00 33.09  ?  43  LEU F N   1 
ATOM   1059 C CA  . LEU F 1 23 ? 5.959   9.676   4.711   1.00 33.82  ?  43  LEU F CA  1 
ATOM   1060 C C   . LEU F 1 23 ? 5.692   10.681  5.823   1.00 43.92  ?  43  LEU F C   1 
ATOM   1061 O O   . LEU F 1 23 ? 6.173   11.820  5.770   1.00 48.09  ?  43  LEU F O   1 
ATOM   1062 C CB  . LEU F 1 23 ? 4.729   9.558   3.806   1.00 30.68  ?  43  LEU F CB  1 
ATOM   1063 C CG  . LEU F 1 23 ? 4.840   8.855   2.453   1.00 37.02  ?  43  LEU F CG  1 
ATOM   1064 C CD1 . LEU F 1 23 ? 3.547   9.028   1.667   1.00 34.15  ?  43  LEU F CD1 1 
ATOM   1065 C CD2 . LEU F 1 23 ? 6.022   9.384   1.662   1.00 42.23  ?  43  LEU F CD2 1 
ATOM   1066 N N   . ASP F 1 24 ? 4.893   10.291  6.823   1.00 45.78  ?  44  ASP F N   1 
ATOM   1067 C CA  . ASP F 1 24 ? 4.626   11.185  7.944   1.00 41.56  ?  44  ASP F CA  1 
ATOM   1068 C C   . ASP F 1 24 ? 5.915   11.580  8.649   1.00 53.88  ?  44  ASP F C   1 
ATOM   1069 O O   . ASP F 1 24 ? 6.025   12.693  9.177   1.00 55.86  ?  44  ASP F O   1 
ATOM   1070 C CB  . ASP F 1 24 ? 3.657   10.519  8.920   1.00 50.21  ?  44  ASP F CB  1 
ATOM   1071 C CG  . ASP F 1 24 ? 3.272   11.423  10.083  1.00 55.73  ?  44  ASP F CG  1 
ATOM   1072 O OD1 . ASP F 1 24 ? 2.724   12.523  9.832   1.00 52.05  ?  44  ASP F OD1 1 
ATOM   1073 O OD2 . ASP F 1 24 ? 3.507   11.021  11.244  1.00 53.15  -1 44  ASP F OD2 1 
ATOM   1074 N N   . ARG F 1 25 ? 6.903   10.684  8.651   1.00 44.25  ?  45  ARG F N   1 
ATOM   1075 C CA  . ARG F 1 25 ? 8.192   10.993  9.254   1.00 57.47  ?  45  ARG F CA  1 
ATOM   1076 C C   . ARG F 1 25 ? 8.927   12.081  8.475   1.00 59.87  ?  45  ARG F C   1 
ATOM   1077 O O   . ARG F 1 25 ? 9.532   12.978  9.074   1.00 61.99  ?  45  ARG F O   1 
ATOM   1078 C CB  . ARG F 1 25 ? 9.029   9.721   9.337   1.00 49.82  ?  45  ARG F CB  1 
ATOM   1079 C CG  . ARG F 1 25 ? 10.257  9.860   10.190  1.00 67.58  ?  45  ARG F CG  1 
ATOM   1080 C CD  . ARG F 1 25 ? 10.917  8.517   10.431  1.00 72.58  ?  45  ARG F CD  1 
ATOM   1081 N NE  . ARG F 1 25 ? 12.096  8.675   11.272  1.00 81.70  ?  45  ARG F NE  1 
ATOM   1082 C CZ  . ARG F 1 25 ? 12.048  8.873   12.587  1.00 83.22  ?  45  ARG F CZ  1 
ATOM   1083 N NH1 . ARG F 1 25 ? 10.875  8.929   13.209  1.00 66.60  1  45  ARG F NH1 1 
ATOM   1084 N NH2 . ARG F 1 25 ? 13.172  9.016   13.276  1.00 101.02 ?  45  ARG F NH2 1 
ATOM   1085 N N   . LEU F 1 26 ? 8.891   12.020  7.147   1.00 51.63  ?  46  LEU F N   1 
ATOM   1086 C CA  . LEU F 1 26 ? 9.460   13.078  6.319   1.00 50.97  ?  46  LEU F CA  1 
ATOM   1087 C C   . LEU F 1 26 ? 8.711   14.399  6.523   1.00 64.17  ?  46  LEU F C   1 
ATOM   1088 O O   . LEU F 1 26 ? 7.471   14.438  6.552   1.00 53.14  ?  46  LEU F O   1 
ATOM   1089 C CB  . LEU F 1 26 ? 9.430   12.680  4.841   1.00 48.04  ?  46  LEU F CB  1 
ATOM   1090 C CG  . LEU F 1 26 ? 10.268  11.463  4.439   1.00 58.75  ?  46  LEU F CG  1 
ATOM   1091 C CD1 . LEU F 1 26 ? 10.010  11.068  2.993   1.00 44.59  ?  46  LEU F CD1 1 
ATOM   1092 C CD2 . LEU F 1 26 ? 11.754  11.730  4.663   1.00 69.44  ?  46  LEU F CD2 1 
ATOM   1093 N N   . ASP G 1 4  ? -2.703  -20.929 9.789   1.00 57.57  ?  24  ASP G N   1 
ATOM   1094 C CA  . ASP G 1 4  ? -2.040  -20.969 11.090  1.00 43.02  ?  24  ASP G CA  1 
ATOM   1095 C C   . ASP G 1 4  ? -2.585  -19.849 11.973  1.00 43.36  ?  24  ASP G C   1 
ATOM   1096 O O   . ASP G 1 4  ? -2.624  -18.688 11.558  1.00 41.16  ?  24  ASP G O   1 
ATOM   1097 C CB  . ASP G 1 4  ? -0.526  -20.852 10.919  1.00 54.63  ?  24  ASP G CB  1 
ATOM   1098 C CG  . ASP G 1 4  ? 0.241   -21.357 12.128  1.00 60.96  ?  24  ASP G CG  1 
ATOM   1099 O OD1 . ASP G 1 4  ? -0.248  -21.176 13.264  1.00 54.07  ?  24  ASP G OD1 1 
ATOM   1100 O OD2 . ASP G 1 4  ? 1.333   -21.938 11.942  1.00 59.17  -1 24  ASP G OD2 1 
ATOM   1101 N N   . PRO G 1 5  ? -3.022  -20.201 13.187  1.00 42.42  ?  25  PRO G N   1 
ATOM   1102 C CA  . PRO G 1 5  ? -3.716  -19.211 14.028  1.00 33.93  ?  25  PRO G CA  1 
ATOM   1103 C C   . PRO G 1 5  ? -2.842  -18.046 14.462  1.00 32.30  ?  25  PRO G C   1 
ATOM   1104 O O   . PRO G 1 5  ? -3.378  -16.966 14.743  1.00 27.91  ?  25  PRO G O   1 
ATOM   1105 C CB  . PRO G 1 5  ? -4.184  -20.043 15.231  1.00 45.12  ?  25  PRO G CB  1 
ATOM   1106 C CG  . PRO G 1 5  ? -4.192  -21.466 14.732  1.00 42.55  ?  25  PRO G CG  1 
ATOM   1107 C CD  . PRO G 1 5  ? -3.031  -21.542 13.798  1.00 43.42  ?  25  PRO G CD  1 
ATOM   1108 N N   . LEU G 1 6  ? -1.517  -18.231 14.543  1.00 30.00  ?  26  LEU G N   1 
ATOM   1109 C CA  . LEU G 1 6  ? -0.636  -17.126 14.909  1.00 30.00  ?  26  LEU G CA  1 
ATOM   1110 C C   . LEU G 1 6  ? -0.577  -16.079 13.802  1.00 23.30  ?  26  LEU G C   1 
ATOM   1111 O O   . LEU G 1 6  ? -0.637  -14.876 14.075  1.00 27.45  ?  26  LEU G O   1 
ATOM   1112 C CB  . LEU G 1 6  ? 0.770   -17.646 15.230  1.00 27.24  ?  26  LEU G CB  1 
ATOM   1113 C CG  . LEU G 1 6  ? 1.825   -16.570 15.496  1.00 22.95  ?  26  LEU G CG  1 
ATOM   1114 C CD1 . LEU G 1 6  ? 1.412   -15.618 16.584  1.00 34.13  ?  26  LEU G CD1 1 
ATOM   1115 C CD2 . LEU G 1 6  ? 3.135   -17.224 15.857  1.00 39.24  ?  26  LEU G CD2 1 
ATOM   1116 N N   . VAL G 1 7  ? -0.449  -16.519 12.550  1.00 24.77  ?  27  VAL G N   1 
ATOM   1117 C CA  . VAL G 1 7  ? -0.494  -15.592 11.424  1.00 23.24  ?  27  VAL G CA  1 
ATOM   1118 C C   . VAL G 1 7  ? -1.861  -14.914 11.353  1.00 26.98  ?  27  VAL G C   1 
ATOM   1119 O O   . VAL G 1 7  ? -1.968  -13.704 11.117  1.00 24.11  ?  27  VAL G O   1 
ATOM   1120 C CB  . VAL G 1 7  ? -0.156  -16.342 10.124  1.00 25.35  ?  27  VAL G CB  1 
ATOM   1121 C CG1 . VAL G 1 7  ? -0.248  -15.416 8.929   1.00 23.95  ?  27  VAL G CG1 1 
ATOM   1122 C CG2 . VAL G 1 7  ? 1.239   -16.986 10.220  1.00 25.29  ?  27  VAL G CG2 1 
ATOM   1123 N N   . VAL G 1 8  ? -2.930  -15.671 11.580  1.00 26.86  ?  28  VAL G N   1 
ATOM   1124 C CA  . VAL G 1 8  ? -4.258  -15.064 11.568  1.00 28.72  ?  28  VAL G CA  1 
ATOM   1125 C C   . VAL G 1 8  ? -4.384  -14.029 12.678  1.00 21.99  ?  28  VAL G C   1 
ATOM   1126 O O   . VAL G 1 8  ? -4.916  -12.931 12.469  1.00 25.47  ?  28  VAL G O   1 
ATOM   1127 C CB  . VAL G 1 8  ? -5.331  -16.155 11.669  1.00 31.79  ?  28  VAL G CB  1 
ATOM   1128 C CG1 . VAL G 1 8  ? -6.708  -15.535 11.623  1.00 31.30  ?  28  VAL G CG1 1 
ATOM   1129 C CG2 . VAL G 1 8  ? -5.141  -17.145 10.535  1.00 34.34  ?  28  VAL G CG2 1 
ATOM   1130 N N   . ALA G 1 9  ? -3.884  -14.347 13.872  1.00 23.98  ?  29  ALA G N   1 
ATOM   1131 C CA  . ALA G 1 9  ? -3.941  -13.376 14.958  1.00 25.02  ?  29  ALA G CA  1 
ATOM   1132 C C   . ALA G 1 9  ? -3.155  -12.117 14.618  1.00 22.93  ?  29  ALA G C   1 
ATOM   1133 O O   . ALA G 1 9  ? -3.627  -10.995 14.842  1.00 22.07  ?  29  ALA G O   1 
ATOM   1134 C CB  . ALA G 1 9  ? -3.420  -13.997 16.250  1.00 23.40  ?  29  ALA G CB  1 
ATOM   1135 N N   . ALA G 1 10 ? -1.940  -12.282 14.088  1.00 19.43  ?  30  ALA G N   1 
ATOM   1136 C CA  . ALA G 1 10 ? -1.135  -11.124 13.731  1.00 14.52  ?  30  ALA G CA  1 
ATOM   1137 C C   . ALA G 1 10 ? -1.783  -10.322 12.613  1.00 16.54  ?  30  ALA G C   1 
ATOM   1138 O O   . ALA G 1 10 ? -1.644  -9.089  12.560  1.00 16.35  ?  30  ALA G O   1 
ATOM   1139 C CB  . ALA G 1 10 ? 0.268   -11.589 13.325  1.00 16.49  ?  30  ALA G CB  1 
ATOM   1140 N N   . SER G 1 11 ? -2.487  -11.002 11.707  1.00 16.24  ?  31  SER G N   1 
ATOM   1141 C CA  . SER G 1 11 ? -3.198  -10.305 10.637  1.00 20.42  ?  31  SER G CA  1 
ATOM   1142 C C   . SER G 1 11 ? -4.244  -9.360  11.213  1.00 22.51  ?  31  SER G C   1 
ATOM   1143 O O   . SER G 1 11 ? -4.336  -8.187  10.817  1.00 21.20  ?  31  SER G O   1 
ATOM   1144 C CB  . SER G 1 11 ? -3.848  -11.323 9.692   1.00 17.17  ?  31  SER G CB  1 
ATOM   1145 O OG  . SER G 1 11 ? -2.859  -12.048 8.976   1.00 23.55  ?  31  SER G OG  1 
ATOM   1146 N N   . ILE G 1 12 ? -5.035  -9.858  12.164  1.00 20.65  ?  32  ILE G N   1 
ATOM   1147 C CA  . ILE G 1 12 ? -6.039  -9.028  12.826  1.00 20.86  ?  32  ILE G CA  1 
ATOM   1148 C C   . ILE G 1 12 ? -5.369  -7.879  13.560  1.00 19.03  ?  32  ILE G C   1 
ATOM   1149 O O   . ILE G 1 12 ? -5.850  -6.736  13.533  1.00 16.86  ?  32  ILE G O   1 
ATOM   1150 C CB  . ILE G 1 12 ? -6.881  -9.897  13.779  1.00 25.33  ?  32  ILE G CB  1 
ATOM   1151 C CG1 . ILE G 1 12 ? -7.815  -10.811 12.976  1.00 25.18  ?  32  ILE G CG1 1 
ATOM   1152 C CG2 . ILE G 1 12 ? -7.632  -9.031  14.764  1.00 19.78  ?  32  ILE G CG2 1 
ATOM   1153 C CD1 . ILE G 1 12 ? -8.220  -12.051 13.702  1.00 23.34  ?  32  ILE G CD1 1 
ATOM   1154 N N   . ILE G 1 13 ? -4.239  -8.169  14.218  1.00 18.69  ?  33  ILE G N   1 
ATOM   1155 C CA  . ILE G 1 13 ? -3.558  -7.181  15.043  1.00 18.62  ?  33  ILE G CA  1 
ATOM   1156 C C   . ILE G 1 13 ? -2.947  -6.091  14.179  1.00 18.65  ?  33  ILE G C   1 
ATOM   1157 O O   . ILE G 1 13 ? -2.952  -4.912  14.560  1.00 20.10  ?  33  ILE G O   1 
ATOM   1158 C CB  . ILE G 1 13 ? -2.505  -7.879  15.933  1.00 24.56  ?  33  ILE G CB  1 
ATOM   1159 C CG1 . ILE G 1 13 ? -3.171  -8.431  17.197  1.00 22.88  ?  33  ILE G CG1 1 
ATOM   1160 C CG2 . ILE G 1 13 ? -1.343  -6.944  16.282  1.00 24.41  ?  33  ILE G CG2 1 
ATOM   1161 C CD1 . ILE G 1 13 ? -4.238  -7.527  17.789  1.00 33.49  ?  33  ILE G CD1 1 
ATOM   1162 N N   . GLY G 1 14 ? -2.387  -6.468  13.019  1.00 22.45  ?  34  GLY G N   1 
ATOM   1163 C CA  . GLY G 1 14 ? -1.849  -5.480  12.097  1.00 20.77  ?  34  GLY G CA  1 
ATOM   1164 C C   . GLY G 1 14 ? -2.921  -4.571  11.522  1.00 20.68  ?  34  GLY G C   1 
ATOM   1165 O O   . GLY G 1 14 ? -2.696  -3.370  11.331  1.00 22.05  ?  34  GLY G O   1 
ATOM   1166 N N   . ILE G 1 15 ? -4.092  -5.126  11.220  1.00 21.11  ?  35  ILE G N   1 
ATOM   1167 C CA  . ILE G 1 15 ? -5.223  -4.283  10.829  1.00 22.45  ?  35  ILE G CA  1 
ATOM   1168 C C   . ILE G 1 15 ? -5.542  -3.282  11.938  1.00 23.37  ?  35  ILE G C   1 
ATOM   1169 O O   . ILE G 1 15 ? -5.678  -2.075  11.691  1.00 22.69  ?  35  ILE G O   1 
ATOM   1170 C CB  . ILE G 1 15 ? -6.435  -5.159  10.458  1.00 18.73  ?  35  ILE G CB  1 
ATOM   1171 C CG1 . ILE G 1 15 ? -6.073  -6.033  9.243   1.00 26.78  ?  35  ILE G CG1 1 
ATOM   1172 C CG2 . ILE G 1 15 ? -7.640  -4.302  10.146  1.00 22.72  ?  35  ILE G CG2 1 
ATOM   1173 C CD1 . ILE G 1 15 ? -6.975  -7.247  9.040   1.00 29.39  ?  35  ILE G CD1 1 
ATOM   1174 N N   . LEU G 1 16 ? -5.609  -3.767  13.184  1.00 21.21  ?  36  LEU G N   1 
ATOM   1175 C CA  . LEU G 1 16 ? -5.864  -2.899  14.331  1.00 13.46  ?  36  LEU G CA  1 
ATOM   1176 C C   . LEU G 1 16 ? -4.798  -1.824  14.464  1.00 22.17  ?  36  LEU G C   1 
ATOM   1177 O O   . LEU G 1 16 ? -5.107  -0.647  14.697  1.00 16.01  ?  36  LEU G O   1 
ATOM   1178 C CB  . LEU G 1 16 ? -5.915  -3.736  15.612  1.00 17.31  ?  36  LEU G CB  1 
ATOM   1179 C CG  . LEU G 1 16 ? -6.051  -2.969  16.932  1.00 18.09  ?  36  LEU G CG  1 
ATOM   1180 C CD1 . LEU G 1 16 ? -7.449  -2.280  17.006  1.00 14.95  ?  36  LEU G CD1 1 
ATOM   1181 C CD2 . LEU G 1 16 ? -5.838  -3.877  18.142  1.00 18.56  ?  36  LEU G CD2 1 
ATOM   1182 N N   . HIS G 1 17 ? -3.524  -2.228  14.358  1.00 17.17  ?  37  HIS G N   1 
ATOM   1183 C CA  . HIS G 1 17 ? -2.411  -1.299  14.500  1.00 18.56  ?  37  HIS G CA  1 
ATOM   1184 C C   . HIS G 1 17 ? -2.529  -0.119  13.536  1.00 17.89  ?  37  HIS G C   1 
ATOM   1185 O O   . HIS G 1 17 ? -2.362  1.041   13.931  1.00 15.89  ?  37  HIS G O   1 
ATOM   1186 C CB  . HIS G 1 17 ? -1.108  -2.074  14.272  1.00 20.47  ?  37  HIS G CB  1 
ATOM   1187 C CG  . HIS G 1 17 ? 0.131   -1.345  14.677  1.00 26.73  ?  37  HIS G CG  1 
ATOM   1188 N ND1 . HIS G 1 17 ? 1.380   -1.938  14.630  1.00 26.78  ?  37  HIS G ND1 1 
ATOM   1189 C CD2 . HIS G 1 17 ? 0.331   -0.084  15.131  1.00 24.74  ?  37  HIS G CD2 1 
ATOM   1190 C CE1 . HIS G 1 17 ? 2.291   -1.070  15.031  1.00 25.52  ?  37  HIS G CE1 1 
ATOM   1191 N NE2 . HIS G 1 17 ? 1.684   0.064   15.335  1.00 23.41  ?  37  HIS G NE2 1 
ATOM   1192 N N   . LEU G 1 18 ? -2.787  -0.398  12.255  1.00 19.60  ?  38  LEU G N   1 
ATOM   1193 C CA  . LEU G 1 18 ? -2.892  0.687   11.282  1.00 23.34  ?  38  LEU G CA  1 
ATOM   1194 C C   . LEU G 1 18 ? -4.023  1.642   11.642  1.00 21.18  ?  38  LEU G C   1 
ATOM   1195 O O   . LEU G 1 18 ? -3.854  2.869   11.618  1.00 23.47  ?  38  LEU G O   1 
ATOM   1196 C CB  . LEU G 1 18 ? -3.102  0.132   9.872   1.00 23.48  ?  38  LEU G CB  1 
ATOM   1197 C CG  . LEU G 1 18 ? -3.329  1.253   8.853   1.00 28.08  ?  38  LEU G CG  1 
ATOM   1198 C CD1 . LEU G 1 18 ? -2.208  2.283   8.947   1.00 20.77  ?  38  LEU G CD1 1 
ATOM   1199 C CD2 . LEU G 1 18 ? -3.448  0.702   7.432   1.00 27.21  ?  38  LEU G CD2 1 
ATOM   1200 N N   . ILE G 1 19 ? -5.193  1.095   11.959  1.00 22.38  ?  39  ILE G N   1 
ATOM   1201 C CA  . ILE G 1 19 ? -6.321  1.924   12.408  1.00 21.60  ?  39  ILE G CA  1 
ATOM   1202 C C   . ILE G 1 19 ? -5.903  2.815   13.573  1.00 19.13  ?  39  ILE G C   1 
ATOM   1203 O O   . ILE G 1 19 ? -6.104  4.036   13.552  1.00 22.12  ?  39  ILE G O   1 
ATOM   1204 C CB  . ILE G 1 19 ? -7.521  1.032   12.767  1.00 20.14  ?  39  ILE G CB  1 
ATOM   1205 C CG1 . ILE G 1 19 ? -7.937  0.191   11.552  1.00 24.38  ?  39  ILE G CG1 1 
ATOM   1206 C CG2 . ILE G 1 19 ? -8.726  1.866   13.304  1.00 20.59  ?  39  ILE G CG2 1 
ATOM   1207 C CD1 . ILE G 1 19 ? -9.172  -0.680  11.796  1.00 30.63  ?  39  ILE G CD1 1 
ATOM   1208 N N   . LEU G 1 20 ? -5.275  2.229   14.594  1.00 21.30  ?  40  LEU G N   1 
ATOM   1209 C CA  . LEU G 1 20 ? -4.906  3.023   15.765  1.00 18.22  ?  40  LEU G CA  1 
ATOM   1210 C C   . LEU G 1 20 ? -3.924  4.122   15.413  1.00 22.03  ?  40  LEU G C   1 
ATOM   1211 O O   . LEU G 1 20 ? -4.056  5.263   15.880  1.00 20.35  ?  40  LEU G O   1 
ATOM   1212 C CB  . LEU G 1 20 ? -4.319  2.125   16.848  1.00 21.35  ?  40  LEU G CB  1 
ATOM   1213 C CG  . LEU G 1 20 ? -5.240  1.012   17.348  1.00 17.00  ?  40  LEU G CG  1 
ATOM   1214 C CD1 . LEU G 1 20 ? -4.505  0.154   18.352  1.00 21.73  ?  40  LEU G CD1 1 
ATOM   1215 C CD2 . LEU G 1 20 ? -6.539  1.590   17.937  1.00 17.25  ?  40  LEU G CD2 1 
ATOM   1216 N N   . TRP G 1 21 ? -2.897  3.777   14.628  1.00 20.92  ?  41  TRP G N   1 
ATOM   1217 C CA  . TRP G 1 21 ? -1.868  4.738   14.277  1.00 22.67  ?  41  TRP G CA  1 
ATOM   1218 C C   . TRP G 1 21 ? -2.439  5.881   13.452  1.00 21.24  ?  41  TRP G C   1 
ATOM   1219 O O   . TRP G 1 21 ? -2.133  7.051   13.706  1.00 24.17  ?  41  TRP G O   1 
ATOM   1220 C CB  . TRP G 1 21 ? -0.746  4.022   13.525  1.00 23.81  ?  41  TRP G CB  1 
ATOM   1221 C CG  . TRP G 1 21 ? 0.365   4.907   13.154  1.00 32.30  ?  41  TRP G CG  1 
ATOM   1222 C CD1 . TRP G 1 21 ? 1.445   5.237   13.919  1.00 33.65  ?  41  TRP G CD1 1 
ATOM   1223 C CD2 . TRP G 1 21 ? 0.525   5.590   11.911  1.00 34.02  ?  41  TRP G CD2 1 
ATOM   1224 N NE1 . TRP G 1 21 ? 2.262   6.089   13.230  1.00 37.85  ?  41  TRP G NE1 1 
ATOM   1225 C CE2 . TRP G 1 21 ? 1.722   6.321   11.991  1.00 34.67  ?  41  TRP G CE2 1 
ATOM   1226 C CE3 . TRP G 1 21 ? -0.225  5.648   10.734  1.00 32.43  ?  41  TRP G CE3 1 
ATOM   1227 C CZ2 . TRP G 1 21 ? 2.184   7.104   10.944  1.00 33.65  ?  41  TRP G CZ2 1 
ATOM   1228 C CZ3 . TRP G 1 21 ? 0.241   6.425   9.693   1.00 30.92  ?  41  TRP G CZ3 1 
ATOM   1229 C CH2 . TRP G 1 21 ? 1.429   7.144   9.807   1.00 34.17  ?  41  TRP G CH2 1 
ATOM   1230 N N   . ILE G 1 22 ? -3.276  5.566   12.466  1.00 20.04  ?  42  ILE G N   1 
ATOM   1231 C CA  . ILE G 1 22 ? -3.946  6.618   11.705  1.00 27.34  ?  42  ILE G CA  1 
ATOM   1232 C C   . ILE G 1 22 ? -4.713  7.545   12.642  1.00 38.93  ?  42  ILE G C   1 
ATOM   1233 O O   . ILE G 1 22 ? -4.554  8.774   12.609  1.00 33.40  ?  42  ILE G O   1 
ATOM   1234 C CB  . ILE G 1 22 ? -4.869  6.002   10.639  1.00 26.85  ?  42  ILE G CB  1 
ATOM   1235 C CG1 . ILE G 1 22 ? -4.036  5.462   9.478   1.00 28.62  ?  42  ILE G CG1 1 
ATOM   1236 C CG2 . ILE G 1 22 ? -5.929  7.020   10.177  1.00 32.94  ?  42  ILE G CG2 1 
ATOM   1237 C CD1 . ILE G 1 22 ? -4.840  4.746   8.404   1.00 27.48  ?  42  ILE G CD1 1 
ATOM   1238 N N   . LEU G 1 23 ? -5.543  6.966   13.513  1.00 30.15  ?  43  LEU G N   1 
ATOM   1239 C CA  . LEU G 1 23 ? -6.306  7.788   14.446  1.00 32.30  ?  43  LEU G CA  1 
ATOM   1240 C C   . LEU G 1 23 ? -5.395  8.632   15.322  1.00 35.39  ?  43  LEU G C   1 
ATOM   1241 O O   . LEU G 1 23 ? -5.685  9.809   15.579  1.00 36.73  ?  43  LEU G O   1 
ATOM   1242 C CB  . LEU G 1 23 ? -7.201  6.904   15.300  1.00 30.90  ?  43  LEU G CB  1 
ATOM   1243 C CG  . LEU G 1 23 ? -8.233  6.204   14.432  1.00 25.22  ?  43  LEU G CG  1 
ATOM   1244 C CD1 . LEU G 1 23 ? -8.978  5.155   15.236  1.00 32.83  ?  43  LEU G CD1 1 
ATOM   1245 C CD2 . LEU G 1 23 ? -9.188  7.238   13.853  1.00 33.76  ?  43  LEU G CD2 1 
ATOM   1246 N N   . ASP G 1 24 ? -4.281  8.057   15.781  1.00 32.23  ?  44  ASP G N   1 
ATOM   1247 C CA  . ASP G 1 24 ? -3.365  8.819   16.619  1.00 31.96  ?  44  ASP G CA  1 
ATOM   1248 C C   . ASP G 1 24 ? -2.834  10.044  15.885  1.00 45.41  ?  44  ASP G C   1 
ATOM   1249 O O   . ASP G 1 24 ? -2.592  11.084  16.509  1.00 47.32  ?  44  ASP G O   1 
ATOM   1250 C CB  . ASP G 1 24 ? -2.223  7.923   17.090  1.00 33.40  ?  44  ASP G CB  1 
ATOM   1251 C CG  . ASP G 1 24 ? -1.604  8.394   18.402  1.00 48.29  ?  44  ASP G CG  1 
ATOM   1252 O OD1 . ASP G 1 24 ? -2.313  8.404   19.439  1.00 56.78  ?  44  ASP G OD1 1 
ATOM   1253 O OD2 . ASP G 1 24 ? -0.405  8.744   18.401  1.00 50.96  -1 44  ASP G OD2 1 
ATOM   1254 N N   . ARG G 1 25 ? -2.647  9.944   14.564  1.00 48.38  ?  45  ARG G N   1 
ATOM   1255 C CA  . ARG G 1 25 ? -2.222  11.096  13.779  1.00 47.11  ?  45  ARG G CA  1 
ATOM   1256 C C   . ARG G 1 25 ? -3.360  12.087  13.565  1.00 43.95  ?  45  ARG G C   1 
ATOM   1257 O O   . ARG G 1 25 ? -3.123  13.299  13.562  1.00 51.69  ?  45  ARG G O   1 
ATOM   1258 C CB  . ARG G 1 25 ? -1.658  10.643  12.431  1.00 38.23  ?  45  ARG G CB  1 
ATOM   1259 C CG  . ARG G 1 25 ? -0.410  9.795   12.542  1.00 50.53  ?  45  ARG G CG  1 
ATOM   1260 C CD  . ARG G 1 25 ? 0.750   10.593  13.112  1.00 50.81  ?  45  ARG G CD  1 
ATOM   1261 N NE  . ARG G 1 25 ? 1.945   9.774   13.295  1.00 52.95  ?  45  ARG G NE  1 
ATOM   1262 C CZ  . ARG G 1 25 ? 2.213   9.074   14.396  1.00 58.06  ?  45  ARG G CZ  1 
ATOM   1263 N NH1 . ARG G 1 25 ? 1.366   9.088   15.419  1.00 54.12  1  45  ARG G NH1 1 
ATOM   1264 N NH2 . ARG G 1 25 ? 3.333   8.361   14.475  1.00 57.69  ?  45  ARG G NH2 1 
ATOM   1265 N N   . LEU G 1 26 ? -4.586  11.602  13.390  1.00 48.96  ?  46  LEU G N   1 
ATOM   1266 C CA  . LEU G 1 26 ? -5.748  12.487  13.318  1.00 52.32  ?  46  LEU G CA  1 
ATOM   1267 C C   . LEU G 1 26 ? -6.081  13.039  14.698  1.00 49.54  ?  46  LEU G C   1 
ATOM   1268 O O   . LEU G 1 26 ? -5.278  13.755  15.297  1.00 52.24  ?  46  LEU G O   1 
ATOM   1269 C CB  . LEU G 1 26 ? -6.959  11.756  12.738  1.00 53.88  ?  46  LEU G CB  1 
ATOM   1270 C CG  . LEU G 1 26 ? -6.817  11.321  11.280  1.00 56.96  ?  46  LEU G CG  1 
ATOM   1271 C CD1 . LEU G 1 26 ? -8.104  10.679  10.796  1.00 58.34  ?  46  LEU G CD1 1 
ATOM   1272 C CD2 . LEU G 1 26 ? -6.439  12.504  10.407  1.00 47.94  ?  46  LEU G CD2 1 
ATOM   1273 N N   . ASP H 1 4  ? 6.059   -20.690 6.789   1.00 46.75  ?  24  ASP H N   1 
ATOM   1274 C CA  . ASP H 1 4  ? 7.227   -19.934 6.349   1.00 41.93  ?  24  ASP H CA  1 
ATOM   1275 C C   . ASP H 1 4  ? 7.845   -19.205 7.537   1.00 38.32  ?  24  ASP H C   1 
ATOM   1276 O O   . ASP H 1 4  ? 7.165   -18.410 8.185   1.00 26.86  ?  24  ASP H O   1 
ATOM   1277 C CB  . ASP H 1 4  ? 6.836   -18.944 5.253   1.00 45.08  ?  24  ASP H CB  1 
ATOM   1278 C CG  . ASP H 1 4  ? 8.021   -18.478 4.434   1.00 49.53  ?  24  ASP H CG  1 
ATOM   1279 O OD1 . ASP H 1 4  ? 9.108   -18.281 5.016   1.00 42.29  ?  24  ASP H OD1 1 
ATOM   1280 O OD2 . ASP H 1 4  ? 7.864   -18.310 3.202   1.00 59.57  -1 24  ASP H OD2 1 
ATOM   1281 N N   . PRO H 1 5  ? 9.128   -19.463 7.816   1.00 31.05  ?  25  PRO H N   1 
ATOM   1282 C CA  . PRO H 1 5  ? 9.743   -18.872 9.017   1.00 31.06  ?  25  PRO H CA  1 
ATOM   1283 C C   . PRO H 1 5  ? 9.723   -17.364 9.002   1.00 25.36  ?  25  PRO H C   1 
ATOM   1284 O O   . PRO H 1 5  ? 9.641   -16.737 10.066  1.00 25.55  ?  25  PRO H O   1 
ATOM   1285 C CB  . PRO H 1 5  ? 11.186  -19.407 8.986   1.00 34.46  ?  25  PRO H CB  1 
ATOM   1286 C CG  . PRO H 1 5  ? 11.172  -20.541 8.013   1.00 46.42  ?  25  PRO H CG  1 
ATOM   1287 C CD  . PRO H 1 5  ? 10.101  -20.224 7.016   1.00 46.26  ?  25  PRO H CD  1 
ATOM   1288 N N   . LEU H 1 6  ? 9.814   -16.756 7.823   1.00 23.12  ?  26  LEU H N   1 
ATOM   1289 C CA  . LEU H 1 6  ? 9.710   -15.304 7.740   1.00 28.32  ?  26  LEU H CA  1 
ATOM   1290 C C   . LEU H 1 6  ? 8.329   -14.836 8.169   1.00 22.28  ?  26  LEU H C   1 
ATOM   1291 O O   . LEU H 1 6  ? 8.195   -13.785 8.805   1.00 21.97  ?  26  LEU H O   1 
ATOM   1292 C CB  . LEU H 1 6  ? 9.997   -14.834 6.314   1.00 25.83  ?  26  LEU H CB  1 
ATOM   1293 C CG  . LEU H 1 6  ? 10.988  -13.679 6.152   1.00 42.81  ?  26  LEU H CG  1 
ATOM   1294 C CD1 . LEU H 1 6  ? 12.267  -13.956 6.939   1.00 38.26  ?  26  LEU H CD1 1 
ATOM   1295 C CD2 . LEU H 1 6  ? 11.328  -13.486 4.667   1.00 41.37  ?  26  LEU H CD2 1 
ATOM   1296 N N   . VAL H 1 7  ? 7.291   -15.584 7.802   1.00 16.73  ?  27  VAL H N   1 
ATOM   1297 C CA  . VAL H 1 7  ? 5.926   -15.129 8.088   1.00 22.52  ?  27  VAL H CA  1 
ATOM   1298 C C   . VAL H 1 7  ? 5.573   -15.384 9.546   1.00 20.60  ?  27  VAL H C   1 
ATOM   1299 O O   . VAL H 1 7  ? 4.848   -14.604 10.170  1.00 25.28  ?  27  VAL H O   1 
ATOM   1300 C CB  . VAL H 1 7  ? 4.920   -15.800 7.134   1.00 24.51  ?  27  VAL H CB  1 
ATOM   1301 C CG1 . VAL H 1 7  ? 3.446   -15.396 7.491   1.00 17.71  ?  27  VAL H CG1 1 
ATOM   1302 C CG2 . VAL H 1 7  ? 5.242   -15.440 5.701   1.00 24.07  ?  27  VAL H CG2 1 
ATOM   1303 N N   . VAL H 1 8  ? 6.068   -16.491 10.104  1.00 25.83  ?  28  VAL H N   1 
ATOM   1304 C CA  . VAL H 1 8  ? 5.917   -16.736 11.535  1.00 22.66  ?  28  VAL H CA  1 
ATOM   1305 C C   . VAL H 1 8  ? 6.622   -15.647 12.326  1.00 24.40  ?  28  VAL H C   1 
ATOM   1306 O O   . VAL H 1 8  ? 6.039   -15.034 13.229  1.00 22.96  ?  28  VAL H O   1 
ATOM   1307 C CB  . VAL H 1 8  ? 6.448   -18.134 11.900  1.00 26.15  ?  28  VAL H CB  1 
ATOM   1308 C CG1 . VAL H 1 8  ? 6.288   -18.381 13.398  1.00 31.26  ?  28  VAL H CG1 1 
ATOM   1309 C CG2 . VAL H 1 8  ? 5.691   -19.193 11.104  1.00 28.63  ?  28  VAL H CG2 1 
ATOM   1310 N N   . ALA H 1 9  ? 7.888   -15.385 11.987  1.00 19.55  ?  29  ALA H N   1 
ATOM   1311 C CA  . ALA H 1 9  ? 8.660   -14.359 12.676  1.00 22.00  ?  29  ALA H CA  1 
ATOM   1312 C C   . ALA H 1 9  ? 7.981   -13.000 12.579  1.00 18.10  ?  29  ALA H C   1 
ATOM   1313 O O   . ALA H 1 9  ? 7.867   -12.275 13.572  1.00 20.41  ?  29  ALA H O   1 
ATOM   1314 C CB  . ALA H 1 9  ? 10.080  -14.295 12.092  1.00 25.31  ?  29  ALA H CB  1 
ATOM   1315 N N   . ALA H 1 10 ? 7.565   -12.619 11.369  1.00 17.38  ?  30  ALA H N   1 
ATOM   1316 C CA  . ALA H 1 10 ? 6.895   -11.338 11.186  1.00 17.28  ?  30  ALA H CA  1 
ATOM   1317 C C   . ALA H 1 10 ? 5.574   -11.285 11.948  1.00 17.67  ?  30  ALA H C   1 
ATOM   1318 O O   . ALA H 1 10 ? 5.157   -10.204 12.382  1.00 17.90  ?  30  ALA H O   1 
ATOM   1319 C CB  . ALA H 1 10 ? 6.648   -11.084 9.697   1.00 19.00  ?  30  ALA H CB  1 
ATOM   1320 N N   . SER H 1 11 ? 4.907   -12.431 12.108  1.00 15.61  ?  31  SER H N   1 
ATOM   1321 C CA  . SER H 1 11 ? 3.689   -12.483 12.930  1.00 21.74  ?  31  SER H CA  1 
ATOM   1322 C C   . SER H 1 11 ? 3.999   -12.161 14.386  1.00 23.93  ?  31  SER H C   1 
ATOM   1323 O O   . SER H 1 11 ? 3.329   -11.331 15.013  1.00 18.78  ?  31  SER H O   1 
ATOM   1324 C CB  . SER H 1 11 ? 3.039   -13.864 12.835  1.00 18.12  ?  31  SER H CB  1 
ATOM   1325 O OG  . SER H 1 11 ? 2.525   -14.118 11.538  1.00 20.29  ?  31  SER H OG  1 
ATOM   1326 N N   . ILE H 1 12 ? 5.014   -12.825 14.948  1.00 24.00  ?  32  ILE H N   1 
ATOM   1327 C CA  . ILE H 1 12 ? 5.414   -12.539 16.320  1.00 16.17  ?  32  ILE H CA  1 
ATOM   1328 C C   . ILE H 1 12 ? 5.827   -11.079 16.456  1.00 19.65  ?  32  ILE H C   1 
ATOM   1329 O O   . ILE H 1 12 ? 5.411   -10.388 17.391  1.00 21.06  ?  32  ILE H O   1 
ATOM   1330 C CB  . ILE H 1 12 ? 6.539   -13.500 16.738  1.00 19.98  ?  32  ILE H CB  1 
ATOM   1331 C CG1 . ILE H 1 12 ? 6.011   -14.942 16.754  1.00 23.19  ?  32  ILE H CG1 1 
ATOM   1332 C CG2 . ILE H 1 12 ? 7.146   -13.059 18.066  1.00 25.43  ?  32  ILE H CG2 1 
ATOM   1333 C CD1 . ILE H 1 12 ? 7.095   -15.992 16.762  1.00 28.09  ?  32  ILE H CD1 1 
ATOM   1334 N N   . ILE H 1 13 ? 6.630   -10.582 15.508  1.00 18.80  ?  33  ILE H N   1 
ATOM   1335 C CA  . ILE H 1 13 ? 7.186   -9.228  15.577  1.00 18.96  ?  33  ILE H CA  1 
ATOM   1336 C C   . ILE H 1 13 ? 6.099   -8.158  15.421  1.00 17.10  ?  33  ILE H C   1 
ATOM   1337 O O   . ILE H 1 13 ? 6.219   -7.060  15.973  1.00 21.85  ?  33  ILE H O   1 
ATOM   1338 C CB  . ILE H 1 13 ? 8.295   -9.077  14.507  1.00 15.98  ?  33  ILE H CB  1 
ATOM   1339 C CG1 . ILE H 1 13 ? 9.624   -9.638  15.018  1.00 19.58  ?  33  ILE H CG1 1 
ATOM   1340 C CG2 . ILE H 1 13 ? 8.470   -7.632  14.131  1.00 23.51  ?  33  ILE H CG2 1 
ATOM   1341 C CD1 . ILE H 1 13 ? 10.689  -9.788  13.931  1.00 24.75  ?  33  ILE H CD1 1 
ATOM   1342 N N   . GLY H 1 14 ? 5.052   -8.430  14.645  1.00 25.96  ?  34  GLY H N   1 
ATOM   1343 C CA  . GLY H 1 14 ? 3.956   -7.476  14.548  1.00 19.27  ?  34  GLY H CA  1 
ATOM   1344 C C   . GLY H 1 14 ? 3.125   -7.434  15.817  1.00 20.08  ?  34  GLY H C   1 
ATOM   1345 O O   . GLY H 1 14 ? 2.657   -6.368  16.237  1.00 23.72  ?  34  GLY H O   1 
ATOM   1346 N N   . ILE H 1 15 ? 2.918   -8.592  16.440  1.00 16.54  ?  35  ILE H N   1 
ATOM   1347 C CA  . ILE H 1 15 ? 2.255   -8.603  17.742  1.00 17.69  ?  35  ILE H CA  1 
ATOM   1348 C C   . ILE H 1 15 ? 3.072   -7.799  18.741  1.00 25.79  ?  35  ILE H C   1 
ATOM   1349 O O   . ILE H 1 15 ? 2.539   -6.945  19.456  1.00 21.54  ?  35  ILE H O   1 
ATOM   1350 C CB  . ILE H 1 15 ? 2.031   -10.051 18.215  1.00 21.49  ?  35  ILE H CB  1 
ATOM   1351 C CG1 . ILE H 1 15 ? 0.939   -10.711 17.369  1.00 22.10  ?  35  ILE H CG1 1 
ATOM   1352 C CG2 . ILE H 1 15 ? 1.684   -10.078 19.706  1.00 24.39  ?  35  ILE H CG2 1 
ATOM   1353 C CD1 . ILE H 1 15 ? 0.941   -12.234 17.423  1.00 22.30  ?  35  ILE H CD1 1 
ATOM   1354 N N   . LEU H 1 16 ? 4.401   -8.037  18.778  1.00 16.51  ?  36  LEU H N   1 
ATOM   1355 C CA  . LEU H 1 16 ? 5.280   -7.250  19.633  1.00 15.68  ?  36  LEU H CA  1 
ATOM   1356 C C   . LEU H 1 16 ? 5.180   -5.762  19.314  1.00 15.28  ?  36  LEU H C   1 
ATOM   1357 O O   . LEU H 1 16 ? 5.121   -4.921  20.218  1.00 18.22  ?  36  LEU H O   1 
ATOM   1358 C CB  . LEU H 1 16 ? 6.734   -7.726  19.458  1.00 16.14  ?  36  LEU H CB  1 
ATOM   1359 C CG  . LEU H 1 16 ? 7.745   -6.856  20.201  1.00 18.21  ?  36  LEU H CG  1 
ATOM   1360 C CD1 . LEU H 1 16 ? 7.538   -7.012  21.708  1.00 20.62  ?  36  LEU H CD1 1 
ATOM   1361 C CD2 . LEU H 1 16 ? 9.196   -7.190  19.805  1.00 20.61  ?  36  LEU H CD2 1 
ATOM   1362 N N   . HIS H 1 17 ? 5.175   -5.416  18.031  1.00 16.79  ?  37  HIS H N   1 
ATOM   1363 C CA  . HIS H 1 17 ? 5.134   -4.009  17.650  1.00 21.65  ?  37  HIS H CA  1 
ATOM   1364 C C   . HIS H 1 17 ? 3.830   -3.349  18.093  1.00 17.90  ?  37  HIS H C   1 
ATOM   1365 O O   . HIS H 1 17 ? 3.828   -2.202  18.548  1.00 15.80  ?  37  HIS H O   1 
ATOM   1366 C CB  . HIS H 1 17 ? 5.334   -3.884  16.138  1.00 17.57  ?  37  HIS H CB  1 
ATOM   1367 C CG  . HIS H 1 17 ? 5.552   -2.479  15.672  1.00 18.13  ?  37  HIS H CG  1 
ATOM   1368 N ND1 . HIS H 1 17 ? 5.642   -2.145  14.339  1.00 23.13  ?  37  HIS H ND1 1 
ATOM   1369 C CD2 . HIS H 1 17 ? 5.708   -1.323  16.363  1.00 18.94  ?  37  HIS H CD2 1 
ATOM   1370 C CE1 . HIS H 1 17 ? 5.836   -0.841  14.226  1.00 20.87  ?  37  HIS H CE1 1 
ATOM   1371 N NE2 . HIS H 1 17 ? 5.876   -0.319  15.439  1.00 21.13  ?  37  HIS H NE2 1 
ATOM   1372 N N   . LEU H 1 18 ? 2.709   -4.050  17.975  1.00 17.33  ?  38  LEU H N   1 
ATOM   1373 C CA  . LEU H 1 18 ? 1.466   -3.450  18.459  1.00 18.59  ?  38  LEU H CA  1 
ATOM   1374 C C   . LEU H 1 18 ? 1.498   -3.270  19.975  1.00 21.24  ?  38  LEU H C   1 
ATOM   1375 O O   . LEU H 1 18 ? 1.103   -2.217  20.502  1.00 19.70  ?  38  LEU H O   1 
ATOM   1376 C CB  . LEU H 1 18 ? 0.263   -4.300  18.056  1.00 20.59  ?  38  LEU H CB  1 
ATOM   1377 C CG  . LEU H 1 18 ? -0.981  -3.814  18.824  1.00 32.40  ?  38  LEU H CG  1 
ATOM   1378 C CD1 . LEU H 1 18 ? -1.550  -2.546  18.187  1.00 26.56  ?  38  LEU H CD1 1 
ATOM   1379 C CD2 . LEU H 1 18 ? -2.024  -4.906  18.961  1.00 22.56  ?  38  LEU H CD2 1 
ATOM   1380 N N   . ILE H 1 19 ? 1.980   -4.280  20.700  1.00 21.90  ?  39  ILE H N   1 
ATOM   1381 C CA  . ILE H 1 19 ? 2.068   -4.148  22.154  1.00 21.46  ?  39  ILE H CA  1 
ATOM   1382 C C   . ILE H 1 19 ? 2.912   -2.936  22.527  1.00 21.97  ?  39  ILE H C   1 
ATOM   1383 O O   . ILE H 1 19 ? 2.557   -2.168  23.429  1.00 18.02  ?  39  ILE H O   1 
ATOM   1384 C CB  . ILE H 1 19 ? 2.630   -5.440  22.773  1.00 17.29  ?  39  ILE H CB  1 
ATOM   1385 C CG1 . ILE H 1 19 ? 1.649   -6.594  22.596  1.00 24.04  ?  39  ILE H CG1 1 
ATOM   1386 C CG2 . ILE H 1 19 ? 2.999   -5.217  24.234  1.00 21.73  ?  39  ILE H CG2 1 
ATOM   1387 C CD1 . ILE H 1 19 ? 2.222   -7.938  23.023  1.00 30.70  ?  39  ILE H CD1 1 
ATOM   1388 N N   . LEU H 1 20 ? 4.039   -2.733  21.821  1.00 19.67  ?  40  LEU H N   1 
ATOM   1389 C CA  . LEU H 1 20 ? 4.937   -1.626  22.141  1.00 17.76  ?  40  LEU H CA  1 
ATOM   1390 C C   . LEU H 1 20 ? 4.307   -0.286  21.804  1.00 14.53  ?  40  LEU H C   1 
ATOM   1391 O O   . LEU H 1 20 ? 4.515   0.706   22.513  1.00 22.53  ?  40  LEU H O   1 
ATOM   1392 C CB  . LEU H 1 20 ? 6.260   -1.769  21.375  1.00 18.42  ?  40  LEU H CB  1 
ATOM   1393 C CG  . LEU H 1 20 ? 7.149   -2.967  21.678  1.00 22.66  ?  40  LEU H CG  1 
ATOM   1394 C CD1 . LEU H 1 20 ? 8.356   -2.948  20.726  1.00 19.71  ?  40  LEU H CD1 1 
ATOM   1395 C CD2 . LEU H 1 20 ? 7.582   -2.949  23.145  1.00 14.40  ?  40  LEU H CD2 1 
ATOM   1396 N N   . TRP H 1 21 ? 3.594   -0.222  20.687  1.00 19.57  ?  41  TRP H N   1 
ATOM   1397 C CA  . TRP H 1 21 ? 2.851   0.989   20.357  1.00 23.28  ?  41  TRP H CA  1 
ATOM   1398 C C   . TRP H 1 21 ? 1.860   1.340   21.464  1.00 22.99  ?  41  TRP H C   1 
ATOM   1399 O O   . TRP H 1 21 ? 1.785   2.493   21.907  1.00 22.97  ?  41  TRP H O   1 
ATOM   1400 C CB  . TRP H 1 21 ? 2.141   0.800   19.017  1.00 23.91  ?  41  TRP H CB  1 
ATOM   1401 C CG  . TRP H 1 21 ? 1.585   2.072   18.503  1.00 34.29  ?  41  TRP H CG  1 
ATOM   1402 C CD1 . TRP H 1 21 ? 2.216   2.972   17.689  1.00 26.52  ?  41  TRP H CD1 1 
ATOM   1403 C CD2 . TRP H 1 21 ? 0.289   2.616   18.781  1.00 26.70  ?  41  TRP H CD2 1 
ATOM   1404 N NE1 . TRP H 1 21 ? 1.386   4.040   17.439  1.00 32.01  ?  41  TRP H NE1 1 
ATOM   1405 C CE2 . TRP H 1 21 ? 0.198   3.844   18.093  1.00 28.17  ?  41  TRP H CE2 1 
ATOM   1406 C CE3 . TRP H 1 21 ? -0.802  2.185   19.541  1.00 32.16  ?  41  TRP H CE3 1 
ATOM   1407 C CZ2 . TRP H 1 21 ? -0.929  4.642   18.151  1.00 29.95  ?  41  TRP H CZ2 1 
ATOM   1408 C CZ3 . TRP H 1 21 ? -1.921  2.981   19.595  1.00 29.57  ?  41  TRP H CZ3 1 
ATOM   1409 C CH2 . TRP H 1 21 ? -1.978  4.198   18.902  1.00 34.00  ?  41  TRP H CH2 1 
ATOM   1410 N N   . ILE H 1 22 ? 1.115   0.345   21.950  1.00 18.20  ?  42  ILE H N   1 
ATOM   1411 C CA  . ILE H 1 22 ? 0.088   0.604   22.961  1.00 21.39  ?  42  ILE H CA  1 
ATOM   1412 C C   . ILE H 1 22 ? 0.718   1.093   24.260  1.00 23.92  ?  42  ILE H C   1 
ATOM   1413 O O   . ILE H 1 22 ? 0.209   2.024   24.897  1.00 23.53  ?  42  ILE H O   1 
ATOM   1414 C CB  . ILE H 1 22 ? -0.781  -0.651  23.184  1.00 21.47  ?  42  ILE H CB  1 
ATOM   1415 C CG1 . ILE H 1 22 ? -1.752  -0.859  22.007  1.00 16.76  ?  42  ILE H CG1 1 
ATOM   1416 C CG2 . ILE H 1 22 ? -1.556  -0.539  24.507  1.00 25.59  ?  42  ILE H CG2 1 
ATOM   1417 C CD1 . ILE H 1 22 ? -2.317  -2.288  21.894  1.00 16.86  ?  42  ILE H CD1 1 
ATOM   1418 N N   . LEU H 1 23 ? 1.840   0.486   24.677  1.00 27.40  ?  43  LEU H N   1 
ATOM   1419 C CA  . LEU H 1 23 ? 2.471   0.913   25.925  1.00 22.27  ?  43  LEU H CA  1 
ATOM   1420 C C   . LEU H 1 23 ? 2.956   2.354   25.834  1.00 23.69  ?  43  LEU H C   1 
ATOM   1421 O O   . LEU H 1 23 ? 2.762   3.143   26.762  1.00 25.70  ?  43  LEU H O   1 
ATOM   1422 C CB  . LEU H 1 23 ? 3.618   -0.028  26.288  1.00 20.77  ?  43  LEU H CB  1 
ATOM   1423 C CG  . LEU H 1 23 ? 3.208   -1.486  26.459  1.00 25.70  ?  43  LEU H CG  1 
ATOM   1424 C CD1 . LEU H 1 23 ? 4.437   -2.374  26.600  1.00 15.94  ?  43  LEU H CD1 1 
ATOM   1425 C CD2 . LEU H 1 23 ? 2.287   -1.629  27.676  1.00 24.86  ?  43  LEU H CD2 1 
ATOM   1426 N N   . ASP H 1 24 ? 3.587   2.727   24.723  1.00 24.70  ?  44  ASP H N   1 
ATOM   1427 C CA  . ASP H 1 24 ? 4.035   4.110   24.584  1.00 29.60  ?  44  ASP H CA  1 
ATOM   1428 C C   . ASP H 1 24 ? 2.849   5.066   24.567  1.00 30.01  ?  44  ASP H C   1 
ATOM   1429 O O   . ASP H 1 24 ? 2.946   6.204   25.043  1.00 32.26  ?  44  ASP H O   1 
ATOM   1430 C CB  . ASP H 1 24 ? 4.875   4.281   23.313  1.00 32.00  ?  44  ASP H CB  1 
ATOM   1431 C CG  . ASP H 1 24 ? 6.369   4.314   23.597  1.00 44.62  ?  44  ASP H CG  1 
ATOM   1432 O OD1 . ASP H 1 24 ? 6.775   3.926   24.718  1.00 46.05  ?  44  ASP H OD1 1 
ATOM   1433 O OD2 . ASP H 1 24 ? 7.137   4.732   22.701  1.00 46.66  -1 44  ASP H OD2 1 
ATOM   1434 N N   . ARG H 1 25 ? 1.722   4.620   24.019  1.00 26.29  ?  45  ARG H N   1 
ATOM   1435 C CA  . ARG H 1 25 ? 0.541   5.472   23.942  1.00 27.82  ?  45  ARG H CA  1 
ATOM   1436 C C   . ARG H 1 25 ? -0.126  5.648   25.308  1.00 32.30  ?  45  ARG H C   1 
ATOM   1437 O O   . ARG H 1 25 ? -0.721  6.700   25.578  1.00 34.91  ?  45  ARG H O   1 
ATOM   1438 C CB  . ARG H 1 25 ? -0.437  4.883   22.918  1.00 29.31  ?  45  ARG H CB  1 
ATOM   1439 C CG  . ARG H 1 25 ? -1.778  5.572   22.844  1.00 34.75  ?  45  ARG H CG  1 
ATOM   1440 C CD  . ARG H 1 25 ? -1.623  7.061   22.628  1.00 38.56  ?  45  ARG H CD  1 
ATOM   1441 N NE  . ARG H 1 25 ? -2.630  7.781   23.401  1.00 54.30  ?  45  ARG H NE  1 
ATOM   1442 C CZ  . ARG H 1 25 ? -3.793  8.203   22.913  1.00 48.87  ?  45  ARG H CZ  1 
ATOM   1443 N NH1 . ARG H 1 25 ? -4.103  7.997   21.637  1.00 49.98  1  45  ARG H NH1 1 
ATOM   1444 N NH2 . ARG H 1 25 ? -4.644  8.838   23.703  1.00 51.61  ?  45  ARG H NH2 1 
ATOM   1445 N N   . LEU H 1 26 ? -0.047  4.648   26.176  1.00 28.14  ?  46  LEU H N   1 
ATOM   1446 C CA  . LEU H 1 26 ? -0.644  4.759   27.509  1.00 34.58  ?  46  LEU H CA  1 
ATOM   1447 C C   . LEU H 1 26 ? 0.318   5.453   28.471  1.00 39.20  ?  46  LEU H C   1 
ATOM   1448 O O   . LEU H 1 26 ? -0.092  5.990   29.505  1.00 38.78  ?  46  LEU H O   1 
ATOM   1449 C CB  . LEU H 1 26 ? -1.026  3.379   28.053  1.00 27.20  ?  46  LEU H CB  1 
ATOM   1450 C CG  . LEU H 1 26 ? -1.946  2.508   27.198  1.00 30.25  ?  46  LEU H CG  1 
ATOM   1451 C CD1 . LEU H 1 26 ? -1.846  1.063   27.678  1.00 29.00  ?  46  LEU H CD1 1 
ATOM   1452 C CD2 . LEU H 1 26 ? -3.417  2.983   27.238  1.00 29.23  ?  46  LEU H CD2 1 
HETATM 1453 C CA  B EU7 I 2 .  ? -0.488  7.299   -9.429  0.50 29.45  ?  101 EU7 C CA  1 
HETATM 1454 C CB  B EU7 I 2 .  ? -1.940  7.774   -9.512  0.50 29.57  ?  101 EU7 C CB  1 
HETATM 1455 N NC  B EU7 I 2 .  ? -2.563  7.237   -10.728 0.50 27.73  ?  101 EU7 C NC  1 
HETATM 1456 C CD  B EU7 I 2 .  ? -1.973  9.304   -9.553  0.50 27.76  ?  101 EU7 C CD  1 
HETATM 1457 C CE1 B EU7 I 2 .  ? -1.325  9.863   -8.284  0.50 28.28  ?  101 EU7 C CE1 1 
HETATM 1458 C CE2 B EU7 I 2 .  ? -1.205  9.798   -10.778 0.50 27.80  ?  101 EU7 C CE2 1 
HETATM 1459 C CE3 B EU7 I 2 .  ? -3.426  9.779   -9.636  0.50 28.98  ?  101 EU7 C CE3 1 
HETATM 1460 C CF1 B EU7 I 2 .  ? -1.359  11.392  -8.326  0.50 26.37  ?  101 EU7 C CF1 1 
HETATM 1461 C CF2 B EU7 I 2 .  ? -1.238  11.327  -10.820 0.50 26.41  ?  101 EU7 C CF2 1 
HETATM 1462 C CF3 B EU7 I 2 .  ? -3.458  11.310  -9.676  0.50 27.27  ?  101 EU7 C CF3 1 
HETATM 1463 C CG1 B EU7 I 2 .  ? -0.589  11.886  -9.552  0.50 24.92  ?  101 EU7 C CG1 1 
HETATM 1464 C CG2 B EU7 I 2 .  ? -2.690  11.803  -10.902 0.50 26.48  ?  101 EU7 C CG2 1 
HETATM 1465 C CG3 B EU7 I 2 .  ? -2.811  11.867  -8.408  0.50 27.07  ?  101 EU7 C CG3 1 
HETATM 1466 C CA  A RIM J 3 .  ? -3.419  7.388   -8.431  0.50 25.43  ?  101 RIM D CA  1 
HETATM 1467 C CB  A RIM J 3 .  ? -2.306  7.791   -9.398  0.50 29.46  ?  101 RIM D CB  1 
HETATM 1468 N NC  A RIM J 3 .  ? -2.594  7.254   -10.719 0.50 27.56  ?  101 RIM D NC  1 
HETATM 1469 C CD  A RIM J 3 .  ? -2.219  9.313   -9.475  0.50 27.97  ?  101 RIM D CD  1 
HETATM 1470 C CE1 A RIM J 3 .  ? -1.594  9.852   -8.190  0.50 27.69  ?  101 RIM D CE1 1 
HETATM 1471 C CE2 A RIM J 3 .  ? -1.358  9.714   -10.668 0.50 27.75  ?  101 RIM D CE2 1 
HETATM 1472 C CE3 A RIM J 3 .  ? -3.624  9.895   -9.639  0.50 29.11  ?  101 RIM D CE3 1 
HETATM 1473 C CF1 A RIM J 3 .  ? -1.508  11.375  -8.265  0.50 26.27  ?  101 RIM D CF1 1 
HETATM 1474 C CF2 A RIM J 3 .  ? -1.271  11.240  -10.744 0.50 26.56  ?  101 RIM D CF2 1 
HETATM 1475 C CF3 A RIM J 3 .  ? -3.537  11.417  -9.716  0.50 27.17  ?  101 RIM D CF3 1 
HETATM 1476 C CG1 A RIM J 3 .  ? -0.644  11.778  -9.458  0.50 24.86  ?  101 RIM D CG1 1 
HETATM 1477 C CG2 A RIM J 3 .  ? -2.673  11.820  -10.909 0.50 26.72  ?  101 RIM D CG2 1 
HETATM 1478 C CG3 A RIM J 3 .  ? -2.911  11.955  -8.430  0.50 27.15  ?  101 RIM D CG3 1 
HETATM 1479 C CA  A RIM K 3 .  ? 3.835   -7.459  10.204  0.50 27.12  ?  101 RIM F CA  1 
HETATM 1480 C CB  A RIM K 3 .  ? 2.323   -7.603  10.046  0.50 25.53  ?  101 RIM F CB  1 
HETATM 1481 N NC  A RIM K 3 .  ? 1.801   -6.463  9.311   0.50 27.73  ?  101 RIM F NC  1 
HETATM 1482 C CD  A RIM K 3 .  ? 2.010   -8.887  9.279   0.50 27.42  ?  101 RIM F CD  1 
HETATM 1483 C CE1 A RIM K 3 .  ? 2.248   -10.091 10.188  0.50 27.34  ?  101 RIM F CE1 1 
HETATM 1484 C CE2 A RIM K 3 .  ? 0.553   -8.868  8.827   0.50 26.98  ?  101 RIM F CE2 1 
HETATM 1485 C CE3 A RIM K 3 .  ? 2.923   -8.986  8.057   0.50 29.93  ?  101 RIM F CE3 1 
HETATM 1486 C CF1 A RIM K 3 .  ? 1.935   -11.377 9.422   0.50 25.73  ?  101 RIM F CF1 1 
HETATM 1487 C CF2 A RIM K 3 .  ? 0.241   -10.155 8.061   0.50 24.80  ?  101 RIM F CF2 1 
HETATM 1488 C CF3 A RIM K 3 .  ? 2.611   -10.269 7.291   0.50 25.80  ?  101 RIM F CF3 1 
HETATM 1489 C CG1 A RIM K 3 .  ? 0.476   -11.359 8.970   0.50 21.25  ?  101 RIM F CG1 1 
HETATM 1490 C CG2 A RIM K 3 .  ? 1.151   -10.253 6.839   0.50 28.02  ?  101 RIM F CG2 1 
HETATM 1491 C CG3 A RIM K 3 .  ? 2.848   -11.473 8.200   0.50 25.76  ?  101 RIM F CG3 1 
HETATM 1492 C CA  B EU7 L 2 .  ? 0.957   -7.587  11.342  0.50 26.18  ?  101 EU7 G CA  1 
HETATM 1493 C CB  B EU7 L 2 .  ? 1.971   -7.622  10.197  0.50 26.41  ?  101 EU7 G CB  1 
HETATM 1494 N NC  B EU7 L 2 .  ? 1.773   -6.451  9.331   0.50 27.72  ?  101 EU7 G NC  1 
HETATM 1495 C CD  B EU7 L 2 .  ? 1.773   -8.900  9.378   0.50 27.45  ?  101 EU7 G CD  1 
HETATM 1496 C CE1 B EU7 L 2 .  ? 1.978   -10.118 10.280  0.50 28.19  ?  101 EU7 G CE1 1 
HETATM 1497 C CE2 B EU7 L 2 .  ? 0.354   -8.924  8.807   0.50 27.28  ?  101 EU7 G CE2 1 
HETATM 1498 C CE3 B EU7 L 2 .  ? 2.787   -8.934  8.233   0.50 29.91  ?  101 EU7 G CE3 1 
HETATM 1499 C CF1 B EU7 L 2 .  ? 1.780   -11.397 9.462   0.50 25.71  ?  101 EU7 G CF1 1 
HETATM 1500 C CF2 B EU7 L 2 .  ? 0.157   -10.201 7.989   0.50 24.83  ?  101 EU7 G CF2 1 
HETATM 1501 C CF3 B EU7 L 2 .  ? 2.587   -10.213 7.416   0.50 25.97  ?  101 EU7 G CF3 1 
HETATM 1502 C CG1 B EU7 L 2 .  ? 0.362   -11.422 8.890   0.50 21.37  ?  101 EU7 G CG1 1 
HETATM 1503 C CG2 B EU7 L 2 .  ? 1.171   -10.236 6.844   0.50 28.05  ?  101 EU7 G CG2 1 
HETATM 1504 C CG3 B EU7 L 2 .  ? 2.795   -11.432 8.318   0.50 25.77  ?  101 EU7 G CG3 1 
HETATM 1505 O O   . HOH M 4 .  ? -4.085  3.242   -8.167  1.00 21.29  ?  101 HOH A O   1 
HETATM 1506 O O   . HOH M 4 .  ? -6.372  -12.066 -11.232 1.00 52.10  ?  102 HOH A O   1 
HETATM 1507 O O   . HOH M 4 .  ? -3.220  -6.031  -12.826 1.00 24.35  ?  103 HOH A O   1 
HETATM 1508 O O   . HOH N 4 .  ? -5.890  4.177   -12.590 1.00 23.45  ?  101 HOH B O   1 
HETATM 1509 O O   . HOH N 4 .  ? -8.090  -10.805 -16.680 1.00 50.28  ?  102 HOH B O   1 
HETATM 1510 O O   . HOH N 4 .  ? -8.976  -10.233 -22.067 1.00 39.84  ?  103 HOH B O   1 
HETATM 1511 O O   A HOH O 4 .  ? 0.933   5.899   -9.523  0.50 30.09  ?  201 HOH C O   1 
HETATM 1512 O O   B HOH O 4 .  ? -3.625  5.981   -7.674  0.50 23.05  ?  201 HOH C O   1 
HETATM 1513 O O   . HOH O 4 .  ? -1.368  4.428   -14.158 1.00 23.15  ?  202 HOH C O   1 
HETATM 1514 O O   . HOH O 4 .  ? 2.649   20.613  -0.982  1.00 57.36  ?  203 HOH C O   1 
HETATM 1515 O O   . HOH O 4 .  ? -1.069  7.295   -13.230 1.00 24.65  ?  204 HOH C O   1 
HETATM 1516 O O   . HOH O 4 .  ? -1.258  -7.947  -15.021 1.00 49.77  ?  205 HOH C O   1 
HETATM 1517 O O   . HOH O 4 .  ? -2.916  -3.279  -12.269 1.00 39.56  ?  206 HOH C O   1 
HETATM 1518 O O   . HOH O 4 .  ? -3.039  4.050   -12.176 1.00 49.86  ?  207 HOH C O   1 
HETATM 1519 O O   . HOH O 4 .  ? -2.160  3.844   -9.769  1.00 43.29  ?  208 HOH C O   1 
HETATM 1520 O O   . HOH P 4 .  ? 0.180   3.229   -9.745  1.00 23.47  ?  201 HOH D O   1 
HETATM 1521 O O   . HOH P 4 .  ? 0.956   -8.219  -11.242 1.00 34.71  ?  202 HOH D O   1 
HETATM 1522 O O   . HOH P 4 .  ? -5.326  7.185   -11.824 1.00 22.88  ?  203 HOH D O   1 
HETATM 1523 O O   . HOH Q 4 .  ? 5.917   -4.728  12.435  1.00 22.55  ?  101 HOH E O   1 
HETATM 1524 O O   . HOH Q 4 .  ? 4.413   5.048   19.288  1.00 38.15  ?  102 HOH E O   1 
HETATM 1525 O O   . HOH R 4 .  ? 3.768   -5.686  7.633   1.00 24.05  ?  201 HOH F O   1 
HETATM 1526 O O   . HOH R 4 .  ? 4.327   -3.104  8.383   1.00 22.94  ?  202 HOH F O   1 
HETATM 1527 O O   . HOH R 4 .  ? 7.760   8.606   13.173  1.00 53.50  ?  203 HOH F O   1 
HETATM 1528 O O   . HOH R 4 .  ? 4.327   5.051   15.637  1.00 40.18  ?  204 HOH F O   1 
HETATM 1529 O O   . HOH S 4 .  ? -0.503  -5.731  8.918   1.00 25.77  ?  201 HOH G O   1 
HETATM 1530 O O   . HOH S 4 .  ? -0.139  -2.818  10.020  1.00 22.03  ?  202 HOH G O   1 
HETATM 1531 O O   A HOH S 4 .  ? 0.989   -7.673  13.187  0.50 25.06  ?  203 HOH G O   1 
HETATM 1532 O O   B HOH S 4 .  ? 5.563   -7.222  11.828  0.50 18.85  ?  203 HOH G O   1 
HETATM 1533 O O   . HOH S 4 .  ? 2.432   -3.210  9.803   1.00 45.66  ?  204 HOH G O   1 
HETATM 1534 O O   . HOH S 4 .  ? 3.031   -4.598  11.859  1.00 45.09  ?  205 HOH G O   1 
HETATM 1535 O O   . HOH T 4 .  ? 2.488   4.895   20.507  1.00 36.87  ?  101 HOH H O   1 
HETATM 1536 O O   . HOH T 4 .  ? 4.098   1.888   14.756  1.00 43.28  ?  102 HOH H O   1 
HETATM 1537 O O   . HOH T 4 .  ? 1.480   -4.842  14.019  1.00 26.33  ?  103 HOH H O   1 
HETATM 1538 O O   . HOH T 4 .  ? 2.747   -20.468 6.883   1.00 46.99  ?  104 HOH H O   1 
# 
